data_5U2V
#
_entry.id   5U2V
#
_cell.length_a   216.232
_cell.length_b   69.730
_cell.length_c   142.400
_cell.angle_alpha   90.000
_cell.angle_beta   104.360
_cell.angle_gamma   90.000
#
_symmetry.space_group_name_H-M   'C 1 2 1'
#
loop_
_entity.id
_entity.type
_entity.pdbx_description
1 polymer 'Major histocompatibility complex class I-related gene protein'
2 polymer Beta-2-microglobulin
3 polymer 'MAIT T-cell receptor alpha chain'
4 polymer 'MAIT T-cell receptor beta chain'
5 non-polymer PROLINE
6 non-polymer 2-hydroxy-5-methoxybenzaldehyde
7 non-polymer GLYCEROL
8 water water
#
loop_
_entity_poly.entity_id
_entity_poly.type
_entity_poly.pdbx_seq_one_letter_code
_entity_poly.pdbx_strand_id
1 'polypeptide(L)'
;MRTHSLRYFRLGVSDPIHGVPEFISVGYVDSHPITTYDSVTRQKEPRAPWMAENLAPDHWERYTQLLRGWQQMFKVELKR
LQRHYNHSGSHTYQRMIGCELLEDGSTTGFLQYAYDGQDFLIFNKDTLSWLAVDNVAHTIKQAWEANQHELLYQKNWLEE
ECIAWLKRFLEYGKDTLQRTEPPLVRVNRKETFPGVTALFCKAHGFYPPEIYMTWMKNGEEIVQEIDYGDILPSGDGTYQ
AWASIELDPQSSNLYSCHVEHSGVHMVLQVP
;
A,C
2 'polypeptide(L)'
;IQRTPKIQVYSRHPAENGKSNFLNCYVSGFHPSDIEVDLLKNGERIEKVEHSDLSFSKDWSFYLLYYTEFTPTEKDEYAC
RVNHVTLSQPKIVKWDRDM
;
B,D
3 'polypeptide(L)'
;GQNIDQPTEMTATEGAIVQINCTYQTSGFNGLFWYQQHAGEAPTFLSYNVLDGLEEKGRFSSFLSRSKGYSYLLLKELQM
KDSASYLCAVKDSNYQLIWGAGTKLIIKPDIQNPDPAVYQLRDSKSSDKSVCLFTDFDSQTNVSQSKDSDVYITDKCVLD
MRSMDFKSNSAVAWSNKSDFACANAFNNSIIPEDTFFPSPESS
;
G,E
4 'polypeptide(L)'
;NAGVTQTPKFQVLKTGQSMTLQCAQDMNHNSMYWYRQDPGMGLRLIYYSASEGTTDKGEVPNGYNVSRLNKREFSLRLES
AAPSQTSVYFCASSVWTGEGSGELFFGEGSRLTVLEDLKNVFPPEVAVFEPSEAEISHTQKATLVCLATGFYPDHVELSW
WVNGKEVHSGVCTDPQPLKEQPALNDSRYALSSRLRVSATFWQNPRNHFRCQVQFYGLSENDEWTQDRAKPVTQIVSAEA
WGRAD
;
H,F
#
# COMPACT_ATOMS: atom_id res chain seq x y z
N MET A 1 -18.33 17.47 -4.03
CA MET A 1 -17.95 18.69 -4.74
C MET A 1 -17.80 18.40 -6.23
N ARG A 2 -18.09 19.39 -7.08
CA ARG A 2 -17.96 19.21 -8.52
C ARG A 2 -16.47 19.22 -8.90
N THR A 3 -16.20 18.85 -10.14
CA THR A 3 -14.85 18.87 -10.68
C THR A 3 -14.36 20.29 -10.93
N HIS A 4 -13.13 20.60 -10.49
CA HIS A 4 -12.56 21.90 -10.83
C HIS A 4 -11.18 21.74 -11.47
N SER A 5 -10.72 22.76 -12.17
CA SER A 5 -9.45 22.68 -12.86
C SER A 5 -8.67 24.00 -12.77
N LEU A 6 -7.36 23.89 -12.86
CA LEU A 6 -6.47 25.04 -12.96
C LEU A 6 -5.65 24.91 -14.23
N ARG A 7 -5.69 25.93 -15.09
CA ARG A 7 -4.97 25.89 -16.38
C ARG A 7 -4.15 27.18 -16.56
N TYR A 8 -2.88 27.06 -16.94
CA TYR A 8 -2.13 28.25 -17.40
C TYR A 8 -1.70 28.07 -18.84
N PHE A 9 -1.99 29.08 -19.63
CA PHE A 9 -1.62 29.12 -21.03
C PHE A 9 -0.51 30.11 -21.27
N ARG A 10 0.29 29.83 -22.28
CA ARG A 10 1.26 30.82 -22.74
C ARG A 10 1.12 30.88 -24.24
N LEU A 11 1.19 32.10 -24.79
CA LEU A 11 1.15 32.29 -26.23
C LEU A 11 2.31 33.19 -26.69
N GLY A 12 3.18 32.64 -27.53
CA GLY A 12 4.31 33.36 -28.05
C GLY A 12 4.08 33.57 -29.53
N VAL A 13 4.22 34.80 -30.02
CA VAL A 13 4.03 35.09 -31.44
C VAL A 13 5.33 35.69 -32.02
N SER A 14 5.83 35.05 -33.06
CA SER A 14 6.99 35.49 -33.82
C SER A 14 6.69 36.76 -34.62
N ASP A 15 7.61 37.72 -34.61
CA ASP A 15 7.51 38.93 -35.47
C ASP A 15 6.05 39.38 -35.58
N PRO A 16 5.44 39.75 -34.45
CA PRO A 16 4.00 40.03 -34.46
C PRO A 16 3.61 41.23 -35.31
N ILE A 17 2.55 41.08 -36.11
CA ILE A 17 1.94 42.20 -36.81
C ILE A 17 1.62 43.30 -35.79
N HIS A 18 1.53 44.53 -36.26
CA HIS A 18 1.13 45.67 -35.45
C HIS A 18 -0.07 45.33 -34.56
N GLY A 19 0.05 45.62 -33.27
CA GLY A 19 -0.98 45.30 -32.30
C GLY A 19 -0.69 44.11 -31.39
N VAL A 20 -0.66 42.90 -31.94
CA VAL A 20 -0.59 41.66 -31.15
C VAL A 20 0.70 41.51 -30.33
N PRO A 21 0.57 41.29 -29.00
CA PRO A 21 1.75 41.15 -28.15
C PRO A 21 2.62 40.00 -28.60
N GLU A 22 3.90 40.08 -28.29
CA GLU A 22 4.82 39.03 -28.58
C GLU A 22 4.60 37.82 -27.64
N PHE A 23 4.09 38.10 -26.43
CA PHE A 23 3.93 37.08 -25.41
C PHE A 23 2.72 37.41 -24.54
N ILE A 24 1.90 36.40 -24.28
CA ILE A 24 0.72 36.55 -23.43
C ILE A 24 0.62 35.32 -22.56
N SER A 25 0.31 35.50 -21.28
CA SER A 25 0.09 34.37 -20.39
C SER A 25 -1.11 34.60 -19.51
N VAL A 26 -2.03 33.65 -19.51
CA VAL A 26 -3.29 33.80 -18.80
C VAL A 26 -3.60 32.53 -18.03
N GLY A 27 -4.02 32.70 -16.78
CA GLY A 27 -4.48 31.58 -15.97
C GLY A 27 -6.00 31.54 -15.85
N TYR A 28 -6.51 30.33 -15.65
CA TYR A 28 -7.95 30.08 -15.50
C TYR A 28 -8.15 29.17 -14.31
N VAL A 29 -9.24 29.39 -13.57
CA VAL A 29 -9.81 28.35 -12.73
C VAL A 29 -11.15 28.07 -13.36
N ASP A 30 -11.37 26.80 -13.71
CA ASP A 30 -12.52 26.44 -14.52
C ASP A 30 -12.62 27.37 -15.75
N SER A 31 -13.76 28.02 -15.94
CA SER A 31 -13.88 28.89 -17.12
C SER A 31 -13.59 30.36 -16.81
N HIS A 32 -13.12 30.65 -15.60
CA HIS A 32 -12.86 32.01 -15.17
C HIS A 32 -11.39 32.39 -15.26
N PRO A 33 -11.12 33.52 -15.95
CA PRO A 33 -9.77 34.08 -15.98
C PRO A 33 -9.37 34.56 -14.59
N ILE A 34 -8.14 34.32 -14.18
CA ILE A 34 -7.73 34.71 -12.85
C ILE A 34 -6.47 35.55 -12.83
N THR A 35 -5.59 35.36 -13.81
CA THR A 35 -4.35 36.12 -13.87
C THR A 35 -4.02 36.44 -15.31
N THR A 36 -3.30 37.54 -15.49
CA THR A 36 -2.79 37.84 -16.81
C THR A 36 -1.42 38.52 -16.78
N TYR A 37 -0.74 38.40 -17.92
CA TYR A 37 0.55 39.00 -18.14
C TYR A 37 0.76 39.05 -19.63
N ASP A 38 1.32 40.15 -20.12
CA ASP A 38 1.79 40.18 -21.49
C ASP A 38 3.02 41.09 -21.66
N SER A 39 3.63 41.00 -22.82
CA SER A 39 4.90 41.64 -23.12
C SER A 39 4.77 43.14 -23.33
N VAL A 40 3.55 43.65 -23.40
CA VAL A 40 3.27 45.09 -23.50
C VAL A 40 3.20 45.75 -22.12
N THR A 41 2.36 45.23 -21.23
CA THR A 41 2.33 45.74 -19.86
C THR A 41 3.56 45.31 -19.06
N ARG A 42 4.10 44.15 -19.38
CA ARG A 42 5.15 43.50 -18.59
C ARG A 42 4.81 43.41 -17.09
N GLN A 43 3.52 43.30 -16.77
CA GLN A 43 3.06 43.22 -15.39
C GLN A 43 2.08 42.07 -15.16
N LYS A 44 2.26 41.35 -14.06
CA LYS A 44 1.28 40.37 -13.64
C LYS A 44 0.10 41.03 -12.95
N GLU A 45 -1.10 40.75 -13.43
CA GLU A 45 -2.31 41.33 -12.88
C GLU A 45 -3.39 40.31 -12.59
N PRO A 46 -4.22 40.56 -11.55
CA PRO A 46 -5.40 39.74 -11.27
C PRO A 46 -6.45 39.93 -12.34
N ARG A 47 -7.25 38.90 -12.63
CA ARG A 47 -8.33 39.05 -13.59
C ARG A 47 -9.66 38.67 -12.93
N ALA A 48 -9.63 38.48 -11.62
CA ALA A 48 -10.86 38.26 -10.86
C ALA A 48 -10.75 39.01 -9.54
N PRO A 49 -11.87 39.58 -9.09
CA PRO A 49 -11.78 40.38 -7.86
C PRO A 49 -11.42 39.52 -6.67
N TRP A 50 -11.75 38.24 -6.69
CA TRP A 50 -11.39 37.39 -5.55
C TRP A 50 -9.91 36.97 -5.55
N MET A 51 -9.23 37.13 -6.68
CA MET A 51 -7.78 36.96 -6.74
C MET A 51 -7.08 38.23 -6.20
N ALA A 52 -7.48 39.39 -6.72
CA ALA A 52 -6.96 40.68 -6.29
C ALA A 52 -7.05 40.88 -4.78
N GLU A 53 -8.21 40.58 -4.21
CA GLU A 53 -8.45 40.74 -2.78
C GLU A 53 -7.66 39.81 -1.89
N ASN A 54 -7.26 38.64 -2.39
CA ASN A 54 -6.64 37.65 -1.52
C ASN A 54 -5.14 37.46 -1.75
N LEU A 55 -4.57 38.17 -2.71
CA LEU A 55 -3.15 38.06 -2.96
C LEU A 55 -2.50 39.44 -2.86
N ALA A 56 -1.61 39.59 -1.89
CA ALA A 56 -0.95 40.87 -1.60
C ALA A 56 -0.02 41.31 -2.73
N PRO A 57 0.34 42.61 -2.78
CA PRO A 57 1.15 43.12 -3.89
C PRO A 57 2.47 42.41 -4.15
N ASP A 58 3.10 41.82 -3.14
CA ASP A 58 4.40 41.21 -3.40
C ASP A 58 4.26 39.89 -4.18
N HIS A 59 3.06 39.33 -4.19
CA HIS A 59 2.80 38.15 -5.01
C HIS A 59 2.81 38.56 -6.47
N TRP A 60 2.10 39.65 -6.77
CA TRP A 60 2.08 40.18 -8.13
C TRP A 60 3.48 40.58 -8.53
N GLU A 61 4.20 41.20 -7.61
CA GLU A 61 5.57 41.61 -7.87
C GLU A 61 6.46 40.40 -8.19
N ARG A 62 6.34 39.32 -7.42
CA ARG A 62 7.20 38.17 -7.61
C ARG A 62 6.89 37.53 -8.95
N TYR A 63 5.60 37.43 -9.28
CA TYR A 63 5.26 36.72 -10.51
C TYR A 63 5.47 37.60 -11.73
N THR A 64 5.49 38.92 -11.53
CA THR A 64 5.90 39.81 -12.61
C THR A 64 7.32 39.41 -13.05
N GLN A 65 8.23 39.25 -12.09
CA GLN A 65 9.61 38.90 -12.42
C GLN A 65 9.71 37.53 -13.09
N LEU A 66 8.93 36.57 -12.62
CA LEU A 66 8.96 35.23 -13.20
C LEU A 66 8.45 35.24 -14.64
N LEU A 67 7.34 35.92 -14.90
CA LEU A 67 6.87 35.96 -16.28
C LEU A 67 7.81 36.66 -17.24
N ARG A 68 8.49 37.71 -16.78
CA ARG A 68 9.44 38.40 -17.67
C ARG A 68 10.49 37.36 -18.11
N GLY A 69 10.92 36.51 -17.18
CA GLY A 69 11.85 35.45 -17.52
C GLY A 69 11.23 34.42 -18.46
N TRP A 70 9.98 34.03 -18.18
CA TRP A 70 9.32 33.01 -19.01
C TRP A 70 9.03 33.53 -20.40
N GLN A 71 8.67 34.81 -20.47
CA GLN A 71 8.61 35.49 -21.75
C GLN A 71 9.93 35.32 -22.55
N GLN A 72 11.05 35.62 -21.92
CA GLN A 72 12.33 35.52 -22.64
C GLN A 72 12.61 34.08 -23.11
N MET A 73 12.30 33.11 -22.25
CA MET A 73 12.48 31.70 -22.56
C MET A 73 11.62 31.31 -23.76
N PHE A 74 10.37 31.72 -23.71
CA PHE A 74 9.43 31.39 -24.76
C PHE A 74 9.90 31.95 -26.12
N LYS A 75 10.42 33.19 -26.09
CA LYS A 75 10.96 33.83 -27.30
C LYS A 75 12.08 33.03 -27.96
N VAL A 76 12.99 32.58 -27.12
CA VAL A 76 14.14 31.84 -27.60
C VAL A 76 13.74 30.45 -28.13
N GLU A 77 12.83 29.78 -27.41
CA GLU A 77 12.39 28.46 -27.80
C GLU A 77 11.70 28.55 -29.16
N LEU A 78 10.90 29.59 -29.36
CA LEU A 78 10.22 29.76 -30.62
C LEU A 78 11.24 30.00 -31.76
N LYS A 79 12.28 30.75 -31.47
CA LYS A 79 13.32 30.94 -32.48
C LYS A 79 13.96 29.63 -32.87
N ARG A 80 14.28 28.78 -31.89
CA ARG A 80 14.87 27.48 -32.20
C ARG A 80 13.95 26.56 -32.95
N LEU A 81 12.66 26.63 -32.64
CA LEU A 81 11.69 25.81 -33.34
C LEU A 81 11.60 26.25 -34.80
N GLN A 82 11.46 27.55 -35.02
CA GLN A 82 11.47 28.08 -36.38
C GLN A 82 12.69 27.64 -37.19
N ARG A 83 13.87 27.69 -36.58
CA ARG A 83 15.07 27.20 -37.25
C ARG A 83 15.01 25.71 -37.58
N HIS A 84 14.54 24.87 -36.65
CA HIS A 84 14.42 23.43 -36.91
C HIS A 84 13.51 23.14 -38.09
N TYR A 85 12.41 23.87 -38.18
CA TYR A 85 11.46 23.69 -39.27
C TYR A 85 11.81 24.42 -40.57
N ASN A 86 12.89 25.21 -40.54
CA ASN A 86 13.24 26.10 -41.65
C ASN A 86 12.14 27.11 -41.98
N HIS A 87 11.56 27.71 -40.95
CA HIS A 87 10.44 28.60 -41.20
C HIS A 87 10.84 30.04 -41.06
N SER A 88 10.26 30.88 -41.90
CA SER A 88 10.47 32.30 -41.76
C SER A 88 9.14 32.95 -41.46
N GLY A 89 9.14 34.23 -41.16
CA GLY A 89 7.89 34.93 -40.94
C GLY A 89 7.37 34.69 -39.53
N SER A 90 6.05 34.80 -39.39
CA SER A 90 5.44 34.84 -38.09
C SER A 90 4.82 33.50 -37.80
N HIS A 91 5.23 32.94 -36.67
CA HIS A 91 4.74 31.65 -36.21
C HIS A 91 4.29 31.76 -34.76
N THR A 92 3.59 30.75 -34.25
CA THR A 92 3.15 30.79 -32.86
C THR A 92 3.60 29.57 -32.08
N TYR A 93 3.79 29.79 -30.79
CA TYR A 93 4.24 28.79 -29.87
C TYR A 93 3.30 28.89 -28.69
N GLN A 94 2.72 27.76 -28.26
CA GLN A 94 1.81 27.76 -27.12
C GLN A 94 2.12 26.67 -26.11
N ARG A 95 1.81 26.99 -24.87
CA ARG A 95 1.97 26.07 -23.76
C ARG A 95 0.69 26.01 -22.95
N MET A 96 0.32 24.83 -22.50
CA MET A 96 -0.79 24.69 -21.57
C MET A 96 -0.40 23.75 -20.46
N ILE A 97 -0.45 24.26 -19.24
CA ILE A 97 -0.22 23.38 -18.11
C ILE A 97 -1.41 23.46 -17.16
N GLY A 98 -1.70 22.36 -16.47
CA GLY A 98 -2.67 22.44 -15.41
C GLY A 98 -3.06 21.12 -14.79
N CYS A 99 -4.09 21.17 -13.93
CA CYS A 99 -4.55 20.02 -13.15
C CYS A 99 -6.03 20.10 -12.92
N GLU A 100 -6.60 18.96 -12.58
CA GLU A 100 -8.00 18.87 -12.22
C GLU A 100 -8.16 18.17 -10.88
N LEU A 101 -9.09 18.63 -10.07
CA LEU A 101 -9.46 17.96 -8.84
C LEU A 101 -10.83 17.40 -9.07
N LEU A 102 -10.92 16.09 -9.29
CA LEU A 102 -12.18 15.45 -9.65
C LEU A 102 -13.16 15.35 -8.47
N GLU A 103 -14.43 15.17 -8.80
CA GLU A 103 -15.48 14.95 -7.81
C GLU A 103 -15.11 13.93 -6.73
N ASP A 104 -14.56 12.78 -7.14
CA ASP A 104 -14.24 11.66 -6.23
C ASP A 104 -12.93 11.86 -5.46
N GLY A 105 -12.31 13.02 -5.64
CA GLY A 105 -11.07 13.32 -4.95
C GLY A 105 -9.81 12.88 -5.67
N SER A 106 -9.93 12.09 -6.73
CA SER A 106 -8.77 11.79 -7.56
C SER A 106 -8.33 13.04 -8.39
N THR A 107 -7.12 13.01 -8.95
CA THR A 107 -6.59 14.14 -9.70
C THR A 107 -6.05 13.80 -11.10
N THR A 108 -5.94 14.83 -11.94
CA THR A 108 -5.28 14.70 -13.22
C THR A 108 -4.31 15.85 -13.38
N GLY A 109 -3.34 15.71 -14.25
CA GLY A 109 -2.45 16.80 -14.57
C GLY A 109 -1.93 16.66 -15.99
N PHE A 110 -1.68 17.79 -16.65
CA PHE A 110 -1.29 17.77 -18.05
C PHE A 110 -0.35 18.95 -18.36
N LEU A 111 0.54 18.73 -19.31
CA LEU A 111 1.47 19.75 -19.76
C LEU A 111 1.74 19.47 -21.22
N GLN A 112 1.38 20.43 -22.07
CA GLN A 112 1.43 20.26 -23.52
C GLN A 112 1.94 21.53 -24.17
N TYR A 113 2.56 21.36 -25.34
CA TYR A 113 3.05 22.44 -26.16
C TYR A 113 2.47 22.32 -27.54
N ALA A 114 2.22 23.47 -28.17
CA ALA A 114 1.76 23.49 -29.54
C ALA A 114 2.59 24.45 -30.38
N TYR A 115 2.74 24.11 -31.67
CA TYR A 115 3.46 24.97 -32.61
C TYR A 115 2.54 25.30 -33.77
N ASP A 116 2.31 26.60 -34.04
CA ASP A 116 1.34 27.03 -35.04
C ASP A 116 -0.06 26.41 -34.77
N GLY A 117 -0.44 26.29 -33.50
CA GLY A 117 -1.77 25.86 -33.12
C GLY A 117 -2.03 24.35 -33.19
N GLN A 118 -0.97 23.57 -33.42
CA GLN A 118 -1.06 22.10 -33.50
C GLN A 118 -0.22 21.43 -32.41
N ASP A 119 -0.70 20.29 -31.89
CA ASP A 119 0.06 19.54 -30.89
C ASP A 119 1.50 19.39 -31.31
N PHE A 120 2.41 19.56 -30.37
CA PHE A 120 3.82 19.45 -30.66
C PHE A 120 4.47 18.48 -29.68
N LEU A 121 4.36 18.78 -28.38
CA LEU A 121 4.87 17.88 -27.36
C LEU A 121 3.86 17.68 -26.23
N ILE A 122 3.70 16.43 -25.78
CA ILE A 122 2.76 16.09 -24.70
C ILE A 122 3.48 15.29 -23.63
N PHE A 123 3.40 15.79 -22.41
CA PHE A 123 4.20 15.26 -21.32
C PHE A 123 3.42 14.11 -20.71
N ASN A 124 4.11 13.02 -20.43
CA ASN A 124 3.46 11.91 -19.72
C ASN A 124 4.09 11.81 -18.35
N LYS A 125 3.38 12.28 -17.33
CA LYS A 125 3.93 12.32 -15.98
C LYS A 125 4.01 10.92 -15.30
N ASP A 126 3.54 9.86 -15.98
CA ASP A 126 3.55 8.52 -15.34
C ASP A 126 4.77 7.72 -15.77
N THR A 127 5.29 8.01 -16.96
CA THR A 127 6.56 7.39 -17.35
C THR A 127 7.64 8.45 -17.46
N LEU A 128 7.30 9.66 -17.03
CA LEU A 128 8.21 10.80 -17.14
C LEU A 128 8.82 10.90 -18.53
N SER A 129 7.98 10.94 -19.57
CA SER A 129 8.54 11.09 -20.90
C SER A 129 7.70 12.06 -21.73
N TRP A 130 8.29 12.53 -22.82
CA TRP A 130 7.58 13.44 -23.71
C TRP A 130 7.16 12.77 -25.02
N LEU A 131 5.89 12.92 -25.37
CA LEU A 131 5.40 12.42 -26.64
C LEU A 131 5.60 13.47 -27.75
N ALA A 132 6.34 13.10 -28.80
CA ALA A 132 6.68 14.00 -29.91
C ALA A 132 5.87 13.67 -31.15
N VAL A 133 5.37 14.71 -31.85
CA VAL A 133 4.50 14.50 -33.02
C VAL A 133 5.29 14.33 -34.32
N ASP A 134 6.52 14.85 -34.37
CA ASP A 134 7.36 14.75 -35.56
C ASP A 134 8.83 14.75 -35.18
N ASN A 135 9.72 14.83 -36.17
CA ASN A 135 11.16 14.70 -35.93
C ASN A 135 11.76 15.91 -35.21
N VAL A 136 11.17 17.07 -35.45
CA VAL A 136 11.57 18.28 -34.76
C VAL A 136 11.20 18.18 -33.27
N ALA A 137 9.95 17.84 -33.00
CA ALA A 137 9.52 17.63 -31.63
C ALA A 137 10.39 16.57 -30.96
N HIS A 138 10.74 15.54 -31.71
CA HIS A 138 11.56 14.45 -31.19
C HIS A 138 12.96 14.94 -30.76
N THR A 139 13.49 15.91 -31.49
CA THR A 139 14.76 16.52 -31.12
C THR A 139 14.64 17.17 -29.75
N ILE A 140 13.59 17.96 -29.56
CA ILE A 140 13.38 18.63 -28.30
C ILE A 140 13.14 17.63 -27.18
N LYS A 141 12.38 16.59 -27.48
CA LYS A 141 12.15 15.52 -26.53
C LYS A 141 13.45 14.98 -25.90
N GLN A 142 14.44 14.62 -26.72
CA GLN A 142 15.64 13.97 -26.21
C GLN A 142 16.37 14.92 -25.30
N ALA A 143 16.36 16.19 -25.64
CA ALA A 143 16.88 17.23 -24.77
C ALA A 143 16.18 17.28 -23.41
N TRP A 144 14.86 17.25 -23.40
CA TRP A 144 14.14 17.42 -22.13
C TRP A 144 14.23 16.16 -21.29
N GLU A 145 14.22 15.02 -21.97
CA GLU A 145 14.30 13.73 -21.28
C GLU A 145 15.68 13.45 -20.69
N ALA A 146 16.71 14.10 -21.21
CA ALA A 146 18.05 13.93 -20.67
C ALA A 146 18.17 14.50 -19.25
N ASN A 147 17.22 15.37 -18.85
CA ASN A 147 17.30 16.00 -17.55
C ASN A 147 16.36 15.35 -16.57
N GLN A 148 16.85 14.34 -15.87
CA GLN A 148 15.96 13.49 -15.09
C GLN A 148 15.24 14.26 -13.98
N HIS A 149 16.00 15.09 -13.26
CA HIS A 149 15.50 15.84 -12.12
C HIS A 149 14.40 16.79 -12.52
N GLU A 150 14.57 17.35 -13.70
CA GLU A 150 13.61 18.29 -14.23
C GLU A 150 12.27 17.57 -14.55
N LEU A 151 12.36 16.36 -15.09
CA LEU A 151 11.16 15.53 -15.29
C LEU A 151 10.42 15.28 -13.95
N LEU A 152 11.18 14.92 -12.91
CA LEU A 152 10.59 14.73 -11.58
C LEU A 152 9.97 16.04 -11.04
N TYR A 153 10.66 17.16 -11.24
CA TYR A 153 10.13 18.45 -10.74
C TYR A 153 8.75 18.75 -11.30
N GLN A 154 8.58 18.41 -12.57
CA GLN A 154 7.34 18.69 -13.29
C GLN A 154 6.21 17.80 -12.79
N LYS A 155 6.55 16.53 -12.52
CA LYS A 155 5.56 15.60 -11.99
C LYS A 155 5.12 16.11 -10.63
N ASN A 156 6.08 16.48 -9.79
CA ASN A 156 5.73 17.05 -8.49
C ASN A 156 4.84 18.26 -8.63
N TRP A 157 5.13 19.13 -9.61
CA TRP A 157 4.39 20.40 -9.73
C TRP A 157 2.93 20.13 -10.14
N LEU A 158 2.74 19.25 -11.13
CA LEU A 158 1.39 18.87 -11.59
C LEU A 158 0.57 18.16 -10.51
N GLU A 159 1.19 17.23 -9.77
CA GLU A 159 0.45 16.39 -8.82
C GLU A 159 0.18 17.07 -7.47
N GLU A 160 1.12 17.92 -7.03
CA GLU A 160 1.07 18.53 -5.70
C GLU A 160 0.86 20.05 -5.74
N GLU A 161 1.85 20.77 -6.28
CA GLU A 161 1.77 22.25 -6.33
C GLU A 161 0.51 22.75 -7.02
N CYS A 162 0.25 22.24 -8.23
CA CYS A 162 -0.87 22.70 -9.02
C CYS A 162 -2.19 22.48 -8.28
N ILE A 163 -2.33 21.30 -7.69
CA ILE A 163 -3.53 20.98 -6.93
C ILE A 163 -3.64 21.90 -5.70
N ALA A 164 -2.54 22.11 -4.99
CA ALA A 164 -2.60 23.04 -3.86
C ALA A 164 -2.94 24.48 -4.30
N TRP A 165 -2.39 24.95 -5.43
CA TRP A 165 -2.79 26.26 -5.93
C TRP A 165 -4.29 26.29 -6.21
N LEU A 166 -4.78 25.23 -6.83
CA LEU A 166 -6.17 25.17 -7.23
C LEU A 166 -7.08 25.21 -6.01
N LYS A 167 -6.79 24.39 -4.99
CA LYS A 167 -7.59 24.41 -3.77
C LYS A 167 -7.58 25.82 -3.14
N ARG A 168 -6.43 26.48 -3.21
CA ARG A 168 -6.30 27.80 -2.62
C ARG A 168 -7.23 28.75 -3.35
N PHE A 169 -7.22 28.68 -4.68
CA PHE A 169 -8.01 29.63 -5.49
C PHE A 169 -9.49 29.32 -5.38
N LEU A 170 -9.83 28.04 -5.26
CA LEU A 170 -11.23 27.64 -5.11
C LEU A 170 -11.82 28.29 -3.85
N GLU A 171 -11.03 28.30 -2.79
CA GLU A 171 -11.45 28.90 -1.53
C GLU A 171 -11.58 30.41 -1.69
N TYR A 172 -10.56 31.07 -2.24
CA TYR A 172 -10.67 32.51 -2.54
C TYR A 172 -11.97 32.83 -3.30
N GLY A 173 -12.27 32.09 -4.37
CA GLY A 173 -13.45 32.45 -5.17
C GLY A 173 -14.70 31.62 -4.96
N LYS A 174 -14.83 30.98 -3.80
CA LYS A 174 -15.92 30.01 -3.60
C LYS A 174 -17.33 30.54 -3.87
N ASP A 175 -17.62 31.78 -3.48
CA ASP A 175 -18.96 32.35 -3.70
C ASP A 175 -19.32 32.37 -5.18
N THR A 176 -18.31 32.45 -6.05
CA THR A 176 -18.53 32.43 -7.49
C THR A 176 -18.51 31.01 -8.04
N LEU A 177 -17.43 30.29 -7.73
CA LEU A 177 -17.12 29.00 -8.35
C LEU A 177 -17.93 27.83 -7.82
N GLN A 178 -18.40 27.91 -6.58
CA GLN A 178 -19.12 26.77 -6.02
C GLN A 178 -20.62 27.01 -5.95
N ARG A 179 -21.08 28.11 -6.56
CA ARG A 179 -22.51 28.41 -6.55
C ARG A 179 -23.25 27.61 -7.59
N THR A 180 -24.58 27.60 -7.50
CA THR A 180 -25.42 26.95 -8.50
C THR A 180 -26.57 27.87 -8.88
N GLU A 181 -26.69 28.13 -10.17
CA GLU A 181 -27.82 28.84 -10.73
C GLU A 181 -28.50 27.87 -11.66
N PRO A 182 -29.70 27.39 -11.29
CA PRO A 182 -30.33 26.34 -12.09
C PRO A 182 -30.81 26.87 -13.43
N PRO A 183 -30.94 25.99 -14.41
CA PRO A 183 -31.35 26.39 -15.75
C PRO A 183 -32.83 26.77 -15.89
N LEU A 184 -33.14 27.80 -16.69
CA LEU A 184 -34.51 27.97 -17.19
C LEU A 184 -34.60 27.19 -18.50
N VAL A 185 -35.60 26.33 -18.63
CA VAL A 185 -35.65 25.42 -19.77
C VAL A 185 -37.02 25.46 -20.40
N ARG A 186 -37.08 25.56 -21.71
CA ARG A 186 -38.36 25.57 -22.41
C ARG A 186 -38.23 24.71 -23.66
N VAL A 187 -39.36 24.21 -24.12
CA VAL A 187 -39.45 23.47 -25.36
C VAL A 187 -40.29 24.27 -26.33
N ASN A 188 -39.74 24.52 -27.50
CA ASN A 188 -40.48 25.17 -28.57
C ASN A 188 -40.78 24.20 -29.70
N ARG A 189 -41.98 24.31 -30.26
CA ARG A 189 -42.45 23.45 -31.32
C ARG A 189 -42.83 24.31 -32.52
N LYS A 190 -42.52 23.86 -33.74
CA LYS A 190 -42.88 24.63 -34.92
C LYS A 190 -42.86 23.78 -36.18
N GLU A 191 -43.83 23.97 -37.07
CA GLU A 191 -43.74 23.34 -38.39
C GLU A 191 -42.81 24.15 -39.27
N THR A 192 -41.84 23.50 -39.89
CA THR A 192 -40.84 24.24 -40.65
C THR A 192 -41.15 24.08 -42.14
N PHE A 193 -40.20 23.51 -42.89
CA PHE A 193 -40.52 22.91 -44.17
C PHE A 193 -41.81 22.13 -44.03
N PRO A 194 -42.74 22.27 -44.98
CA PRO A 194 -44.01 21.53 -44.98
C PRO A 194 -43.86 20.07 -44.53
N GLY A 195 -44.54 19.69 -43.45
CA GLY A 195 -44.53 18.31 -42.95
C GLY A 195 -43.39 18.02 -41.99
N VAL A 196 -42.55 19.02 -41.74
CA VAL A 196 -41.39 18.83 -40.90
C VAL A 196 -41.47 19.67 -39.64
N THR A 197 -41.74 19.01 -38.51
CA THR A 197 -41.86 19.73 -37.25
C THR A 197 -40.55 19.66 -36.47
N ALA A 198 -40.07 20.83 -36.08
CA ALA A 198 -38.83 20.95 -35.31
C ALA A 198 -39.12 21.22 -33.85
N LEU A 199 -38.46 20.45 -32.98
CA LEU A 199 -38.52 20.65 -31.54
C LEU A 199 -37.21 21.20 -31.01
N PHE A 200 -37.25 22.37 -30.39
CA PHE A 200 -36.06 22.93 -29.73
C PHE A 200 -36.21 22.90 -28.20
N CYS A 201 -35.22 22.34 -27.53
CA CYS A 201 -35.17 22.40 -26.09
C CYS A 201 -34.05 23.37 -25.77
N LYS A 202 -34.39 24.48 -25.13
CA LYS A 202 -33.45 25.56 -24.92
C LYS A 202 -33.31 25.93 -23.46
N ALA A 203 -32.07 26.04 -23.00
CA ALA A 203 -31.81 26.38 -21.61
C ALA A 203 -30.98 27.64 -21.51
N HIS A 204 -31.21 28.42 -20.46
CA HIS A 204 -30.40 29.58 -20.21
C HIS A 204 -30.42 29.93 -18.72
N GLY A 205 -29.49 30.81 -18.31
CA GLY A 205 -29.45 31.30 -16.96
C GLY A 205 -28.72 30.39 -16.01
N PHE A 206 -28.05 29.37 -16.50
CA PHE A 206 -27.44 28.40 -15.57
C PHE A 206 -25.94 28.60 -15.29
N TYR A 207 -25.52 28.16 -14.11
CA TYR A 207 -24.12 28.13 -13.74
C TYR A 207 -23.94 27.02 -12.78
N PRO A 208 -22.88 26.21 -12.90
CA PRO A 208 -21.77 26.15 -13.85
C PRO A 208 -22.21 25.85 -15.31
N PRO A 209 -21.32 26.09 -16.27
CA PRO A 209 -21.68 25.87 -17.69
C PRO A 209 -21.97 24.41 -18.04
N GLU A 210 -21.40 23.47 -17.31
CA GLU A 210 -21.60 22.06 -17.61
C GLU A 210 -23.07 21.70 -17.46
N ILE A 211 -23.67 21.27 -18.56
CA ILE A 211 -25.07 20.85 -18.55
C ILE A 211 -25.23 19.75 -19.56
N TYR A 212 -26.07 18.78 -19.21
CA TYR A 212 -26.42 17.70 -20.08
C TYR A 212 -27.85 17.84 -20.57
N MET A 213 -28.03 17.69 -21.88
CA MET A 213 -29.33 17.86 -22.51
C MET A 213 -29.55 16.79 -23.56
N THR A 214 -30.73 16.20 -23.59
CA THR A 214 -31.00 15.26 -24.66
C THR A 214 -32.48 15.09 -24.92
N TRP A 215 -32.79 14.48 -26.05
CA TRP A 215 -34.17 14.19 -26.42
C TRP A 215 -34.43 12.69 -26.36
N MET A 216 -35.54 12.32 -25.75
CA MET A 216 -35.94 10.93 -25.63
C MET A 216 -37.24 10.68 -26.40
N LYS A 217 -37.43 9.44 -26.84
CA LYS A 217 -38.66 8.99 -27.50
C LYS A 217 -39.26 7.90 -26.63
N ASN A 218 -40.51 8.08 -26.23
CA ASN A 218 -41.18 7.12 -25.35
C ASN A 218 -40.35 6.69 -24.14
N GLY A 219 -39.57 7.62 -23.58
CA GLY A 219 -38.76 7.30 -22.41
C GLY A 219 -37.48 6.52 -22.66
N GLU A 220 -37.25 6.08 -23.91
CA GLU A 220 -36.00 5.40 -24.25
C GLU A 220 -35.21 6.29 -25.22
N GLU A 221 -33.92 6.03 -25.38
CA GLU A 221 -33.06 6.97 -26.13
C GLU A 221 -33.43 7.10 -27.61
N ILE A 222 -33.33 8.31 -28.12
CA ILE A 222 -33.61 8.56 -29.54
C ILE A 222 -32.48 8.02 -30.41
N VAL A 223 -32.80 7.31 -31.50
CA VAL A 223 -31.78 6.94 -32.49
C VAL A 223 -32.05 7.72 -33.77
N GLN A 224 -32.31 9.02 -33.60
CA GLN A 224 -32.48 9.95 -34.69
C GLN A 224 -31.46 11.08 -34.54
N GLU A 225 -31.43 11.99 -35.51
CA GLU A 225 -30.44 13.06 -35.49
C GLU A 225 -30.80 14.11 -34.42
N ILE A 226 -29.91 14.35 -33.48
CA ILE A 226 -30.10 15.46 -32.54
C ILE A 226 -29.07 16.52 -32.87
N ASP A 227 -29.51 17.76 -33.05
CA ASP A 227 -28.57 18.85 -33.26
C ASP A 227 -28.27 19.50 -31.91
N TYR A 228 -27.01 19.88 -31.67
CA TYR A 228 -26.65 20.49 -30.40
C TYR A 228 -26.18 21.92 -30.54
N GLY A 229 -26.68 22.81 -29.69
CA GLY A 229 -26.17 24.17 -29.65
C GLY A 229 -24.99 24.17 -28.68
N ASP A 230 -24.02 25.04 -28.94
CA ASP A 230 -22.89 25.20 -28.02
C ASP A 230 -23.35 25.80 -26.69
N ILE A 231 -22.57 25.56 -25.64
CA ILE A 231 -22.75 26.23 -24.37
C ILE A 231 -22.07 27.60 -24.47
N LEU A 232 -22.86 28.67 -24.49
CA LEU A 232 -22.39 30.02 -24.78
C LEU A 232 -22.56 30.93 -23.56
N PRO A 233 -21.58 31.82 -23.35
CA PRO A 233 -21.66 32.74 -22.21
C PRO A 233 -22.71 33.80 -22.50
N SER A 234 -23.63 34.04 -21.56
CA SER A 234 -24.69 35.02 -21.78
C SER A 234 -24.24 36.44 -21.40
N GLY A 235 -23.06 36.58 -20.78
CA GLY A 235 -22.47 37.88 -20.49
C GLY A 235 -22.63 38.31 -19.04
N ASP A 236 -23.51 37.63 -18.32
CA ASP A 236 -23.82 37.96 -16.93
C ASP A 236 -23.32 36.89 -15.94
N GLY A 237 -22.39 36.05 -16.38
CA GLY A 237 -21.83 35.01 -15.52
C GLY A 237 -22.53 33.67 -15.70
N THR A 238 -23.63 33.68 -16.43
CA THR A 238 -24.38 32.46 -16.67
C THR A 238 -24.36 32.06 -18.17
N TYR A 239 -24.82 30.84 -18.43
CA TYR A 239 -24.64 30.25 -19.75
C TYR A 239 -25.97 29.83 -20.35
N GLN A 240 -25.97 29.59 -21.66
CA GLN A 240 -27.14 29.13 -22.37
C GLN A 240 -26.78 28.03 -23.36
N ALA A 241 -27.76 27.20 -23.72
CA ALA A 241 -27.55 26.11 -24.66
C ALA A 241 -28.88 25.53 -25.13
N TRP A 242 -28.84 24.63 -26.12
CA TRP A 242 -30.04 23.99 -26.64
C TRP A 242 -29.76 22.68 -27.34
N ALA A 243 -30.81 21.92 -27.59
CA ALA A 243 -30.76 20.72 -28.41
C ALA A 243 -32.07 20.58 -29.19
N SER A 244 -32.02 20.15 -30.45
CA SER A 244 -33.23 20.05 -31.26
C SER A 244 -33.30 18.77 -32.07
N ILE A 245 -34.52 18.39 -32.47
CA ILE A 245 -34.79 17.20 -33.30
C ILE A 245 -35.94 17.48 -34.26
N GLU A 246 -36.31 16.45 -35.03
CA GLU A 246 -37.52 16.46 -35.89
C GLU A 246 -38.57 15.43 -35.47
N LEU A 247 -39.78 15.55 -36.02
CA LEU A 247 -40.83 14.55 -35.76
C LEU A 247 -41.21 13.77 -37.01
N LEU A 254 -44.24 10.30 -28.89
CA LEU A 254 -44.10 10.91 -27.57
C LEU A 254 -42.66 11.37 -27.27
N TYR A 255 -42.41 12.67 -27.38
CA TYR A 255 -41.05 13.18 -27.21
C TYR A 255 -40.84 13.94 -25.90
N SER A 256 -39.66 13.83 -25.33
CA SER A 256 -39.39 14.57 -24.12
C SER A 256 -37.96 15.05 -24.07
N CYS A 257 -37.75 16.26 -23.56
CA CYS A 257 -36.40 16.76 -23.38
C CYS A 257 -35.93 16.50 -21.95
N HIS A 258 -34.72 15.96 -21.81
CA HIS A 258 -34.16 15.68 -20.50
C HIS A 258 -32.95 16.55 -20.29
N VAL A 259 -32.88 17.13 -19.10
CA VAL A 259 -31.81 18.05 -18.78
C VAL A 259 -31.24 17.64 -17.45
N GLU A 260 -29.93 17.54 -17.35
CA GLU A 260 -29.32 17.39 -16.03
C GLU A 260 -28.37 18.52 -15.78
N HIS A 261 -28.46 19.10 -14.57
CA HIS A 261 -27.61 20.21 -14.18
C HIS A 261 -27.39 20.15 -12.69
N SER A 262 -26.13 20.10 -12.29
CA SER A 262 -25.72 20.16 -10.90
C SER A 262 -26.50 19.21 -9.97
N GLY A 263 -26.63 17.95 -10.35
CA GLY A 263 -27.30 16.96 -9.54
C GLY A 263 -28.82 17.11 -9.55
N VAL A 264 -29.37 17.92 -10.44
CA VAL A 264 -30.82 17.96 -10.59
C VAL A 264 -31.26 17.54 -12.00
N HIS A 265 -32.22 16.64 -12.07
CA HIS A 265 -32.74 16.17 -13.35
C HIS A 265 -34.10 16.84 -13.65
N MET A 266 -34.36 17.09 -14.92
CA MET A 266 -35.55 17.81 -15.36
C MET A 266 -36.05 17.15 -16.64
N VAL A 267 -37.36 17.03 -16.77
CA VAL A 267 -37.95 16.41 -17.96
C VAL A 267 -39.05 17.32 -18.48
N LEU A 268 -39.04 17.59 -19.78
CA LEU A 268 -40.07 18.42 -20.39
C LEU A 268 -40.73 17.62 -21.51
N GLN A 269 -41.98 17.28 -21.27
CA GLN A 269 -42.70 16.40 -22.16
C GLN A 269 -43.41 17.16 -23.25
N VAL A 270 -43.17 16.73 -24.48
CA VAL A 270 -43.94 17.23 -25.60
C VAL A 270 -45.12 16.30 -25.75
N ILE B 1 -1.76 25.54 -40.90
CA ILE B 1 -3.19 25.32 -40.67
C ILE B 1 -3.81 26.48 -39.90
N GLN B 2 -4.46 27.38 -40.63
CA GLN B 2 -5.16 28.48 -40.00
C GLN B 2 -6.61 28.07 -39.83
N ARG B 3 -7.27 28.63 -38.82
CA ARG B 3 -8.65 28.26 -38.54
C ARG B 3 -9.51 29.51 -38.46
N THR B 4 -10.61 29.52 -39.23
CA THR B 4 -11.41 30.73 -39.40
C THR B 4 -12.43 30.79 -38.24
N PRO B 5 -12.78 32.00 -37.79
CA PRO B 5 -13.60 32.02 -36.56
C PRO B 5 -15.03 31.55 -36.75
N LYS B 6 -15.55 30.82 -35.78
CA LYS B 6 -16.99 30.65 -35.63
C LYS B 6 -17.56 31.92 -35.03
N ILE B 7 -18.70 32.37 -35.55
CA ILE B 7 -19.27 33.62 -35.07
C ILE B 7 -20.72 33.42 -34.67
N GLN B 8 -21.02 33.66 -33.40
CA GLN B 8 -22.37 33.39 -32.94
C GLN B 8 -22.94 34.62 -32.27
N VAL B 9 -24.14 34.96 -32.70
CA VAL B 9 -24.76 36.19 -32.32
C VAL B 9 -26.07 35.86 -31.69
N TYR B 10 -26.29 36.33 -30.46
CA TYR B 10 -27.45 35.90 -29.70
C TYR B 10 -27.70 36.83 -28.49
N SER B 11 -28.96 36.94 -28.08
CA SER B 11 -29.32 37.77 -26.94
C SER B 11 -29.05 37.09 -25.58
N ARG B 12 -28.75 37.90 -24.56
CA ARG B 12 -28.54 37.40 -23.22
C ARG B 12 -29.77 36.66 -22.71
N HIS B 13 -30.94 37.28 -22.88
CA HIS B 13 -32.22 36.68 -22.47
C HIS B 13 -33.06 36.42 -23.71
N PRO B 14 -34.07 35.54 -23.62
CA PRO B 14 -34.97 35.40 -24.76
C PRO B 14 -35.52 36.76 -25.19
N ALA B 15 -35.41 37.05 -26.48
CA ALA B 15 -35.62 38.41 -26.98
C ALA B 15 -37.09 38.71 -27.23
N GLU B 16 -37.47 39.92 -26.87
CA GLU B 16 -38.81 40.44 -27.14
C GLU B 16 -38.68 41.90 -27.56
N ASN B 17 -39.23 42.24 -28.72
CA ASN B 17 -39.16 43.63 -29.22
C ASN B 17 -39.69 44.58 -28.17
N GLY B 18 -38.97 45.66 -27.93
CA GLY B 18 -39.42 46.65 -26.96
C GLY B 18 -38.77 46.55 -25.59
N LYS B 19 -38.23 45.38 -25.28
CA LYS B 19 -37.67 45.14 -23.95
C LYS B 19 -36.14 45.09 -23.92
N SER B 20 -35.56 45.82 -22.98
CA SER B 20 -34.11 45.91 -22.86
C SER B 20 -33.45 44.54 -22.66
N ASN B 21 -32.22 44.41 -23.19
CA ASN B 21 -31.55 43.13 -23.31
C ASN B 21 -30.04 43.35 -23.55
N PHE B 22 -29.29 42.27 -23.79
CA PHE B 22 -27.91 42.40 -24.23
C PHE B 22 -27.67 41.56 -25.47
N LEU B 23 -27.01 42.17 -26.45
CA LEU B 23 -26.62 41.47 -27.67
C LEU B 23 -25.21 40.94 -27.52
N ASN B 24 -25.05 39.62 -27.62
CA ASN B 24 -23.73 38.99 -27.52
C ASN B 24 -23.19 38.58 -28.90
N CYS B 25 -21.88 38.70 -29.07
CA CYS B 25 -21.21 38.06 -30.19
C CYS B 25 -20.01 37.27 -29.66
N TYR B 26 -20.08 35.94 -29.81
CA TYR B 26 -19.06 35.02 -29.32
C TYR B 26 -18.25 34.51 -30.52
N VAL B 27 -16.97 34.82 -30.53
CA VAL B 27 -16.13 34.54 -31.70
C VAL B 27 -15.11 33.53 -31.25
N SER B 28 -15.06 32.37 -31.90
CA SER B 28 -14.27 31.29 -31.27
C SER B 28 -13.66 30.36 -32.30
N GLY B 29 -12.78 29.48 -31.84
CA GLY B 29 -12.19 28.48 -32.71
C GLY B 29 -11.23 29.06 -33.76
N PHE B 30 -10.77 30.29 -33.56
CA PHE B 30 -9.85 30.83 -34.56
C PHE B 30 -8.37 30.68 -34.18
N HIS B 31 -7.54 30.64 -35.22
CA HIS B 31 -6.07 30.61 -35.11
C HIS B 31 -5.53 31.11 -36.44
N PRO B 32 -4.58 32.06 -36.40
CA PRO B 32 -3.89 32.67 -35.27
C PRO B 32 -4.72 33.73 -34.54
N SER B 33 -4.12 34.47 -33.62
CA SER B 33 -4.88 35.23 -32.61
C SER B 33 -5.37 36.64 -33.02
N ASP B 34 -4.71 37.26 -33.99
CA ASP B 34 -5.07 38.62 -34.43
C ASP B 34 -6.50 38.66 -35.03
N ILE B 35 -7.34 39.52 -34.50
CA ILE B 35 -8.74 39.51 -34.91
C ILE B 35 -9.42 40.85 -34.63
N GLU B 36 -10.44 41.16 -35.41
CA GLU B 36 -11.12 42.43 -35.21
C GLU B 36 -12.63 42.19 -35.16
N VAL B 37 -13.28 42.69 -34.12
CA VAL B 37 -14.69 42.48 -33.98
C VAL B 37 -15.41 43.79 -33.70
N ASP B 38 -16.52 44.00 -34.42
CA ASP B 38 -17.44 45.11 -34.16
C ASP B 38 -18.87 44.64 -34.13
N LEU B 39 -19.67 45.26 -33.26
CA LEU B 39 -21.13 45.14 -33.30
C LEU B 39 -21.72 46.28 -34.15
N LEU B 40 -22.72 45.96 -34.97
CA LEU B 40 -23.35 46.90 -35.89
C LEU B 40 -24.86 47.02 -35.64
N LYS B 41 -25.36 48.24 -35.70
CA LYS B 41 -26.79 48.48 -35.72
C LYS B 41 -27.10 49.15 -37.05
N ASN B 42 -27.96 48.52 -37.86
CA ASN B 42 -28.27 49.04 -39.18
C ASN B 42 -27.02 49.38 -40.00
N GLY B 43 -26.05 48.47 -40.05
CA GLY B 43 -24.84 48.69 -40.82
C GLY B 43 -23.79 49.57 -40.15
N GLU B 44 -24.17 50.30 -39.11
CA GLU B 44 -23.23 51.24 -38.49
C GLU B 44 -22.65 50.72 -37.18
N ARG B 45 -21.34 50.90 -37.02
CA ARG B 45 -20.62 50.46 -35.83
C ARG B 45 -21.18 51.02 -34.52
N ILE B 46 -21.42 50.14 -33.55
CA ILE B 46 -21.90 50.54 -32.23
C ILE B 46 -20.69 50.91 -31.38
N GLU B 47 -20.78 52.02 -30.64
CA GLU B 47 -19.58 52.56 -30.02
C GLU B 47 -19.40 52.11 -28.58
N LYS B 48 -20.50 51.91 -27.86
CA LYS B 48 -20.40 51.45 -26.48
C LYS B 48 -20.51 49.92 -26.43
N VAL B 49 -19.38 49.23 -26.58
CA VAL B 49 -19.34 47.75 -26.63
C VAL B 49 -18.33 47.19 -25.62
N GLU B 50 -18.75 46.25 -24.78
CA GLU B 50 -17.81 45.58 -23.90
C GLU B 50 -17.21 44.35 -24.60
N HIS B 51 -16.03 43.95 -24.19
CA HIS B 51 -15.52 42.65 -24.57
C HIS B 51 -14.58 42.06 -23.51
N SER B 52 -14.52 40.73 -23.50
CA SER B 52 -13.58 39.97 -22.70
C SER B 52 -12.18 40.12 -23.29
N ASP B 53 -11.17 39.72 -22.54
CA ASP B 53 -9.83 39.58 -23.10
C ASP B 53 -9.78 38.35 -24.02
N LEU B 54 -8.77 38.29 -24.89
CA LEU B 54 -8.46 37.08 -25.66
C LEU B 54 -8.38 35.86 -24.73
N SER B 55 -9.04 34.78 -25.10
CA SER B 55 -9.09 33.62 -24.25
C SER B 55 -8.58 32.38 -24.98
N PHE B 56 -8.19 31.36 -24.22
CA PHE B 56 -7.50 30.20 -24.78
C PHE B 56 -8.26 28.90 -24.61
N SER B 57 -8.37 28.14 -25.69
CA SER B 57 -8.96 26.82 -25.62
C SER B 57 -7.90 25.76 -25.58
N LYS B 58 -8.24 24.66 -24.92
CA LYS B 58 -7.41 23.45 -24.87
C LYS B 58 -7.02 22.93 -26.26
N ASP B 59 -7.76 23.27 -27.31
CA ASP B 59 -7.38 22.80 -28.65
C ASP B 59 -6.44 23.81 -29.36
N TRP B 60 -5.93 24.75 -28.58
CA TRP B 60 -4.98 25.82 -29.00
C TRP B 60 -5.60 26.98 -29.76
N SER B 61 -6.89 26.89 -30.08
CA SER B 61 -7.57 28.01 -30.71
C SER B 61 -7.92 29.04 -29.64
N PHE B 62 -8.48 30.18 -30.06
CA PHE B 62 -8.81 31.30 -29.19
C PHE B 62 -10.29 31.66 -29.27
N TYR B 63 -10.78 32.40 -28.28
CA TYR B 63 -12.16 32.86 -28.29
C TYR B 63 -12.32 34.20 -27.60
N LEU B 64 -13.40 34.91 -27.93
CA LEU B 64 -13.67 36.25 -27.45
C LEU B 64 -15.17 36.46 -27.29
N LEU B 65 -15.59 37.31 -26.35
CA LEU B 65 -16.99 37.70 -26.24
C LEU B 65 -17.14 39.23 -26.32
N TYR B 66 -17.90 39.70 -27.32
CA TYR B 66 -18.29 41.09 -27.44
C TYR B 66 -19.77 41.21 -27.11
N TYR B 67 -20.17 42.23 -26.35
CA TYR B 67 -21.60 42.46 -26.12
C TYR B 67 -21.96 43.92 -25.94
N THR B 68 -23.22 44.24 -26.20
CA THR B 68 -23.72 45.60 -25.95
C THR B 68 -25.15 45.56 -25.41
N GLU B 69 -25.51 46.56 -24.62
CA GLU B 69 -26.90 46.74 -24.21
C GLU B 69 -27.72 47.21 -25.41
N PHE B 70 -28.92 46.66 -25.55
CA PHE B 70 -29.77 46.97 -26.69
C PHE B 70 -31.23 46.71 -26.36
N THR B 71 -32.10 47.36 -27.11
CA THR B 71 -33.52 47.10 -27.04
C THR B 71 -34.00 46.79 -28.44
N PRO B 72 -34.21 45.49 -28.72
CA PRO B 72 -34.55 45.03 -30.08
C PRO B 72 -35.88 45.58 -30.56
N THR B 73 -35.98 45.88 -31.85
CA THR B 73 -37.22 46.35 -32.45
C THR B 73 -37.35 45.59 -33.75
N GLU B 74 -38.55 45.59 -34.33
CA GLU B 74 -38.75 45.05 -35.68
C GLU B 74 -37.85 45.74 -36.72
N LYS B 75 -37.70 47.04 -36.59
CA LYS B 75 -37.08 47.85 -37.64
C LYS B 75 -35.56 47.68 -37.65
N ASP B 76 -34.99 47.48 -36.47
CA ASP B 76 -33.54 47.50 -36.35
C ASP B 76 -32.89 46.14 -36.68
N GLU B 77 -31.82 46.19 -37.48
CA GLU B 77 -31.00 45.04 -37.83
C GLU B 77 -29.66 45.09 -37.11
N TYR B 78 -29.35 44.06 -36.34
CA TYR B 78 -28.09 44.00 -35.64
C TYR B 78 -27.19 42.92 -36.23
N ALA B 79 -25.89 43.16 -36.26
CA ALA B 79 -24.95 42.17 -36.75
C ALA B 79 -23.61 42.28 -36.03
N CYS B 80 -22.79 41.25 -36.23
CA CYS B 80 -21.45 41.19 -35.68
C CYS B 80 -20.53 41.13 -36.87
N ARG B 81 -19.50 41.96 -36.90
CA ARG B 81 -18.59 42.03 -38.05
C ARG B 81 -17.19 41.65 -37.64
N VAL B 82 -16.61 40.69 -38.35
CA VAL B 82 -15.35 40.11 -37.90
C VAL B 82 -14.33 40.06 -39.01
N ASN B 83 -13.09 40.40 -38.69
CA ASN B 83 -12.01 40.20 -39.63
C ASN B 83 -10.85 39.39 -39.05
N HIS B 84 -10.24 38.60 -39.90
CA HIS B 84 -9.26 37.60 -39.49
C HIS B 84 -8.43 37.22 -40.73
N VAL B 85 -7.20 36.77 -40.53
CA VAL B 85 -6.32 36.53 -41.68
C VAL B 85 -6.92 35.49 -42.63
N THR B 86 -7.82 34.64 -42.13
CA THR B 86 -8.47 33.65 -43.00
C THR B 86 -9.52 34.29 -43.91
N LEU B 87 -9.90 35.53 -43.64
CA LEU B 87 -10.99 36.13 -44.39
C LEU B 87 -10.49 37.20 -45.37
N SER B 88 -10.95 37.12 -46.61
CA SER B 88 -10.61 38.10 -47.67
C SER B 88 -11.13 39.46 -47.31
N GLN B 89 -12.31 39.50 -46.69
CA GLN B 89 -12.86 40.75 -46.23
C GLN B 89 -13.67 40.49 -44.98
N PRO B 90 -13.99 41.55 -44.22
CA PRO B 90 -14.71 41.34 -42.97
C PRO B 90 -16.01 40.58 -43.20
N LYS B 91 -16.29 39.57 -42.38
CA LYS B 91 -17.55 38.85 -42.44
C LYS B 91 -18.61 39.57 -41.59
N ILE B 92 -19.74 39.88 -42.20
CA ILE B 92 -20.82 40.48 -41.46
C ILE B 92 -21.88 39.43 -41.17
N VAL B 93 -22.05 39.12 -39.90
CA VAL B 93 -22.93 38.05 -39.48
C VAL B 93 -24.17 38.61 -38.80
N LYS B 94 -25.34 38.43 -39.41
CA LYS B 94 -26.57 39.02 -38.86
C LYS B 94 -27.16 38.28 -37.64
N TRP B 95 -27.66 39.04 -36.67
CA TRP B 95 -28.44 38.44 -35.58
C TRP B 95 -29.74 37.85 -36.13
N ASP B 96 -30.04 36.61 -35.78
CA ASP B 96 -31.24 35.94 -36.28
C ASP B 96 -32.49 36.30 -35.47
N ARG B 97 -32.42 37.35 -34.65
CA ARG B 97 -33.55 37.85 -33.85
C ARG B 97 -34.15 36.79 -32.91
N ASP B 98 -33.30 35.88 -32.43
CA ASP B 98 -33.72 34.83 -31.48
C ASP B 98 -34.75 33.91 -32.11
N MET B 99 -34.67 33.71 -33.43
CA MET B 99 -35.49 32.71 -34.10
C MET B 99 -35.39 31.35 -33.43
N GLY C 1 8.20 30.15 1.68
CA GLY C 1 7.98 29.51 2.96
C GLY C 1 8.47 30.32 4.14
N GLN C 2 8.71 29.66 5.26
CA GLN C 2 9.12 30.37 6.49
C GLN C 2 10.43 29.84 7.05
N ASN C 3 10.59 28.53 7.18
CA ASN C 3 11.67 27.99 8.02
C ASN C 3 12.38 26.69 7.60
N ILE C 4 13.72 26.70 7.65
CA ILE C 4 14.55 25.51 7.45
C ILE C 4 15.50 25.27 8.63
N ASP C 5 15.53 24.05 9.16
CA ASP C 5 16.40 23.74 10.29
C ASP C 5 17.32 22.57 10.02
N GLN C 6 18.60 22.81 10.24
CA GLN C 6 19.62 21.79 10.13
C GLN C 6 20.55 22.09 11.28
N PRO C 7 21.13 21.05 11.90
CA PRO C 7 22.05 21.28 13.02
C PRO C 7 23.21 22.25 12.73
N THR C 8 23.62 22.96 13.78
CA THR C 8 24.69 23.92 13.67
C THR C 8 25.99 23.23 13.35
N GLU C 9 26.20 22.06 13.95
CA GLU C 9 27.49 21.39 13.88
C GLU C 9 27.34 19.88 14.13
N MET C 10 28.19 19.09 13.50
CA MET C 10 28.17 17.66 13.74
C MET C 10 29.60 17.17 13.70
N THR C 11 29.93 16.23 14.58
CA THR C 11 31.25 15.64 14.60
C THR C 11 31.13 14.10 14.49
N ALA C 12 31.98 13.50 13.68
CA ALA C 12 31.99 12.06 13.49
C ALA C 12 33.41 11.62 13.22
N THR C 13 33.60 10.31 13.18
CA THR C 13 34.93 9.75 13.07
C THR C 13 35.22 9.36 11.64
N GLU C 14 36.45 9.64 11.24
CA GLU C 14 37.04 9.20 10.01
C GLU C 14 36.73 7.72 9.77
N GLY C 15 36.37 7.36 8.54
CA GLY C 15 36.02 6.00 8.20
C GLY C 15 34.56 5.61 8.43
N ALA C 16 33.86 6.37 9.27
CA ALA C 16 32.47 6.03 9.64
C ALA C 16 31.43 6.76 8.79
N ILE C 17 30.26 6.98 9.38
CA ILE C 17 29.10 7.48 8.67
C ILE C 17 28.53 8.70 9.40
N VAL C 18 28.03 9.69 8.65
CA VAL C 18 27.24 10.74 9.32
C VAL C 18 25.99 11.08 8.52
N GLN C 19 24.90 11.31 9.24
CA GLN C 19 23.66 11.74 8.61
C GLN C 19 23.33 13.18 9.00
N ILE C 20 23.18 14.06 8.01
CA ILE C 20 22.84 15.46 8.30
C ILE C 20 21.37 15.75 7.96
N ASN C 21 20.57 16.01 8.98
CA ASN C 21 19.15 16.23 8.77
C ASN C 21 18.82 17.66 8.38
N CYS C 22 17.77 17.81 7.58
CA CYS C 22 17.23 19.11 7.28
C CYS C 22 15.72 19.04 7.29
N THR C 23 15.06 19.72 8.22
CA THR C 23 13.61 19.82 8.14
C THR C 23 13.18 21.22 7.61
N TYR C 24 12.04 21.29 6.93
CA TYR C 24 11.54 22.54 6.36
C TYR C 24 10.05 22.68 6.60
N GLN C 25 9.62 23.91 6.89
CA GLN C 25 8.23 24.29 6.92
C GLN C 25 8.10 25.44 5.94
N THR C 26 7.60 25.15 4.74
CA THR C 26 7.52 26.13 3.69
C THR C 26 6.10 26.21 3.17
N SER C 27 5.78 27.31 2.51
CA SER C 27 4.54 27.42 1.77
C SER C 27 4.79 26.91 0.36
N GLY C 28 4.51 25.63 0.16
CA GLY C 28 4.77 25.00 -1.12
C GLY C 28 6.16 24.41 -1.18
N PHE C 29 6.35 23.50 -2.12
CA PHE C 29 7.61 22.79 -2.20
C PHE C 29 7.90 22.47 -3.66
N ASN C 30 9.10 22.81 -4.10
CA ASN C 30 9.50 22.62 -5.49
C ASN C 30 10.88 22.01 -5.56
N GLY C 31 11.33 21.43 -4.45
CA GLY C 31 12.59 20.71 -4.42
C GLY C 31 13.51 21.14 -3.30
N LEU C 32 14.39 20.22 -2.88
CA LEU C 32 15.35 20.48 -1.83
C LEU C 32 16.77 20.21 -2.34
N PHE C 33 17.66 21.17 -2.08
CA PHE C 33 19.05 21.15 -2.53
C PHE C 33 20.00 20.93 -1.36
N TRP C 34 21.10 20.24 -1.60
CA TRP C 34 22.23 20.28 -0.68
C TRP C 34 23.45 20.85 -1.40
N TYR C 35 24.18 21.71 -0.69
CA TYR C 35 25.41 22.32 -1.17
C TYR C 35 26.56 22.02 -0.21
N GLN C 36 27.74 21.75 -0.73
CA GLN C 36 28.92 21.65 0.13
C GLN C 36 29.67 22.99 0.10
N GLN C 37 30.12 23.48 1.25
CA GLN C 37 30.96 24.67 1.26
C GLN C 37 32.18 24.51 2.18
N HIS C 38 33.34 24.32 1.58
CA HIS C 38 34.60 24.31 2.33
C HIS C 38 34.93 25.69 2.87
N ALA C 39 35.63 25.72 4.00
CA ALA C 39 35.92 26.98 4.69
C ALA C 39 36.67 27.90 3.75
N GLY C 40 36.20 29.13 3.62
CA GLY C 40 36.82 30.09 2.72
C GLY C 40 36.52 29.85 1.25
N GLU C 41 35.61 28.93 0.93
CA GLU C 41 35.30 28.66 -0.48
C GLU C 41 33.86 29.00 -0.84
N ALA C 42 33.49 28.84 -2.11
CA ALA C 42 32.11 28.94 -2.56
C ALA C 42 31.32 27.63 -2.36
N PRO C 43 30.01 27.74 -2.10
CA PRO C 43 29.18 26.52 -2.09
C PRO C 43 29.21 25.89 -3.48
N THR C 44 29.21 24.55 -3.52
CA THR C 44 29.08 23.81 -4.76
C THR C 44 27.89 22.86 -4.61
N PHE C 45 27.14 22.68 -5.68
CA PHE C 45 25.92 21.87 -5.64
C PHE C 45 26.24 20.41 -5.36
N LEU C 46 25.55 19.79 -4.40
CA LEU C 46 25.75 18.35 -4.13
C LEU C 46 24.58 17.50 -4.63
N SER C 47 23.36 17.90 -4.31
CA SER C 47 22.20 17.06 -4.61
C SER C 47 20.91 17.85 -4.72
N TYR C 48 19.94 17.26 -5.42
CA TYR C 48 18.56 17.74 -5.51
C TYR C 48 17.54 16.61 -5.36
N ASN C 49 16.55 16.80 -4.49
CA ASN C 49 15.41 15.86 -4.41
C ASN C 49 14.13 16.65 -4.50
N VAL C 50 13.12 16.08 -5.17
CA VAL C 50 11.80 16.68 -5.16
C VAL C 50 10.67 15.67 -4.95
N LEU C 51 10.88 14.40 -5.35
CA LEU C 51 9.97 13.30 -4.94
C LEU C 51 10.60 12.42 -3.86
N ASP C 52 9.79 11.53 -3.28
CA ASP C 52 10.25 10.65 -2.20
C ASP C 52 11.24 9.61 -2.65
N GLY C 53 12.29 9.46 -1.87
CA GLY C 53 13.28 8.44 -2.16
C GLY C 53 14.69 8.87 -1.81
N LEU C 54 15.63 8.04 -2.21
CA LEU C 54 17.03 8.23 -1.87
C LEU C 54 17.84 8.21 -3.15
N GLU C 55 18.74 9.16 -3.32
CA GLU C 55 19.65 9.15 -4.45
C GLU C 55 21.09 9.09 -3.99
N GLU C 56 21.84 8.16 -4.56
CA GLU C 56 23.25 8.00 -4.25
C GLU C 56 24.15 8.56 -5.34
N LYS C 57 25.11 9.38 -4.96
CA LYS C 57 26.18 9.85 -5.84
C LYS C 57 27.51 9.57 -5.15
N GLY C 58 28.10 8.42 -5.43
CA GLY C 58 29.34 8.03 -4.79
C GLY C 58 29.15 7.78 -3.31
N ARG C 59 29.93 8.47 -2.48
CA ARG C 59 29.84 8.31 -1.03
C ARG C 59 28.68 9.12 -0.42
N PHE C 60 28.03 9.95 -1.23
CA PHE C 60 26.98 10.83 -0.73
C PHE C 60 25.61 10.38 -1.22
N SER C 61 24.64 10.37 -0.32
CA SER C 61 23.28 10.07 -0.67
C SER C 61 22.39 11.12 -0.11
N SER C 62 21.32 11.42 -0.84
CA SER C 62 20.32 12.36 -0.39
C SER C 62 18.96 11.74 -0.35
N PHE C 63 18.26 11.95 0.77
CA PHE C 63 16.94 11.35 0.98
C PHE C 63 15.87 12.41 1.16
N LEU C 64 14.68 12.16 0.61
CA LEU C 64 13.58 13.09 0.85
C LEU C 64 12.28 12.37 1.24
N SER C 65 11.64 12.90 2.27
CA SER C 65 10.26 12.53 2.56
C SER C 65 9.41 13.78 2.55
N ARG C 66 8.52 13.88 1.57
CA ARG C 66 7.71 15.09 1.43
C ARG C 66 6.65 15.13 2.50
N SER C 67 6.24 13.96 2.95
CA SER C 67 5.17 13.82 3.93
C SER C 67 5.61 14.35 5.30
N LYS C 68 6.90 14.19 5.58
CA LYS C 68 7.46 14.59 6.85
C LYS C 68 8.26 15.90 6.81
N GLY C 69 8.39 16.52 5.64
CA GLY C 69 9.10 17.78 5.51
C GLY C 69 10.54 17.60 5.94
N TYR C 70 11.16 16.57 5.39
CA TYR C 70 12.38 16.05 5.95
C TYR C 70 13.33 15.60 4.85
N SER C 71 14.58 16.00 4.94
CA SER C 71 15.63 15.41 4.12
C SER C 71 16.88 15.08 4.96
N TYR C 72 17.68 14.10 4.54
CA TYR C 72 19.02 14.05 5.08
C TYR C 72 20.05 13.91 3.98
N LEU C 73 21.26 14.34 4.30
CA LEU C 73 22.42 14.08 3.49
C LEU C 73 23.29 13.08 4.22
N LEU C 74 23.55 11.96 3.56
CA LEU C 74 24.25 10.84 4.19
C LEU C 74 25.64 10.71 3.57
N LEU C 75 26.69 10.74 4.38
CA LEU C 75 28.06 10.56 3.87
C LEU C 75 28.66 9.27 4.44
N LYS C 76 29.15 8.38 3.57
CA LYS C 76 29.75 7.13 4.02
C LYS C 76 31.27 7.16 3.88
N GLU C 77 31.93 6.27 4.62
CA GLU C 77 33.38 6.19 4.58
C GLU C 77 34.04 7.59 4.68
N LEU C 78 33.67 8.32 5.73
CA LEU C 78 34.14 9.67 5.99
C LEU C 78 35.65 9.86 5.84
N GLN C 79 36.02 10.94 5.18
CA GLN C 79 37.42 11.31 5.02
C GLN C 79 37.61 12.71 5.58
N MET C 80 38.83 13.06 5.95
CA MET C 80 39.13 14.38 6.49
C MET C 80 38.61 15.46 5.53
N LYS C 81 38.81 15.23 4.23
CA LYS C 81 38.43 16.21 3.22
C LYS C 81 36.90 16.48 3.16
N ASP C 82 36.12 15.70 3.90
CA ASP C 82 34.67 15.95 4.00
C ASP C 82 34.35 17.03 5.02
N SER C 83 35.38 17.45 5.77
CA SER C 83 35.23 18.60 6.68
C SER C 83 34.85 19.83 5.87
N ALA C 84 33.71 20.44 6.20
CA ALA C 84 33.11 21.48 5.37
C ALA C 84 31.77 21.80 5.96
N SER C 85 31.13 22.86 5.47
CA SER C 85 29.73 23.14 5.80
C SER C 85 28.81 22.58 4.73
N TYR C 86 27.65 22.10 5.17
CA TYR C 86 26.65 21.55 4.26
C TYR C 86 25.41 22.36 4.41
N LEU C 87 24.94 22.90 3.29
CA LEU C 87 23.87 23.87 3.31
C LEU C 87 22.66 23.22 2.71
N CYS C 88 21.57 23.31 3.45
CA CYS C 88 20.29 22.80 3.00
C CYS C 88 19.44 23.97 2.48
N ALA C 89 18.80 23.81 1.31
CA ALA C 89 17.96 24.87 0.74
C ALA C 89 16.74 24.32 0.01
N VAL C 90 15.58 24.90 0.31
CA VAL C 90 14.32 24.51 -0.25
C VAL C 90 13.72 25.60 -1.17
N LYS C 91 13.24 25.20 -2.34
CA LYS C 91 12.47 26.12 -3.20
C LYS C 91 11.00 26.12 -2.84
N ASP C 92 10.42 27.30 -2.62
CA ASP C 92 9.02 27.34 -2.22
C ASP C 92 8.07 27.45 -3.41
N SER C 93 6.79 27.68 -3.15
CA SER C 93 5.76 27.86 -4.18
C SER C 93 6.09 28.88 -5.24
N ASN C 94 6.82 29.91 -4.84
CA ASN C 94 7.07 31.00 -5.75
C ASN C 94 8.51 30.90 -6.22
N TYR C 95 9.06 29.69 -6.12
CA TYR C 95 10.38 29.34 -6.65
C TYR C 95 11.51 30.13 -6.01
N GLN C 96 11.28 30.63 -4.80
CA GLN C 96 12.36 31.25 -4.03
C GLN C 96 13.11 30.24 -3.16
N LEU C 97 14.43 30.39 -3.13
CA LEU C 97 15.32 29.58 -2.31
C LEU C 97 15.36 30.00 -0.86
N ILE C 98 14.92 29.12 0.05
CA ILE C 98 15.08 29.38 1.47
C ILE C 98 16.21 28.53 2.08
N TRP C 99 17.20 29.23 2.60
CA TRP C 99 18.46 28.65 3.00
C TRP C 99 18.54 28.40 4.48
N GLY C 100 18.86 27.18 4.87
CA GLY C 100 19.22 26.94 6.25
C GLY C 100 20.60 27.50 6.52
N ALA C 101 20.95 27.62 7.80
CA ALA C 101 22.20 28.28 8.22
C ALA C 101 23.44 27.38 8.11
N GLY C 102 23.29 26.18 7.55
CA GLY C 102 24.44 25.32 7.36
C GLY C 102 24.73 24.46 8.59
N THR C 103 25.26 23.28 8.31
CA THR C 103 25.84 22.38 9.29
C THR C 103 27.33 22.27 9.06
N LYS C 104 28.14 22.71 10.03
CA LYS C 104 29.58 22.44 9.98
C LYS C 104 29.90 20.98 10.35
N LEU C 105 30.56 20.24 9.45
CA LEU C 105 30.93 18.84 9.76
C LEU C 105 32.38 18.77 10.19
N ILE C 106 32.61 18.29 11.40
CA ILE C 106 33.96 18.07 11.90
C ILE C 106 34.28 16.56 11.90
N ILE C 107 35.42 16.21 11.32
CA ILE C 107 35.85 14.83 11.20
C ILE C 107 37.02 14.56 12.16
N LYS C 108 36.89 13.51 12.97
CA LYS C 108 37.91 13.11 13.93
C LYS C 108 38.83 12.12 13.26
N PRO C 109 40.14 12.42 13.24
CA PRO C 109 41.03 11.47 12.59
C PRO C 109 41.19 10.23 13.47
N ASP C 110 41.47 9.08 12.86
CA ASP C 110 41.69 7.85 13.62
C ASP C 110 43.16 7.75 14.06
N ILE C 111 43.44 8.01 15.34
CA ILE C 111 44.84 8.11 15.79
C ILE C 111 45.32 6.74 16.24
N GLN C 112 46.17 6.10 15.45
CA GLN C 112 46.53 4.72 15.72
C GLN C 112 47.42 4.59 16.96
N ASN C 113 48.35 5.52 17.13
CA ASN C 113 49.26 5.47 18.26
C ASN C 113 49.41 6.80 18.97
N PRO C 114 48.48 7.12 19.87
CA PRO C 114 48.55 8.35 20.67
C PRO C 114 49.89 8.52 21.38
N ASP C 115 50.46 9.72 21.33
CA ASP C 115 51.71 9.99 22.03
C ASP C 115 51.66 11.40 22.61
N PRO C 116 50.65 11.70 23.43
CA PRO C 116 50.40 13.06 23.94
C PRO C 116 51.65 13.74 24.53
N ALA C 117 51.89 15.00 24.15
CA ALA C 117 53.10 15.72 24.55
C ALA C 117 53.00 17.26 24.37
N VAL C 118 53.74 18.00 25.19
CA VAL C 118 53.81 19.44 25.06
C VAL C 118 55.26 19.90 24.87
N TYR C 119 55.59 20.37 23.67
CA TYR C 119 56.94 20.78 23.34
C TYR C 119 57.07 22.29 23.33
N GLN C 120 58.27 22.78 23.62
CA GLN C 120 58.56 24.21 23.57
C GLN C 120 59.27 24.53 22.28
N LEU C 121 58.74 25.47 21.51
CA LEU C 121 59.44 25.90 20.32
C LEU C 121 59.98 27.33 20.52
N ARG C 122 61.24 27.55 20.16
CA ARG C 122 61.82 28.89 20.26
C ARG C 122 61.89 29.52 18.88
N ASP C 123 61.70 30.84 18.86
CA ASP C 123 61.77 31.68 17.67
C ASP C 123 63.10 31.51 16.94
N SER C 124 63.06 31.63 15.61
CA SER C 124 64.27 31.67 14.80
C SER C 124 65.14 32.88 15.14
N LYS C 125 64.61 34.08 14.99
CA LYS C 125 65.35 35.30 15.27
C LYS C 125 65.09 35.82 16.68
N SER C 130 57.63 33.18 23.33
CA SER C 130 57.70 32.04 22.41
C SER C 130 56.54 31.04 22.61
N VAL C 131 56.65 29.88 21.97
CA VAL C 131 55.50 29.02 21.65
C VAL C 131 55.48 27.58 22.20
N CYS C 132 54.30 27.12 22.60
CA CYS C 132 54.06 25.77 23.10
C CYS C 132 53.16 24.94 22.16
N LEU C 133 53.51 23.68 21.98
CA LEU C 133 52.79 22.79 21.07
C LEU C 133 52.27 21.52 21.77
N PHE C 134 50.94 21.46 21.95
CA PHE C 134 50.26 20.26 22.44
C PHE C 134 49.99 19.42 21.20
N THR C 135 50.55 18.22 21.15
CA THR C 135 50.45 17.41 19.95
C THR C 135 50.41 15.89 20.19
N ASP C 136 50.00 15.18 19.15
CA ASP C 136 49.98 13.72 19.06
C ASP C 136 49.02 13.04 20.03
N PHE C 137 48.09 13.80 20.59
CA PHE C 137 47.03 13.21 21.40
C PHE C 137 45.95 12.56 20.53
N ASP C 138 45.18 11.67 21.14
CA ASP C 138 44.03 11.04 20.49
C ASP C 138 42.86 12.00 20.36
N SER C 139 41.97 11.71 19.42
CA SER C 139 40.96 12.64 18.99
C SER C 139 39.82 12.87 19.97
N GLN C 140 39.81 12.21 21.12
CA GLN C 140 38.74 12.44 22.07
C GLN C 140 39.11 13.60 22.98
N THR C 141 40.40 13.90 23.03
CA THR C 141 40.89 15.05 23.77
C THR C 141 40.31 16.34 23.22
N ASN C 142 39.84 17.22 24.10
CA ASN C 142 39.38 18.54 23.67
C ASN C 142 40.27 19.65 24.23
N VAL C 143 40.49 20.70 23.43
CA VAL C 143 41.35 21.82 23.82
C VAL C 143 40.52 23.04 24.20
N SER C 144 40.59 23.45 25.46
CA SER C 144 39.86 24.62 25.95
C SER C 144 40.67 25.91 25.79
N GLN C 145 39.97 27.04 25.69
CA GLN C 145 40.63 28.35 25.60
C GLN C 145 41.22 28.76 26.94
N SER C 146 41.93 29.88 26.92
CA SER C 146 42.63 30.34 28.11
C SER C 146 41.77 31.28 28.95
N LYS C 147 42.09 31.32 30.25
CA LYS C 147 41.48 32.27 31.16
C LYS C 147 42.28 33.58 31.16
N ASP C 148 43.52 33.50 31.63
CA ASP C 148 44.44 34.65 31.59
C ASP C 148 44.67 35.07 30.14
N SER C 149 44.42 36.33 29.82
CA SER C 149 44.59 36.79 28.45
C SER C 149 45.88 37.59 28.29
N ASP C 150 46.15 37.98 27.03
CA ASP C 150 47.52 38.12 26.52
C ASP C 150 48.15 36.72 26.51
N VAL C 151 47.29 35.69 26.60
CA VAL C 151 47.66 34.28 26.45
C VAL C 151 46.72 33.58 25.47
N TYR C 152 47.27 33.09 24.37
CA TYR C 152 46.47 32.64 23.25
C TYR C 152 46.60 31.16 22.96
N ILE C 153 45.44 30.48 22.87
CA ILE C 153 45.39 29.05 22.57
C ILE C 153 44.49 28.75 21.37
N THR C 154 45.04 28.07 20.37
CA THR C 154 44.27 27.79 19.17
C THR C 154 43.49 26.49 19.29
N ASP C 155 42.56 26.27 18.36
CA ASP C 155 41.81 25.02 18.36
C ASP C 155 42.67 23.86 17.84
N LYS C 156 42.19 22.63 18.08
CA LYS C 156 42.81 21.44 17.51
C LYS C 156 42.95 21.58 16.02
N CYS C 157 44.05 21.10 15.48
CA CYS C 157 44.25 21.14 14.05
C CYS C 157 44.86 19.82 13.62
N VAL C 158 44.27 19.16 12.62
CA VAL C 158 44.76 17.87 12.12
C VAL C 158 45.70 18.03 10.94
N LEU C 159 46.94 17.57 11.07
CA LEU C 159 47.84 17.58 9.92
C LEU C 159 47.99 16.17 9.37
N ASP C 160 48.26 16.07 8.07
CA ASP C 160 48.42 14.78 7.39
C ASP C 160 49.77 14.69 6.65
N MET C 161 50.70 13.93 7.21
CA MET C 161 51.93 13.61 6.50
C MET C 161 51.65 12.48 5.51
N ARG C 162 51.28 12.86 4.29
CA ARG C 162 50.77 11.92 3.29
C ARG C 162 51.72 10.76 3.00
N SER C 163 53.01 11.05 2.81
CA SER C 163 53.98 10.05 2.40
C SER C 163 54.28 9.01 3.48
N MET C 164 53.88 9.30 4.71
CA MET C 164 54.09 8.34 5.80
C MET C 164 52.77 7.78 6.32
N ASP C 165 51.66 8.12 5.65
CA ASP C 165 50.32 7.68 6.04
C ASP C 165 50.09 7.85 7.55
N PHE C 166 50.24 9.09 8.00
CA PHE C 166 50.24 9.44 9.41
C PHE C 166 49.50 10.77 9.63
N LYS C 167 48.53 10.77 10.52
CA LYS C 167 47.82 12.00 10.86
C LYS C 167 48.11 12.30 12.32
N SER C 168 48.06 13.58 12.71
CA SER C 168 48.19 13.94 14.12
C SER C 168 47.46 15.22 14.45
N ASN C 169 46.90 15.25 15.65
CA ASN C 169 46.28 16.46 16.21
C ASN C 169 47.32 17.37 16.82
N SER C 170 47.05 18.67 16.79
CA SER C 170 47.83 19.58 17.62
C SER C 170 47.11 20.90 17.88
N ALA C 171 47.58 21.59 18.91
CA ALA C 171 47.10 22.92 19.25
C ALA C 171 48.29 23.77 19.72
N VAL C 172 48.29 25.05 19.36
CA VAL C 172 49.37 25.94 19.76
C VAL C 172 48.94 26.91 20.89
N ALA C 173 49.89 27.22 21.76
CA ALA C 173 49.72 28.19 22.83
C ALA C 173 50.92 29.15 22.92
N TRP C 174 50.66 30.46 23.01
CA TRP C 174 51.77 31.41 23.17
C TRP C 174 51.43 32.61 24.04
N SER C 175 52.47 33.30 24.53
CA SER C 175 52.32 34.51 25.34
C SER C 175 53.64 35.22 25.67
N ASN C 176 53.54 36.13 26.65
CA ASN C 176 54.68 36.88 27.18
C ASN C 176 54.61 37.05 28.70
N ASP C 179 56.86 34.91 32.62
CA ASP C 179 55.85 34.28 33.47
C ASP C 179 55.27 32.99 32.85
N PHE C 180 54.80 33.10 31.60
CA PHE C 180 54.17 32.00 30.87
C PHE C 180 55.05 30.76 30.77
N ALA C 181 54.46 29.58 30.94
CA ALA C 181 55.23 28.35 30.85
C ALA C 181 54.46 27.22 30.19
N CYS C 182 55.15 26.44 29.37
CA CYS C 182 54.54 25.32 28.65
C CYS C 182 53.93 24.30 29.58
N ALA C 183 54.53 24.15 30.75
CA ALA C 183 54.00 23.26 31.79
C ALA C 183 52.63 23.69 32.18
N ASN C 184 52.38 24.98 32.17
CA ASN C 184 51.13 25.55 32.60
C ASN C 184 50.13 25.70 31.46
N ALA C 185 50.65 25.62 30.25
CA ALA C 185 49.99 26.19 29.07
C ALA C 185 48.57 25.69 28.86
N PHE C 186 48.38 24.41 29.07
CA PHE C 186 47.10 23.79 28.76
C PHE C 186 46.34 23.33 30.01
N ASN C 187 46.54 24.05 31.12
CA ASN C 187 45.85 23.74 32.37
C ASN C 187 44.33 23.88 32.26
N ASN C 188 43.87 24.86 31.51
CA ASN C 188 42.44 25.10 31.33
C ASN C 188 41.73 23.93 30.63
N SER C 189 42.53 23.02 30.06
CA SER C 189 42.01 21.88 29.31
C SER C 189 42.30 20.57 30.02
N ILE C 190 41.49 19.55 29.78
CA ILE C 190 41.71 18.27 30.45
C ILE C 190 42.47 17.32 29.50
N ILE C 191 43.76 17.15 29.79
CA ILE C 191 44.69 16.45 28.91
C ILE C 191 45.04 15.05 29.41
N PRO C 192 45.46 14.14 28.51
CA PRO C 192 45.80 12.77 28.91
C PRO C 192 46.75 12.71 30.10
N GLU C 193 46.48 11.81 31.06
CA GLU C 193 47.30 11.69 32.28
C GLU C 193 48.77 11.47 31.96
N ASP C 194 49.04 10.66 30.94
CA ASP C 194 50.41 10.27 30.58
C ASP C 194 51.10 11.24 29.62
N THR C 195 50.62 12.48 29.52
CA THR C 195 51.17 13.47 28.59
C THR C 195 52.64 13.77 28.88
N PHE C 196 53.50 13.56 27.89
CA PHE C 196 54.95 13.77 28.02
C PHE C 196 55.38 15.23 28.11
N PHE C 197 55.93 15.61 29.26
CA PHE C 197 56.43 16.96 29.48
C PHE C 197 57.95 16.99 29.61
N PRO C 198 58.66 17.22 28.49
CA PRO C 198 60.13 17.27 28.45
C PRO C 198 60.72 18.32 29.41
N SER C 199 61.72 17.92 30.19
CA SER C 199 62.33 18.78 31.20
C SER C 199 63.28 19.80 30.56
N GLY D 3 32.89 28.93 -13.83
CA GLY D 3 31.99 29.60 -14.76
C GLY D 3 31.48 30.97 -14.30
N VAL D 4 31.48 31.21 -13.00
CA VAL D 4 31.11 32.53 -12.46
C VAL D 4 32.31 33.28 -11.93
N THR D 5 32.58 34.44 -12.55
CA THR D 5 33.73 35.26 -12.19
C THR D 5 33.35 36.54 -11.47
N GLN D 6 33.95 36.73 -10.30
CA GLN D 6 33.51 37.74 -9.36
C GLN D 6 34.71 38.50 -8.82
N THR D 7 34.61 39.84 -8.74
CA THR D 7 35.68 40.67 -8.20
C THR D 7 35.16 41.82 -7.34
N PRO D 8 35.96 42.24 -6.33
CA PRO D 8 37.30 41.76 -5.93
C PRO D 8 37.20 40.65 -4.89
N LYS D 9 38.27 39.88 -4.62
CA LYS D 9 38.10 38.86 -3.58
C LYS D 9 38.18 39.52 -2.21
N PHE D 10 38.94 40.60 -2.11
CA PHE D 10 39.04 41.36 -0.86
C PHE D 10 38.90 42.87 -1.11
N GLN D 11 38.33 43.57 -0.14
CA GLN D 11 38.21 45.01 -0.20
C GLN D 11 38.09 45.56 1.22
N VAL D 12 38.85 46.61 1.52
CA VAL D 12 38.65 47.41 2.72
C VAL D 12 37.92 48.68 2.31
N LEU D 13 36.94 49.09 3.10
CA LEU D 13 36.20 50.30 2.80
C LEU D 13 36.12 51.19 4.02
N LYS D 14 36.23 52.49 3.80
CA LYS D 14 35.89 53.51 4.80
C LYS D 14 34.38 53.76 4.72
N THR D 15 33.73 53.96 5.85
CA THR D 15 32.31 54.31 5.86
C THR D 15 32.01 55.46 4.90
N GLY D 16 30.89 55.35 4.16
CA GLY D 16 30.48 56.37 3.21
C GLY D 16 31.10 56.23 1.83
N GLN D 17 32.19 55.45 1.72
CA GLN D 17 32.72 55.14 0.39
C GLN D 17 31.64 54.41 -0.40
N SER D 18 31.66 54.58 -1.71
CA SER D 18 30.81 53.79 -2.55
C SER D 18 31.69 52.69 -3.11
N MET D 19 31.08 51.61 -3.58
CA MET D 19 31.81 50.45 -4.03
C MET D 19 30.96 49.69 -5.07
N THR D 20 31.58 49.26 -6.17
CA THR D 20 30.89 48.34 -7.07
C THR D 20 31.57 46.96 -7.08
N LEU D 21 30.77 45.92 -6.90
CA LEU D 21 31.27 44.56 -7.10
C LEU D 21 30.85 44.05 -8.46
N GLN D 22 31.76 43.42 -9.18
CA GLN D 22 31.41 42.90 -10.47
C GLN D 22 31.31 41.38 -10.51
N CYS D 23 30.35 40.91 -11.29
CA CYS D 23 30.14 39.50 -11.53
C CYS D 23 29.81 39.23 -13.01
N ALA D 24 30.52 38.30 -13.61
CA ALA D 24 30.26 37.92 -14.99
C ALA D 24 30.12 36.42 -15.05
N GLN D 25 29.35 35.95 -16.02
CA GLN D 25 29.02 34.56 -16.13
C GLN D 25 28.95 34.21 -17.62
N ASP D 26 29.71 33.20 -18.04
CA ASP D 26 29.77 32.81 -19.43
C ASP D 26 29.13 31.44 -19.65
N MET D 27 27.99 31.21 -19.01
CA MET D 27 27.35 29.90 -19.17
C MET D 27 26.04 30.08 -19.92
N ASN D 28 25.83 31.31 -20.36
CA ASN D 28 24.62 31.74 -21.01
C ASN D 28 23.42 31.46 -20.14
N HIS D 29 23.62 31.69 -18.85
CA HIS D 29 22.55 31.60 -17.88
C HIS D 29 21.71 32.83 -17.94
N ASN D 30 20.42 32.67 -17.64
CA ASN D 30 19.53 33.81 -17.68
C ASN D 30 19.36 34.53 -16.35
N SER D 31 19.54 33.81 -15.25
CA SER D 31 19.25 34.38 -13.92
C SER D 31 20.52 34.65 -13.14
N MET D 32 20.61 35.78 -12.45
CA MET D 32 21.77 36.03 -11.61
C MET D 32 21.33 36.56 -10.27
N TYR D 33 22.21 36.40 -9.28
CA TYR D 33 21.85 36.65 -7.90
C TYR D 33 23.03 37.24 -7.16
N TRP D 34 22.72 38.05 -6.15
CA TRP D 34 23.72 38.50 -5.20
C TRP D 34 23.30 38.16 -3.78
N TYR D 35 24.18 37.44 -3.08
CA TYR D 35 23.92 36.99 -1.72
C TYR D 35 24.93 37.61 -0.80
N ARG D 36 24.55 37.82 0.46
CA ARG D 36 25.59 38.01 1.46
C ARG D 36 25.52 36.83 2.40
N GLN D 37 26.66 36.44 2.95
CA GLN D 37 26.76 35.34 3.90
C GLN D 37 27.37 35.83 5.22
N ASP D 38 26.59 35.78 6.28
CA ASP D 38 27.03 36.18 7.60
C ASP D 38 26.95 35.01 8.57
N PRO D 39 27.87 34.95 9.54
CA PRO D 39 27.89 33.84 10.51
C PRO D 39 26.55 33.62 11.23
N GLY D 40 26.12 32.36 11.31
CA GLY D 40 24.96 31.99 12.08
C GLY D 40 23.63 32.16 11.36
N MET D 41 23.68 32.46 10.07
CA MET D 41 22.44 32.49 9.32
C MET D 41 22.62 31.94 7.91
N GLY D 42 21.51 31.65 7.25
CA GLY D 42 21.58 31.16 5.89
C GLY D 42 21.85 32.33 4.96
N LEU D 43 22.25 32.00 3.74
CA LEU D 43 22.50 32.96 2.70
C LEU D 43 21.33 33.91 2.57
N ARG D 44 21.59 35.21 2.43
CA ARG D 44 20.50 36.13 2.23
C ARG D 44 20.62 36.84 0.90
N LEU D 45 19.49 36.84 0.19
CA LEU D 45 19.43 37.37 -1.15
C LEU D 45 19.30 38.88 -1.09
N ILE D 46 20.21 39.57 -1.75
CA ILE D 46 20.21 41.05 -1.71
C ILE D 46 19.31 41.60 -2.82
N TYR D 47 19.72 41.35 -4.05
CA TYR D 47 18.92 41.56 -5.25
C TYR D 47 19.11 40.34 -6.18
N TYR D 48 18.18 40.19 -7.12
CA TYR D 48 18.33 39.19 -8.16
C TYR D 48 17.83 39.73 -9.48
N SER D 49 18.10 38.95 -10.52
CA SER D 49 17.73 39.31 -11.88
C SER D 49 17.24 38.06 -12.63
N ALA D 50 15.92 37.95 -12.81
CA ALA D 50 15.35 36.68 -13.31
C ALA D 50 15.77 36.42 -14.75
N SER D 51 15.95 37.48 -15.52
CA SER D 51 16.50 37.36 -16.87
C SER D 51 17.01 38.72 -17.30
N GLU D 52 17.67 38.74 -18.44
CA GLU D 52 18.15 39.99 -19.01
C GLU D 52 17.01 40.98 -19.03
N GLY D 53 17.23 42.18 -18.51
CA GLY D 53 16.26 43.25 -18.68
C GLY D 53 15.29 43.41 -17.53
N THR D 54 15.54 42.71 -16.43
CA THR D 54 14.77 42.91 -15.22
C THR D 54 15.58 42.52 -13.98
N THR D 55 15.31 43.24 -12.90
CA THR D 55 15.93 42.96 -11.63
C THR D 55 14.86 43.19 -10.58
N ASP D 56 15.07 42.68 -9.37
CA ASP D 56 14.16 42.97 -8.27
C ASP D 56 14.83 42.80 -6.92
N LYS D 57 14.28 43.48 -5.93
CA LYS D 57 14.70 43.38 -4.54
C LYS D 57 14.70 41.92 -4.07
N GLY D 58 15.72 41.52 -3.32
CA GLY D 58 15.67 40.27 -2.59
C GLY D 58 15.16 40.50 -1.16
N GLU D 59 15.83 39.88 -0.20
CA GLU D 59 15.41 39.97 1.18
C GLU D 59 16.04 41.18 1.91
N VAL D 60 17.29 41.51 1.59
CA VAL D 60 17.97 42.61 2.28
C VAL D 60 18.52 43.67 1.30
N PRO D 61 17.62 44.34 0.57
CA PRO D 61 18.05 45.30 -0.47
C PRO D 61 18.62 46.63 0.03
N ASN D 62 18.31 47.07 1.25
CA ASN D 62 18.65 48.42 1.70
C ASN D 62 20.14 48.70 1.81
N GLY D 63 20.61 49.76 1.17
CA GLY D 63 22.03 50.10 1.17
C GLY D 63 22.67 49.62 -0.13
N TYR D 64 21.89 48.89 -0.92
CA TYR D 64 22.43 48.37 -2.17
C TYR D 64 21.57 48.69 -3.36
N ASN D 65 22.15 48.51 -4.53
CA ASN D 65 21.34 48.41 -5.72
C ASN D 65 22.18 47.67 -6.73
N VAL D 66 21.59 47.34 -7.86
CA VAL D 66 22.24 46.47 -8.84
C VAL D 66 21.92 46.93 -10.23
N SER D 67 22.68 46.45 -11.19
CA SER D 67 22.22 46.59 -12.55
C SER D 67 22.60 45.36 -13.33
N ARG D 68 21.62 44.83 -14.04
CA ARG D 68 21.83 43.79 -15.01
C ARG D 68 22.30 44.48 -16.30
N LEU D 69 23.62 44.54 -16.49
CA LEU D 69 24.25 45.26 -17.62
C LEU D 69 23.93 44.63 -18.97
N ASN D 70 23.94 43.30 -18.99
CA ASN D 70 23.68 42.52 -20.18
C ASN D 70 23.39 41.09 -19.73
N LYS D 71 23.39 40.14 -20.65
CA LYS D 71 23.10 38.77 -20.26
C LYS D 71 24.21 38.22 -19.32
N ARG D 72 25.45 38.62 -19.56
CA ARG D 72 26.59 38.08 -18.82
C ARG D 72 26.81 38.67 -17.42
N GLU D 73 26.46 39.94 -17.22
CA GLU D 73 26.95 40.69 -16.06
C GLU D 73 25.88 41.33 -15.17
N PHE D 74 26.14 41.25 -13.87
CA PHE D 74 25.23 41.67 -12.82
C PHE D 74 26.06 42.39 -11.76
N SER D 75 25.94 43.72 -11.69
CA SER D 75 26.78 44.50 -10.79
C SER D 75 26.11 44.74 -9.48
N LEU D 76 26.91 44.79 -8.43
CA LEU D 76 26.38 45.09 -7.12
C LEU D 76 27.02 46.36 -6.61
N ARG D 77 26.19 47.32 -6.20
CA ARG D 77 26.68 48.59 -5.70
C ARG D 77 26.36 48.82 -4.24
N LEU D 78 27.37 49.31 -3.51
CA LEU D 78 27.18 49.81 -2.17
C LEU D 78 27.17 51.33 -2.29
N GLU D 79 26.01 51.90 -1.99
CA GLU D 79 25.70 53.31 -2.22
C GLU D 79 26.58 54.19 -1.32
N SER D 80 26.40 53.99 -0.02
CA SER D 80 27.19 54.63 1.02
C SER D 80 27.57 53.57 2.06
N ALA D 81 28.79 53.04 1.94
CA ALA D 81 29.19 51.87 2.70
C ALA D 81 29.05 52.05 4.20
N ALA D 82 28.38 51.09 4.83
CA ALA D 82 28.19 51.09 6.27
C ALA D 82 28.85 49.85 6.88
N PRO D 83 29.31 49.96 8.14
CA PRO D 83 29.92 48.82 8.84
C PRO D 83 29.09 47.54 8.85
N SER D 84 27.77 47.65 8.86
CA SER D 84 26.93 46.45 8.92
C SER D 84 27.01 45.66 7.61
N GLN D 85 27.54 46.32 6.58
CA GLN D 85 27.74 45.70 5.27
C GLN D 85 29.08 44.94 5.17
N THR D 86 29.79 44.86 6.29
CA THR D 86 30.96 44.00 6.38
C THR D 86 30.45 42.54 6.25
N SER D 87 30.85 41.89 5.17
CA SER D 87 30.31 40.57 4.88
C SER D 87 31.09 39.82 3.82
N VAL D 88 30.60 38.63 3.49
CA VAL D 88 31.10 37.87 2.36
C VAL D 88 30.00 37.80 1.33
N TYR D 89 30.30 38.35 0.16
CA TYR D 89 29.33 38.50 -0.91
C TYR D 89 29.52 37.40 -1.93
N PHE D 90 28.42 36.81 -2.37
CA PHE D 90 28.48 35.78 -3.39
C PHE D 90 27.56 36.14 -4.54
N CYS D 91 28.11 36.07 -5.74
CA CYS D 91 27.32 36.18 -6.95
C CYS D 91 27.01 34.77 -7.36
N ALA D 92 25.87 34.59 -8.02
CA ALA D 92 25.48 33.29 -8.51
C ALA D 92 24.60 33.43 -9.72
N SER D 93 24.58 32.41 -10.57
CA SER D 93 23.66 32.34 -11.69
C SER D 93 23.03 30.94 -11.79
N SER D 94 21.87 30.88 -12.44
CA SER D 94 21.29 29.60 -12.81
C SER D 94 20.75 29.76 -14.22
N VAL D 95 20.50 28.66 -14.93
CA VAL D 95 19.98 28.73 -16.30
C VAL D 95 18.67 29.50 -16.33
N TRP D 96 17.74 29.22 -15.45
CA TRP D 96 16.54 30.02 -15.44
C TRP D 96 16.11 30.24 -14.01
N THR D 97 14.90 30.71 -13.80
CA THR D 97 14.37 30.93 -12.47
C THR D 97 12.94 30.45 -12.53
N GLY D 98 12.59 29.52 -11.69
CA GLY D 98 11.25 28.98 -11.73
C GLY D 98 11.34 27.79 -12.64
N GLU D 99 12.40 27.03 -12.41
CA GLU D 99 12.77 25.76 -13.01
C GLU D 99 12.82 25.18 -11.63
N GLY D 100 12.64 23.90 -11.46
CA GLY D 100 12.67 23.34 -10.13
C GLY D 100 14.02 22.88 -9.70
N SER D 101 14.59 22.07 -10.56
CA SER D 101 15.83 21.44 -10.32
C SER D 101 17.05 22.23 -10.68
N GLY D 102 16.90 23.41 -11.29
CA GLY D 102 18.08 24.14 -11.72
C GLY D 102 18.90 24.65 -10.54
N GLU D 103 20.15 24.24 -10.43
CA GLU D 103 20.95 24.63 -9.27
C GLU D 103 21.66 25.97 -9.46
N LEU D 104 22.21 26.51 -8.38
CA LEU D 104 23.00 27.72 -8.49
C LEU D 104 24.45 27.37 -8.71
N PHE D 105 25.13 28.22 -9.48
CA PHE D 105 26.58 28.20 -9.62
C PHE D 105 27.15 29.44 -8.94
N PHE D 106 28.12 29.30 -8.06
CA PHE D 106 28.57 30.44 -7.25
C PHE D 106 29.92 31.01 -7.65
N GLY D 107 30.05 32.33 -7.60
CA GLY D 107 31.38 32.94 -7.71
C GLY D 107 32.26 32.63 -6.50
N GLU D 108 33.55 32.97 -6.57
CA GLU D 108 34.49 32.71 -5.49
C GLU D 108 34.22 33.53 -4.22
N GLY D 109 33.36 34.54 -4.31
CA GLY D 109 33.05 35.33 -3.14
C GLY D 109 33.92 36.57 -2.95
N SER D 110 33.34 37.59 -2.34
CA SER D 110 34.05 38.85 -2.08
C SER D 110 34.05 39.20 -0.61
N ARG D 111 35.23 39.29 0.00
CA ARG D 111 35.28 39.63 1.41
C ARG D 111 35.40 41.13 1.58
N LEU D 112 34.35 41.73 2.15
CA LEU D 112 34.28 43.19 2.32
C LEU D 112 34.32 43.61 3.79
N THR D 113 35.25 44.48 4.13
CA THR D 113 35.31 45.03 5.48
C THR D 113 35.13 46.55 5.47
N VAL D 114 34.07 47.02 6.12
CA VAL D 114 33.81 48.45 6.24
C VAL D 114 34.17 48.95 7.63
N LEU D 115 35.07 49.95 7.68
CA LEU D 115 35.55 50.57 8.92
C LEU D 115 35.36 52.09 8.95
N GLU D 116 35.12 52.63 10.14
CA GLU D 116 35.04 54.08 10.37
C GLU D 116 36.24 54.82 9.82
N ASP D 117 37.42 54.35 10.19
CA ASP D 117 38.63 54.90 9.61
C ASP D 117 39.61 53.77 9.34
N LEU D 118 40.61 54.04 8.51
CA LEU D 118 41.55 53.02 8.12
C LEU D 118 42.74 52.87 9.07
N LYS D 119 42.67 53.51 10.24
CA LYS D 119 43.82 53.60 11.13
C LYS D 119 44.10 52.33 11.93
N ASN D 120 43.10 51.46 12.09
CA ASN D 120 43.39 50.19 12.75
C ASN D 120 43.80 49.13 11.74
N VAL D 121 43.93 49.47 10.47
CA VAL D 121 44.40 48.45 9.55
C VAL D 121 45.89 48.19 9.78
N PHE D 122 46.25 46.93 10.05
CA PHE D 122 47.64 46.51 10.30
C PHE D 122 47.98 45.19 9.59
N PRO D 123 49.13 45.15 8.90
CA PRO D 123 49.60 43.89 8.31
C PRO D 123 50.06 42.91 9.41
N PRO D 124 50.24 41.62 9.07
CA PRO D 124 50.69 40.75 10.16
C PRO D 124 52.20 40.85 10.40
N GLU D 125 52.61 40.67 11.64
CA GLU D 125 53.97 40.25 11.92
C GLU D 125 54.06 38.73 11.82
N VAL D 126 55.10 38.21 11.18
CA VAL D 126 55.25 36.77 10.99
C VAL D 126 56.52 36.22 11.65
N ALA D 127 56.38 35.09 12.36
CA ALA D 127 57.53 34.45 12.97
C ALA D 127 57.43 32.93 12.86
N VAL D 128 58.55 32.29 12.56
CA VAL D 128 58.61 30.84 12.48
C VAL D 128 59.31 30.30 13.71
N PHE D 129 58.72 29.26 14.29
CA PHE D 129 59.27 28.64 15.49
C PHE D 129 59.76 27.25 15.13
N GLU D 130 61.03 27.01 15.41
CA GLU D 130 61.74 25.80 15.01
C GLU D 130 61.36 24.60 15.88
N PRO D 131 61.44 23.38 15.32
CA PRO D 131 61.13 22.14 16.05
C PRO D 131 61.94 21.99 17.33
N SER D 132 61.28 21.71 18.45
CA SER D 132 62.01 21.38 19.67
C SER D 132 62.71 20.07 19.43
N GLU D 133 63.90 19.89 20.00
CA GLU D 133 64.65 18.70 19.71
C GLU D 133 64.19 17.58 20.65
N ALA D 134 63.38 17.94 21.63
CA ALA D 134 62.67 16.94 22.45
C ALA D 134 61.71 16.12 21.58
N GLU D 135 60.99 16.78 20.69
CA GLU D 135 60.07 16.11 19.77
C GLU D 135 60.82 15.21 18.79
N ILE D 136 61.96 15.68 18.31
CA ILE D 136 62.77 14.92 17.37
C ILE D 136 63.26 13.61 17.99
N SER D 137 63.67 13.67 19.26
CA SER D 137 64.11 12.49 19.98
C SER D 137 62.95 11.54 20.23
N HIS D 138 61.81 12.11 20.62
CA HIS D 138 60.70 11.33 21.08
C HIS D 138 59.86 10.71 19.95
N THR D 139 59.68 11.46 18.86
CA THR D 139 58.81 11.01 17.77
C THR D 139 59.56 10.80 16.46
N GLN D 140 60.79 11.31 16.42
CA GLN D 140 61.57 11.35 15.18
C GLN D 140 60.82 12.11 14.10
N LYS D 141 59.96 13.04 14.52
CA LYS D 141 59.31 13.95 13.61
C LYS D 141 59.60 15.40 14.05
N ALA D 142 59.50 16.34 13.11
CA ALA D 142 59.81 17.74 13.44
C ALA D 142 58.68 18.67 13.04
N THR D 143 58.16 19.42 14.01
CA THR D 143 57.07 20.37 13.75
C THR D 143 57.53 21.82 13.77
N LEU D 144 57.28 22.55 12.67
CA LEU D 144 57.54 23.99 12.60
C LEU D 144 56.23 24.74 12.78
N VAL D 145 56.25 25.82 13.56
CA VAL D 145 55.01 26.56 13.78
C VAL D 145 55.11 28.01 13.26
N CYS D 146 54.15 28.42 12.46
CA CYS D 146 54.12 29.78 11.99
C CYS D 146 53.10 30.63 12.74
N LEU D 147 53.47 31.87 13.08
CA LEU D 147 52.59 32.80 13.79
C LEU D 147 52.46 34.13 13.05
N ALA D 148 51.25 34.44 12.60
CA ALA D 148 50.93 35.74 12.07
C ALA D 148 50.12 36.46 13.12
N THR D 149 50.62 37.60 13.58
CA THR D 149 49.96 38.34 14.65
C THR D 149 49.77 39.82 14.36
N GLY D 150 48.86 40.41 15.12
CA GLY D 150 48.61 41.83 15.08
C GLY D 150 47.96 42.35 13.81
N PHE D 151 47.36 41.48 13.00
CA PHE D 151 46.81 41.97 11.74
C PHE D 151 45.34 42.34 11.85
N TYR D 152 44.93 43.23 10.95
CA TYR D 152 43.57 43.72 10.89
C TYR D 152 43.33 44.42 9.54
N PRO D 153 42.20 44.11 8.88
CA PRO D 153 41.20 43.12 9.24
C PRO D 153 41.66 41.67 9.00
N ASP D 154 40.71 40.74 9.12
CA ASP D 154 41.00 39.32 8.93
C ASP D 154 40.99 39.02 7.44
N HIS D 155 42.09 39.37 6.79
CA HIS D 155 42.25 39.24 5.35
C HIS D 155 43.60 38.59 5.06
N VAL D 156 43.78 37.34 5.46
CA VAL D 156 45.06 36.68 5.23
C VAL D 156 44.93 35.31 4.55
N GLU D 157 46.02 34.87 3.95
CA GLU D 157 46.14 33.56 3.36
C GLU D 157 47.54 33.07 3.68
N LEU D 158 47.64 32.08 4.57
CA LEU D 158 48.93 31.59 4.99
C LEU D 158 49.30 30.39 4.13
N SER D 159 50.58 30.29 3.78
CA SER D 159 51.07 29.15 2.98
C SER D 159 52.47 28.76 3.44
N TRP D 160 52.87 27.51 3.20
CA TRP D 160 54.23 27.06 3.52
C TRP D 160 55.07 26.83 2.25
N TRP D 161 56.34 27.20 2.31
CA TRP D 161 57.23 27.07 1.15
C TRP D 161 58.54 26.40 1.55
N VAL D 162 58.80 25.23 0.95
CA VAL D 162 60.04 24.49 1.23
C VAL D 162 60.92 24.45 -0.02
N ASN D 163 62.10 25.06 0.08
CA ASN D 163 63.05 25.16 -1.02
C ASN D 163 62.42 25.84 -2.22
N GLY D 164 61.76 26.96 -1.96
CA GLY D 164 61.18 27.77 -3.01
C GLY D 164 59.93 27.17 -3.62
N LYS D 165 59.47 26.05 -3.10
CA LYS D 165 58.24 25.43 -3.59
C LYS D 165 57.21 25.32 -2.45
N GLU D 166 55.94 25.62 -2.76
CA GLU D 166 54.87 25.55 -1.75
C GLU D 166 54.47 24.10 -1.47
N VAL D 167 54.31 23.78 -0.19
CA VAL D 167 53.96 22.42 0.23
C VAL D 167 52.60 22.38 0.96
N HIS D 168 51.90 21.26 0.82
CA HIS D 168 50.58 21.07 1.43
C HIS D 168 50.56 19.88 2.37
N SER D 169 51.42 18.91 2.12
CA SER D 169 51.52 17.75 2.98
C SER D 169 52.19 18.12 4.31
N GLY D 170 51.66 17.56 5.40
CA GLY D 170 52.22 17.82 6.73
C GLY D 170 51.87 19.20 7.28
N VAL D 171 50.95 19.88 6.62
CA VAL D 171 50.52 21.23 7.01
C VAL D 171 49.11 21.26 7.62
N CYS D 172 48.94 22.02 8.69
CA CYS D 172 47.60 22.37 9.13
C CYS D 172 47.54 23.82 9.61
N THR D 173 46.60 24.59 9.09
CA THR D 173 46.46 26.00 9.43
C THR D 173 45.09 26.24 10.05
N ASP D 174 45.05 26.98 11.15
CA ASP D 174 43.76 27.25 11.81
C ASP D 174 42.78 27.76 10.78
N PRO D 175 41.57 27.18 10.78
CA PRO D 175 40.50 27.60 9.86
C PRO D 175 40.12 29.08 10.03
N GLN D 176 40.21 29.60 11.25
CA GLN D 176 39.97 31.03 11.45
C GLN D 176 40.85 31.64 12.55
N PRO D 177 41.23 32.92 12.38
CA PRO D 177 42.06 33.66 13.34
C PRO D 177 41.42 33.78 14.72
N LEU D 178 42.22 33.95 15.76
CA LEU D 178 41.62 34.28 17.06
C LEU D 178 41.80 35.78 17.34
N LYS D 179 41.04 36.28 18.30
CA LYS D 179 41.01 37.71 18.59
C LYS D 179 42.04 38.05 19.64
N GLU D 180 42.93 38.98 19.33
CA GLU D 180 43.99 39.27 20.27
C GLU D 180 43.44 40.05 21.46
N GLN D 181 42.33 40.74 21.22
CA GLN D 181 41.62 41.49 22.25
C GLN D 181 40.12 41.17 22.19
N PRO D 182 39.72 40.02 22.75
CA PRO D 182 38.38 39.41 22.64
C PRO D 182 37.25 40.40 22.88
N ALA D 183 37.47 41.37 23.74
CA ALA D 183 36.44 42.29 24.21
C ALA D 183 36.24 43.51 23.29
N LEU D 184 37.27 43.89 22.56
CA LEU D 184 37.17 45.03 21.64
C LEU D 184 36.46 44.63 20.36
N ASN D 185 35.64 45.53 19.81
CA ASN D 185 34.89 45.20 18.60
C ASN D 185 35.80 45.23 17.38
N ASP D 186 36.90 45.96 17.48
CA ASP D 186 37.89 46.02 16.42
C ASP D 186 39.20 45.34 16.81
N SER D 187 39.12 44.23 17.55
CA SER D 187 40.29 43.41 17.90
C SER D 187 41.18 43.13 16.69
N ARG D 188 42.48 43.06 16.91
CA ARG D 188 43.36 42.58 15.85
C ARG D 188 43.38 41.06 15.98
N TYR D 189 43.98 40.40 15.00
CA TYR D 189 43.90 38.94 14.92
C TYR D 189 45.25 38.23 14.98
N ALA D 190 45.21 36.96 15.39
CA ALA D 190 46.36 36.08 15.31
C ALA D 190 45.99 34.75 14.61
N LEU D 191 46.97 34.15 13.93
CA LEU D 191 46.78 32.93 13.18
C LEU D 191 48.01 32.05 13.29
N SER D 192 47.82 30.77 13.58
CA SER D 192 48.91 29.85 13.70
C SER D 192 48.82 28.76 12.65
N SER D 193 49.97 28.20 12.31
CA SER D 193 50.02 27.09 11.37
C SER D 193 51.20 26.21 11.74
N ARG D 194 51.20 24.99 11.21
CA ARG D 194 52.19 24.00 11.55
C ARG D 194 52.60 23.26 10.27
N LEU D 195 53.90 23.08 10.09
CA LEU D 195 54.43 22.18 9.08
C LEU D 195 55.29 21.11 9.75
N ARG D 196 54.88 19.84 9.64
CA ARG D 196 55.64 18.74 10.22
C ARG D 196 56.38 17.94 9.14
N VAL D 197 57.68 17.75 9.37
CA VAL D 197 58.52 16.98 8.46
C VAL D 197 59.23 15.88 9.25
N SER D 198 59.87 14.95 8.55
CA SER D 198 60.70 13.94 9.22
C SER D 198 61.90 14.62 9.88
N ALA D 199 62.37 14.04 10.98
CA ALA D 199 63.55 14.56 11.65
C ALA D 199 64.73 14.68 10.68
N THR D 200 64.90 13.67 9.84
CA THR D 200 65.99 13.68 8.88
C THR D 200 65.87 14.87 7.91
N PHE D 201 64.64 15.19 7.50
CA PHE D 201 64.44 16.29 6.55
C PHE D 201 64.79 17.62 7.19
N TRP D 202 64.39 17.79 8.45
CA TRP D 202 64.70 18.99 9.19
C TRP D 202 66.20 19.12 9.42
N GLN D 203 66.86 17.99 9.66
CA GLN D 203 68.28 18.03 10.02
C GLN D 203 69.17 18.28 8.79
N ASN D 204 68.56 18.23 7.60
CA ASN D 204 69.20 18.57 6.32
C ASN D 204 69.42 20.08 6.19
N PRO D 205 70.66 20.54 6.42
CA PRO D 205 71.03 21.95 6.57
C PRO D 205 70.66 22.80 5.36
N ARG D 206 70.56 22.17 4.19
CA ARG D 206 70.21 22.89 2.97
C ARG D 206 68.76 22.65 2.58
N ASN D 207 67.91 22.48 3.58
CA ASN D 207 66.48 22.57 3.36
C ASN D 207 65.96 23.89 3.93
N HIS D 208 65.33 24.67 3.05
CA HIS D 208 64.85 26.01 3.38
C HIS D 208 63.33 26.02 3.59
N PHE D 209 62.92 26.56 4.73
CA PHE D 209 61.52 26.66 5.10
C PHE D 209 61.08 28.12 5.23
N ARG D 210 60.02 28.49 4.53
CA ARG D 210 59.47 29.84 4.68
C ARG D 210 57.96 29.78 4.89
N CYS D 211 57.51 30.47 5.93
CA CYS D 211 56.10 30.70 6.16
C CYS D 211 55.69 31.99 5.49
N GLN D 212 54.72 31.94 4.59
CA GLN D 212 54.32 33.12 3.84
C GLN D 212 52.88 33.54 4.12
N VAL D 213 52.69 34.82 4.41
CA VAL D 213 51.36 35.34 4.66
C VAL D 213 51.03 36.50 3.71
N GLN D 214 50.13 36.24 2.77
CA GLN D 214 49.52 37.28 1.95
C GLN D 214 48.51 38.04 2.80
N PHE D 215 48.63 39.36 2.83
CA PHE D 215 47.69 40.21 3.56
C PHE D 215 46.97 41.11 2.58
N TYR D 216 45.66 41.26 2.78
CA TYR D 216 44.87 42.13 1.94
C TYR D 216 44.44 43.36 2.72
N GLY D 217 45.01 44.51 2.34
CA GLY D 217 44.79 45.75 3.07
C GLY D 217 44.35 46.91 2.19
N LEU D 218 45.06 48.04 2.32
CA LEU D 218 44.68 49.25 1.59
C LEU D 218 45.25 49.20 0.17
N SER D 219 44.63 49.96 -0.73
CA SER D 219 45.09 50.05 -2.11
C SER D 219 45.92 51.30 -2.33
N GLU D 220 46.38 51.52 -3.55
CA GLU D 220 47.11 52.76 -3.89
C GLU D 220 46.19 53.94 -3.63
N ASN D 221 44.97 53.85 -4.14
CA ASN D 221 43.93 54.88 -4.00
C ASN D 221 43.77 55.45 -2.59
N ASP D 222 43.63 54.58 -1.58
CA ASP D 222 43.48 55.02 -0.19
C ASP D 222 44.61 55.97 0.23
N GLU D 223 44.25 57.06 0.90
CA GLU D 223 45.25 58.03 1.31
C GLU D 223 45.72 57.74 2.74
N TRP D 224 46.99 58.03 2.99
CA TRP D 224 47.62 57.66 4.25
C TRP D 224 48.58 58.76 4.70
N THR D 225 48.40 59.21 5.93
CA THR D 225 49.13 60.36 6.45
C THR D 225 49.87 60.04 7.75
N GLN D 226 49.82 58.78 8.17
CA GLN D 226 50.44 58.38 9.44
C GLN D 226 51.93 58.13 9.25
N ASP D 227 52.63 58.07 10.37
CA ASP D 227 54.07 57.84 10.33
C ASP D 227 54.41 56.40 10.03
N ARG D 228 53.59 55.47 10.54
CA ARG D 228 53.90 54.07 10.22
C ARG D 228 53.57 53.89 8.76
N ALA D 229 54.19 52.91 8.15
CA ALA D 229 54.03 52.67 6.74
C ALA D 229 52.58 52.33 6.41
N LYS D 230 52.12 52.79 5.25
CA LYS D 230 50.76 52.55 4.78
C LYS D 230 50.44 51.05 4.69
N PRO D 231 49.40 50.59 5.41
CA PRO D 231 49.18 49.13 5.49
C PRO D 231 48.48 48.63 4.23
N VAL D 232 49.24 48.65 3.12
CA VAL D 232 48.79 48.10 1.85
C VAL D 232 48.86 46.57 1.82
N THR D 233 48.12 46.00 0.88
CA THR D 233 48.23 44.60 0.50
C THR D 233 49.70 44.22 0.30
N GLN D 234 50.11 43.10 0.88
CA GLN D 234 51.53 42.79 0.92
C GLN D 234 51.76 41.38 1.45
N ILE D 235 52.98 40.88 1.21
CA ILE D 235 53.39 39.58 1.73
C ILE D 235 54.33 39.81 2.90
N VAL D 236 54.16 39.05 3.98
CA VAL D 236 55.11 39.07 5.09
C VAL D 236 55.53 37.65 5.41
N SER D 237 56.84 37.42 5.39
CA SER D 237 57.36 36.08 5.59
C SER D 237 58.34 36.05 6.76
N ALA D 238 58.54 34.84 7.26
CA ALA D 238 59.58 34.51 8.23
C ALA D 238 60.04 33.12 7.84
N GLU D 239 61.28 32.78 8.18
CA GLU D 239 61.85 31.57 7.62
C GLU D 239 62.83 30.91 8.55
N ALA D 240 63.26 29.71 8.17
CA ALA D 240 64.25 28.96 8.92
C ALA D 240 64.95 27.93 8.04
N TRP D 241 66.20 27.65 8.36
CA TRP D 241 66.98 26.59 7.70
C TRP D 241 67.16 25.43 8.66
N GLY D 242 67.29 24.23 8.12
CA GLY D 242 67.51 23.06 8.93
C GLY D 242 68.79 23.09 9.75
N ARG D 243 68.75 22.49 10.93
CA ARG D 243 69.94 22.39 11.79
C ARG D 243 70.00 21.03 12.50
N ALA D 244 71.08 20.31 12.23
CA ALA D 244 71.41 19.07 12.93
C ALA D 244 71.23 19.20 14.44
N MET E 1 -16.57 -64.07 13.62
CA MET E 1 -16.20 -62.97 14.51
C MET E 1 -17.41 -62.62 15.35
N ARG E 2 -17.19 -62.39 16.64
CA ARG E 2 -18.29 -62.01 17.52
C ARG E 2 -18.70 -60.55 17.26
N THR E 3 -19.83 -60.18 17.86
CA THR E 3 -20.35 -58.82 17.84
C THR E 3 -19.34 -57.88 18.51
N HIS E 4 -19.17 -56.70 17.94
CA HIS E 4 -18.41 -55.65 18.61
C HIS E 4 -19.09 -54.32 18.42
N SER E 5 -18.83 -53.39 19.34
CA SER E 5 -19.37 -52.05 19.20
C SER E 5 -18.31 -50.98 19.42
N LEU E 6 -18.60 -49.77 18.93
CA LEU E 6 -17.82 -48.57 19.20
C LEU E 6 -18.77 -47.47 19.67
N ARG E 7 -18.43 -46.80 20.77
CA ARG E 7 -19.32 -45.81 21.37
C ARG E 7 -18.48 -44.62 21.85
N TYR E 8 -18.91 -43.39 21.57
CA TYR E 8 -18.34 -42.23 22.20
C TYR E 8 -19.38 -41.50 23.03
N PHE E 9 -18.94 -41.12 24.23
CA PHE E 9 -19.77 -40.43 25.20
C PHE E 9 -19.26 -39.01 25.45
N ARG E 10 -20.20 -38.10 25.65
CA ARG E 10 -19.85 -36.81 26.19
C ARG E 10 -20.62 -36.58 27.45
N LEU E 11 -19.96 -35.99 28.43
CA LEU E 11 -20.62 -35.49 29.64
C LEU E 11 -20.29 -34.02 29.83
N GLY E 12 -21.34 -33.21 29.97
CA GLY E 12 -21.19 -31.80 30.32
C GLY E 12 -21.92 -31.51 31.63
N VAL E 13 -21.31 -30.67 32.47
CA VAL E 13 -21.86 -30.37 33.81
C VAL E 13 -21.93 -28.85 33.97
N SER E 14 -23.08 -28.29 34.31
CA SER E 14 -23.23 -26.84 34.17
C SER E 14 -22.61 -26.04 35.31
N ASP E 15 -22.64 -26.55 36.52
CA ASP E 15 -22.02 -25.78 37.61
C ASP E 15 -21.16 -26.66 38.47
N PRO E 16 -20.09 -27.23 37.90
CA PRO E 16 -19.40 -28.31 38.61
C PRO E 16 -18.73 -27.85 39.92
N ILE E 17 -18.67 -28.74 40.91
CA ILE E 17 -17.94 -28.43 42.13
C ILE E 17 -16.47 -28.27 41.76
N HIS E 18 -15.72 -27.55 42.57
CA HIS E 18 -14.33 -27.16 42.25
C HIS E 18 -13.45 -28.37 41.98
N GLY E 19 -12.66 -28.29 40.92
CA GLY E 19 -11.80 -29.39 40.53
C GLY E 19 -12.40 -30.27 39.44
N VAL E 20 -13.67 -30.63 39.60
CA VAL E 20 -14.34 -31.56 38.70
C VAL E 20 -14.53 -30.94 37.30
N PRO E 21 -14.31 -31.74 36.24
CA PRO E 21 -14.31 -31.09 34.92
C PRO E 21 -15.73 -30.75 34.44
N GLU E 22 -15.82 -29.63 33.75
CA GLU E 22 -17.03 -29.16 33.09
C GLU E 22 -17.42 -30.11 31.94
N PHE E 23 -16.42 -30.76 31.34
CA PHE E 23 -16.69 -31.58 30.15
C PHE E 23 -15.79 -32.80 30.13
N ILE E 24 -16.35 -33.96 29.78
CA ILE E 24 -15.55 -35.18 29.62
C ILE E 24 -16.04 -35.95 28.41
N SER E 25 -15.11 -36.45 27.61
CA SER E 25 -15.49 -37.30 26.50
C SER E 25 -14.63 -38.57 26.43
N VAL E 26 -15.28 -39.72 26.35
CA VAL E 26 -14.56 -41.02 26.37
C VAL E 26 -15.11 -41.95 25.28
N GLY E 27 -14.23 -42.60 24.54
CA GLY E 27 -14.66 -43.59 23.57
C GLY E 27 -14.45 -45.01 24.14
N TYR E 28 -15.24 -45.96 23.65
CA TYR E 28 -15.10 -47.37 24.01
C TYR E 28 -15.14 -48.25 22.77
N VAL E 29 -14.36 -49.32 22.76
CA VAL E 29 -14.63 -50.43 21.88
C VAL E 29 -15.08 -51.59 22.78
N ASP E 30 -16.29 -52.12 22.57
CA ASP E 30 -16.87 -53.07 23.51
C ASP E 30 -16.77 -52.44 24.88
N SER E 31 -16.25 -53.17 25.87
CA SER E 31 -16.11 -52.59 27.20
C SER E 31 -14.78 -51.89 27.44
N HIS E 32 -13.95 -51.79 26.42
CA HIS E 32 -12.62 -51.21 26.62
C HIS E 32 -12.61 -49.67 26.34
N PRO E 33 -12.20 -48.88 27.33
CA PRO E 33 -12.00 -47.44 27.07
C PRO E 33 -10.87 -47.28 26.03
N ILE E 34 -11.04 -46.43 25.02
CA ILE E 34 -9.97 -46.30 24.04
C ILE E 34 -9.41 -44.88 23.92
N THR E 35 -10.21 -43.87 24.23
CA THR E 35 -9.78 -42.47 24.07
C THR E 35 -10.41 -41.67 25.20
N THR E 36 -9.74 -40.59 25.61
CA THR E 36 -10.29 -39.69 26.61
C THR E 36 -9.88 -38.23 26.37
N TYR E 37 -10.70 -37.31 26.85
CA TYR E 37 -10.47 -35.88 26.76
C TYR E 37 -11.28 -35.26 27.88
N ASP E 38 -10.75 -34.24 28.54
CA ASP E 38 -11.61 -33.45 29.42
C ASP E 38 -11.17 -31.97 29.46
N SER E 39 -12.02 -31.14 30.03
CA SER E 39 -11.83 -29.68 30.04
C SER E 39 -10.65 -29.23 30.92
N VAL E 40 -10.19 -30.14 31.78
CA VAL E 40 -9.02 -29.87 32.62
C VAL E 40 -7.73 -30.12 31.84
N THR E 41 -7.56 -31.30 31.27
CA THR E 41 -6.35 -31.58 30.51
C THR E 41 -6.34 -30.84 29.17
N ARG E 42 -7.53 -30.62 28.60
CA ARG E 42 -7.66 -30.07 27.25
C ARG E 42 -6.82 -30.80 26.18
N GLN E 43 -6.55 -32.09 26.41
CA GLN E 43 -5.77 -32.94 25.52
C GLN E 43 -6.49 -34.25 25.20
N LYS E 44 -6.34 -34.75 23.99
CA LYS E 44 -6.87 -36.06 23.61
C LYS E 44 -5.81 -37.10 23.86
N GLU E 45 -6.16 -38.14 24.62
CA GLU E 45 -5.21 -39.19 24.95
C GLU E 45 -5.79 -40.59 24.75
N PRO E 46 -4.95 -41.54 24.36
CA PRO E 46 -5.38 -42.94 24.28
C PRO E 46 -5.65 -43.47 25.69
N ARG E 47 -6.47 -44.50 25.78
CA ARG E 47 -6.76 -45.14 27.05
C ARG E 47 -6.51 -46.64 26.95
N ALA E 48 -6.01 -47.05 25.79
CA ALA E 48 -5.60 -48.42 25.54
C ALA E 48 -4.27 -48.34 24.84
N PRO E 49 -3.33 -49.23 25.18
CA PRO E 49 -1.99 -49.17 24.59
C PRO E 49 -2.01 -49.48 23.10
N TRP E 50 -2.96 -50.31 22.66
CA TRP E 50 -3.01 -50.59 21.23
C TRP E 50 -3.63 -49.42 20.42
N MET E 51 -4.27 -48.47 21.09
CA MET E 51 -4.61 -47.20 20.43
C MET E 51 -3.35 -46.34 20.33
N ALA E 52 -2.58 -46.28 21.42
CA ALA E 52 -1.39 -45.42 21.47
C ALA E 52 -0.40 -45.84 20.41
N GLU E 53 -0.22 -47.13 20.25
CA GLU E 53 0.82 -47.62 19.36
C GLU E 53 0.48 -47.52 17.90
N ASN E 54 -0.79 -47.34 17.56
CA ASN E 54 -1.19 -47.42 16.16
C ASN E 54 -1.65 -46.10 15.57
N LEU E 55 -1.76 -45.09 16.43
CA LEU E 55 -2.16 -43.76 16.03
C LEU E 55 -1.06 -42.78 16.38
N ALA E 56 -0.49 -42.18 15.33
CA ALA E 56 0.64 -41.25 15.44
C ALA E 56 0.23 -39.94 16.13
N PRO E 57 1.22 -39.14 16.59
CA PRO E 57 0.85 -37.94 17.37
C PRO E 57 0.00 -36.91 16.61
N ASP E 58 0.05 -36.90 15.29
CA ASP E 58 -0.77 -35.92 14.57
C ASP E 58 -2.25 -36.28 14.70
N HIS E 59 -2.53 -37.56 14.99
CA HIS E 59 -3.90 -37.98 15.23
C HIS E 59 -4.40 -37.33 16.50
N TRP E 60 -3.65 -37.49 17.59
CA TRP E 60 -4.01 -36.90 18.87
C TRP E 60 -4.05 -35.36 18.80
N GLU E 61 -3.14 -34.76 18.03
CA GLU E 61 -3.14 -33.30 17.88
C GLU E 61 -4.45 -32.83 17.25
N ARG E 62 -4.83 -33.45 16.14
CA ARG E 62 -6.07 -33.10 15.45
C ARG E 62 -7.29 -33.25 16.38
N TYR E 63 -7.40 -34.42 17.03
CA TYR E 63 -8.60 -34.70 17.84
C TYR E 63 -8.60 -33.81 19.07
N THR E 64 -7.41 -33.39 19.51
CA THR E 64 -7.34 -32.40 20.59
C THR E 64 -8.00 -31.07 20.18
N GLN E 65 -7.75 -30.58 18.97
CA GLN E 65 -8.39 -29.34 18.50
C GLN E 65 -9.90 -29.54 18.36
N LEU E 66 -10.26 -30.70 17.82
CA LEU E 66 -11.64 -30.98 17.53
C LEU E 66 -12.47 -30.98 18.81
N LEU E 67 -11.95 -31.67 19.83
CA LEU E 67 -12.67 -31.81 21.08
C LEU E 67 -12.69 -30.50 21.83
N ARG E 68 -11.68 -29.65 21.63
CA ARG E 68 -11.75 -28.34 22.25
C ARG E 68 -12.95 -27.60 21.66
N GLY E 69 -13.19 -27.77 20.37
CA GLY E 69 -14.34 -27.16 19.73
C GLY E 69 -15.63 -27.74 20.27
N TRP E 70 -15.66 -29.06 20.39
CA TRP E 70 -16.87 -29.78 20.79
C TRP E 70 -17.19 -29.50 22.25
N GLN E 71 -16.15 -29.31 23.05
CA GLN E 71 -16.34 -28.91 24.44
C GLN E 71 -17.13 -27.61 24.52
N GLN E 72 -16.65 -26.59 23.80
CA GLN E 72 -17.34 -25.31 23.76
C GLN E 72 -18.76 -25.48 23.21
N MET E 73 -18.92 -26.28 22.15
CA MET E 73 -20.26 -26.51 21.59
C MET E 73 -21.17 -27.16 22.64
N PHE E 74 -20.64 -28.12 23.40
CA PHE E 74 -21.45 -28.83 24.41
C PHE E 74 -21.84 -27.83 25.52
N LYS E 75 -20.94 -26.92 25.88
CA LYS E 75 -21.29 -25.91 26.87
C LYS E 75 -22.44 -24.98 26.43
N VAL E 76 -22.34 -24.50 25.18
CA VAL E 76 -23.40 -23.67 24.61
C VAL E 76 -24.74 -24.41 24.55
N GLU E 77 -24.73 -25.68 24.13
CA GLU E 77 -25.98 -26.46 24.09
C GLU E 77 -26.58 -26.64 25.49
N LEU E 78 -25.74 -26.85 26.49
CA LEU E 78 -26.24 -27.11 27.83
C LEU E 78 -26.79 -25.81 28.44
N LYS E 79 -26.13 -24.68 28.17
CA LYS E 79 -26.68 -23.36 28.56
C LYS E 79 -28.10 -23.18 28.05
N ARG E 80 -28.29 -23.53 26.79
CA ARG E 80 -29.59 -23.40 26.13
C ARG E 80 -30.65 -24.29 26.78
N LEU E 81 -30.33 -25.54 27.08
CA LEU E 81 -31.34 -26.42 27.67
C LEU E 81 -31.72 -25.90 29.05
N GLN E 82 -30.73 -25.58 29.87
CA GLN E 82 -30.98 -25.28 31.27
C GLN E 82 -31.78 -23.98 31.35
N ARG E 83 -31.45 -23.03 30.49
CA ARG E 83 -32.25 -21.81 30.37
C ARG E 83 -33.70 -22.11 29.92
N HIS E 84 -33.89 -23.09 29.05
CA HIS E 84 -35.25 -23.37 28.58
C HIS E 84 -35.99 -24.27 29.56
N TYR E 85 -35.29 -25.08 30.33
CA TYR E 85 -35.93 -25.82 31.40
C TYR E 85 -36.23 -24.88 32.58
N ASN E 86 -35.69 -23.67 32.53
CA ASN E 86 -35.78 -22.72 33.64
C ASN E 86 -35.28 -23.39 34.93
N HIS E 87 -34.10 -24.01 34.85
CA HIS E 87 -33.50 -24.74 35.98
C HIS E 87 -32.32 -23.97 36.54
N SER E 88 -32.22 -23.98 37.86
CA SER E 88 -31.09 -23.38 38.56
C SER E 88 -30.21 -24.49 39.09
N GLY E 89 -28.98 -24.16 39.50
CA GLY E 89 -28.08 -25.16 40.06
C GLY E 89 -27.27 -25.88 39.00
N SER E 90 -26.77 -27.07 39.35
CA SER E 90 -25.97 -27.85 38.40
C SER E 90 -26.78 -28.98 37.75
N HIS E 91 -26.61 -29.10 36.45
CA HIS E 91 -27.33 -30.10 35.66
C HIS E 91 -26.37 -30.70 34.64
N THR E 92 -26.70 -31.88 34.13
CA THR E 92 -25.81 -32.59 33.24
C THR E 92 -26.41 -32.76 31.87
N TYR E 93 -25.52 -32.81 30.88
CA TYR E 93 -25.89 -33.00 29.51
C TYR E 93 -25.02 -34.12 29.02
N GLN E 94 -25.60 -35.07 28.32
CA GLN E 94 -24.82 -36.19 27.85
C GLN E 94 -25.16 -36.52 26.43
N ARG E 95 -24.15 -37.03 25.74
CA ARG E 95 -24.32 -37.51 24.40
C ARG E 95 -23.76 -38.91 24.29
N MET E 96 -24.38 -39.71 23.43
CA MET E 96 -23.77 -40.97 23.10
C MET E 96 -23.95 -41.32 21.64
N ILE E 97 -22.85 -41.60 20.95
CA ILE E 97 -22.97 -41.99 19.56
C ILE E 97 -22.21 -43.27 19.37
N GLY E 98 -22.65 -44.09 18.42
CA GLY E 98 -21.84 -45.24 18.07
C GLY E 98 -22.54 -46.24 17.18
N CYS E 99 -21.90 -47.40 17.01
CA CYS E 99 -22.41 -48.42 16.10
C CYS E 99 -22.03 -49.84 16.58
N GLU E 100 -22.69 -50.85 16.02
CA GLU E 100 -22.29 -52.24 16.24
C GLU E 100 -22.10 -52.94 14.92
N LEU E 101 -21.05 -53.74 14.88
CA LEU E 101 -20.85 -54.70 13.81
C LEU E 101 -21.17 -56.09 14.36
N LEU E 102 -22.32 -56.63 13.99
CA LEU E 102 -22.77 -57.90 14.53
C LEU E 102 -22.14 -59.14 13.88
N GLU E 103 -22.28 -60.24 14.63
CA GLU E 103 -22.27 -61.62 14.17
C GLU E 103 -22.30 -61.79 12.65
N ASP E 104 -23.52 -61.68 12.11
CA ASP E 104 -23.79 -61.94 10.70
C ASP E 104 -23.31 -60.86 9.73
N GLY E 105 -22.61 -59.86 10.24
CA GLY E 105 -22.11 -58.79 9.38
C GLY E 105 -23.09 -57.65 9.17
N SER E 106 -24.29 -57.79 9.73
CA SER E 106 -25.25 -56.72 9.74
C SER E 106 -24.77 -55.63 10.72
N THR E 107 -25.31 -54.41 10.60
CA THR E 107 -24.86 -53.27 11.39
C THR E 107 -26.02 -52.54 12.06
N THR E 108 -25.70 -51.84 13.15
CA THR E 108 -26.63 -50.90 13.78
C THR E 108 -25.89 -49.60 14.03
N GLY E 109 -26.64 -48.52 14.26
CA GLY E 109 -26.07 -47.24 14.60
C GLY E 109 -27.01 -46.39 15.43
N PHE E 110 -26.46 -45.59 16.33
CA PHE E 110 -27.30 -44.86 17.28
C PHE E 110 -26.65 -43.53 17.69
N LEU E 111 -27.48 -42.58 18.09
CA LEU E 111 -27.05 -41.24 18.49
C LEU E 111 -28.14 -40.69 19.38
N GLN E 112 -27.76 -40.30 20.58
CA GLN E 112 -28.70 -40.07 21.66
C GLN E 112 -28.16 -38.99 22.52
N TYR E 113 -29.08 -38.21 23.11
CA TYR E 113 -28.73 -37.22 24.12
C TYR E 113 -29.55 -37.39 25.38
N ALA E 114 -29.01 -36.91 26.50
CA ALA E 114 -29.67 -36.97 27.78
C ALA E 114 -29.49 -35.70 28.57
N TYR E 115 -30.50 -35.34 29.34
CA TYR E 115 -30.39 -34.22 30.26
C TYR E 115 -30.69 -34.72 31.69
N ASP E 116 -29.80 -34.43 32.61
CA ASP E 116 -29.88 -34.99 33.97
C ASP E 116 -30.02 -36.52 33.98
N GLY E 117 -29.34 -37.18 33.05
CA GLY E 117 -29.33 -38.64 33.02
C GLY E 117 -30.56 -39.34 32.44
N GLN E 118 -31.44 -38.61 31.76
CA GLN E 118 -32.66 -39.19 31.19
C GLN E 118 -32.73 -38.89 29.69
N ASP E 119 -33.28 -39.79 28.88
CA ASP E 119 -33.39 -39.53 27.44
C ASP E 119 -33.94 -38.12 27.18
N PHE E 120 -33.29 -37.42 26.26
CA PHE E 120 -33.73 -36.11 25.85
C PHE E 120 -34.09 -36.12 24.37
N LEU E 121 -33.17 -36.60 23.52
CA LEU E 121 -33.39 -36.70 22.07
C LEU E 121 -32.79 -37.98 21.51
N ILE E 122 -33.52 -38.66 20.63
CA ILE E 122 -33.06 -39.92 20.06
C ILE E 122 -33.10 -39.86 18.56
N PHE E 123 -31.96 -40.09 17.92
CA PHE E 123 -31.95 -40.02 16.46
C PHE E 123 -32.47 -41.33 15.89
N ASN E 124 -33.32 -41.23 14.88
CA ASN E 124 -33.70 -42.36 14.07
C ASN E 124 -33.15 -42.14 12.66
N LYS E 125 -32.13 -42.92 12.28
CA LYS E 125 -31.45 -42.75 11.02
C LYS E 125 -32.18 -43.41 9.84
N ASP E 126 -33.28 -44.11 10.10
CA ASP E 126 -34.01 -44.73 9.03
C ASP E 126 -35.10 -43.79 8.57
N THR E 127 -35.75 -43.15 9.52
CA THR E 127 -36.75 -42.14 9.22
C THR E 127 -36.15 -40.75 9.11
N LEU E 128 -34.85 -40.63 9.41
CA LEU E 128 -34.15 -39.33 9.40
C LEU E 128 -34.87 -38.29 10.24
N SER E 129 -35.03 -38.58 11.53
CA SER E 129 -35.74 -37.69 12.45
C SER E 129 -35.34 -37.88 13.91
N TRP E 130 -35.66 -36.89 14.73
CA TRP E 130 -35.35 -36.92 16.14
C TRP E 130 -36.61 -37.15 16.97
N LEU E 131 -36.57 -38.09 17.91
CA LEU E 131 -37.66 -38.25 18.85
C LEU E 131 -37.43 -37.33 20.05
N ALA E 132 -38.36 -36.40 20.31
CA ALA E 132 -38.26 -35.51 21.47
C ALA E 132 -39.10 -36.00 22.66
N VAL E 133 -38.54 -35.96 23.86
CA VAL E 133 -39.26 -36.47 25.02
C VAL E 133 -40.17 -35.44 25.68
N ASP E 134 -39.87 -34.15 25.42
CA ASP E 134 -40.63 -33.06 26.02
C ASP E 134 -40.48 -31.80 25.15
N ASN E 135 -41.13 -30.71 25.53
CA ASN E 135 -41.14 -29.52 24.66
C ASN E 135 -39.84 -28.76 24.56
N VAL E 136 -38.94 -28.95 25.51
CA VAL E 136 -37.63 -28.34 25.39
C VAL E 136 -36.89 -29.08 24.26
N ALA E 137 -36.94 -30.40 24.31
CA ALA E 137 -36.37 -31.22 23.26
C ALA E 137 -37.05 -30.94 21.93
N HIS E 138 -38.37 -30.77 21.96
CA HIS E 138 -39.14 -30.60 20.73
C HIS E 138 -38.65 -29.36 19.97
N THR E 139 -38.30 -28.32 20.71
CA THR E 139 -37.77 -27.10 20.11
C THR E 139 -36.40 -27.36 19.47
N ILE E 140 -35.58 -28.20 20.11
CA ILE E 140 -34.28 -28.56 19.53
C ILE E 140 -34.47 -29.42 18.27
N LYS E 141 -35.33 -30.41 18.40
CA LYS E 141 -35.74 -31.28 17.30
C LYS E 141 -36.04 -30.47 16.03
N GLN E 142 -36.87 -29.45 16.18
CA GLN E 142 -37.24 -28.60 15.06
C GLN E 142 -36.05 -27.89 14.45
N ALA E 143 -35.16 -27.36 15.28
CA ALA E 143 -33.98 -26.69 14.74
C ALA E 143 -33.02 -27.67 14.07
N TRP E 144 -32.92 -28.89 14.58
CA TRP E 144 -31.96 -29.84 14.03
C TRP E 144 -32.46 -30.46 12.73
N GLU E 145 -33.78 -30.51 12.60
CA GLU E 145 -34.41 -31.12 11.45
C GLU E 145 -34.63 -30.09 10.32
N ALA E 146 -34.49 -28.81 10.64
CA ALA E 146 -34.71 -27.76 9.65
C ALA E 146 -33.72 -27.93 8.50
N ASN E 147 -32.51 -28.37 8.83
CA ASN E 147 -31.47 -28.58 7.84
C ASN E 147 -31.28 -30.06 7.57
N GLN E 148 -31.94 -30.55 6.53
CA GLN E 148 -31.90 -31.96 6.15
C GLN E 148 -30.46 -32.50 6.00
N HIS E 149 -29.51 -31.63 5.65
CA HIS E 149 -28.14 -32.09 5.43
C HIS E 149 -27.47 -32.62 6.68
N GLU E 150 -27.84 -32.05 7.81
CA GLU E 150 -27.36 -32.50 9.11
C GLU E 150 -27.81 -33.92 9.42
N LEU E 151 -29.05 -34.22 9.06
CA LEU E 151 -29.62 -35.53 9.31
C LEU E 151 -28.89 -36.54 8.46
N LEU E 152 -28.75 -36.19 7.18
CA LEU E 152 -28.10 -37.05 6.19
C LEU E 152 -26.66 -37.29 6.62
N TYR E 153 -25.99 -36.24 7.09
CA TYR E 153 -24.60 -36.39 7.55
C TYR E 153 -24.47 -37.48 8.62
N GLN E 154 -25.40 -37.44 9.56
CA GLN E 154 -25.39 -38.29 10.73
C GLN E 154 -25.62 -39.74 10.30
N LYS E 155 -26.53 -39.92 9.34
CA LYS E 155 -26.84 -41.25 8.81
C LYS E 155 -25.61 -41.81 8.18
N ASN E 156 -24.93 -41.00 7.36
CA ASN E 156 -23.71 -41.46 6.73
C ASN E 156 -22.65 -41.83 7.75
N TRP E 157 -22.47 -40.96 8.76
CA TRP E 157 -21.40 -41.17 9.73
C TRP E 157 -21.71 -42.46 10.52
N LEU E 158 -22.97 -42.66 10.93
CA LEU E 158 -23.30 -43.86 11.69
C LEU E 158 -23.16 -45.12 10.85
N GLU E 159 -23.59 -45.10 9.59
CA GLU E 159 -23.58 -46.35 8.84
C GLU E 159 -22.24 -46.63 8.19
N GLU E 160 -21.52 -45.60 7.80
CA GLU E 160 -20.29 -45.80 7.07
C GLU E 160 -19.03 -45.52 7.90
N GLU E 161 -18.93 -44.33 8.48
CA GLU E 161 -17.69 -43.95 9.21
C GLU E 161 -17.49 -44.72 10.51
N CYS E 162 -18.53 -44.85 11.32
CA CYS E 162 -18.41 -45.46 12.62
C CYS E 162 -17.95 -46.90 12.44
N ILE E 163 -18.57 -47.58 11.48
CA ILE E 163 -18.28 -48.99 11.22
C ILE E 163 -16.84 -49.15 10.71
N ALA E 164 -16.36 -48.17 9.94
CA ALA E 164 -14.99 -48.28 9.43
C ALA E 164 -14.00 -47.95 10.53
N TRP E 165 -14.33 -47.02 11.43
CA TRP E 165 -13.47 -46.79 12.58
C TRP E 165 -13.40 -48.07 13.44
N LEU E 166 -14.58 -48.64 13.71
CA LEU E 166 -14.66 -49.82 14.56
C LEU E 166 -13.77 -50.93 13.99
N LYS E 167 -13.87 -51.21 12.69
CA LYS E 167 -13.06 -52.29 12.12
C LYS E 167 -11.60 -52.01 12.25
N ARG E 168 -11.21 -50.74 12.16
CA ARG E 168 -9.81 -50.38 12.20
C ARG E 168 -9.28 -50.55 13.62
N PHE E 169 -10.09 -50.18 14.61
CA PHE E 169 -9.71 -50.34 16.01
C PHE E 169 -9.67 -51.82 16.41
N LEU E 170 -10.56 -52.63 15.84
CA LEU E 170 -10.62 -54.07 16.14
C LEU E 170 -9.35 -54.73 15.67
N GLU E 171 -8.82 -54.27 14.53
CA GLU E 171 -7.53 -54.78 14.06
C GLU E 171 -6.40 -54.31 14.99
N TYR E 172 -6.38 -53.02 15.37
CA TYR E 172 -5.36 -52.50 16.30
C TYR E 172 -5.31 -53.34 17.60
N GLY E 173 -6.46 -53.61 18.19
CA GLY E 173 -6.47 -54.31 19.45
C GLY E 173 -6.82 -55.78 19.42
N LYS E 174 -6.59 -56.45 18.29
CA LYS E 174 -7.16 -57.78 18.08
C LYS E 174 -6.69 -58.83 19.11
N ASP E 175 -5.48 -58.69 19.62
CA ASP E 175 -4.99 -59.61 20.63
C ASP E 175 -5.77 -59.48 21.91
N THR E 176 -6.37 -58.32 22.14
CA THR E 176 -7.17 -58.13 23.34
C THR E 176 -8.63 -58.49 23.07
N LEU E 177 -9.15 -57.92 21.99
CA LEU E 177 -10.59 -57.87 21.72
C LEU E 177 -11.15 -59.13 21.13
N GLN E 178 -10.28 -59.91 20.50
CA GLN E 178 -10.74 -61.08 19.74
C GLN E 178 -10.27 -62.39 20.38
N ARG E 179 -9.65 -62.28 21.55
CA ARG E 179 -9.20 -63.44 22.31
C ARG E 179 -10.33 -64.06 23.12
N THR E 180 -10.17 -65.32 23.52
CA THR E 180 -11.13 -65.96 24.42
C THR E 180 -10.47 -66.60 25.64
N GLU E 181 -10.89 -66.17 26.82
CA GLU E 181 -10.50 -66.82 28.04
C GLU E 181 -11.77 -67.51 28.62
N PRO E 182 -11.82 -68.85 28.56
CA PRO E 182 -12.98 -69.61 29.07
C PRO E 182 -13.24 -69.40 30.55
N PRO E 183 -14.50 -69.41 30.97
CA PRO E 183 -14.80 -69.27 32.41
C PRO E 183 -14.44 -70.52 33.24
N LEU E 184 -13.98 -70.30 34.48
CA LEU E 184 -13.93 -71.36 35.49
C LEU E 184 -15.23 -71.31 36.26
N VAL E 185 -16.00 -72.39 36.21
CA VAL E 185 -17.32 -72.41 36.83
C VAL E 185 -17.40 -73.46 37.95
N ARG E 186 -17.98 -73.07 39.07
CA ARG E 186 -18.16 -73.96 40.22
C ARG E 186 -19.55 -73.74 40.83
N VAL E 187 -20.00 -74.69 41.66
CA VAL E 187 -21.22 -74.50 42.43
C VAL E 187 -20.97 -74.57 43.94
N ASN E 188 -21.40 -73.52 44.63
CA ASN E 188 -21.29 -73.38 46.08
C ASN E 188 -22.66 -73.49 46.70
N ARG E 189 -22.72 -73.38 48.03
CA ARG E 189 -23.97 -73.52 48.77
C ARG E 189 -23.88 -72.89 50.17
N ALA E 198 -29.99 -72.67 48.97
CA ALA E 198 -29.33 -71.64 48.18
C ALA E 198 -28.12 -72.17 47.36
N LEU E 199 -28.36 -72.53 46.09
CA LEU E 199 -27.27 -72.95 45.20
C LEU E 199 -26.70 -71.81 44.36
N PHE E 200 -25.42 -71.48 44.55
CA PHE E 200 -24.74 -70.43 43.78
C PHE E 200 -23.83 -70.98 42.68
N CYS E 201 -24.12 -70.57 41.44
CA CYS E 201 -23.29 -70.94 40.30
C CYS E 201 -22.37 -69.79 39.99
N LYS E 202 -21.06 -70.01 40.11
CA LYS E 202 -20.09 -68.93 39.98
C LYS E 202 -19.11 -69.17 38.85
N ALA E 203 -18.90 -68.14 38.05
CA ALA E 203 -17.87 -68.19 37.04
C ALA E 203 -16.89 -67.04 37.23
N HIS E 204 -15.63 -67.28 36.88
CA HIS E 204 -14.64 -66.21 36.89
C HIS E 204 -13.54 -66.49 35.88
N GLY E 205 -12.66 -65.52 35.70
CA GLY E 205 -11.56 -65.61 34.76
C GLY E 205 -11.91 -65.59 33.27
N PHE E 206 -13.11 -65.13 32.89
CA PHE E 206 -13.47 -65.23 31.48
C PHE E 206 -13.37 -63.91 30.70
N TYR E 207 -13.15 -64.05 29.39
CA TYR E 207 -13.15 -62.90 28.43
C TYR E 207 -13.62 -63.47 27.10
N PRO E 208 -14.55 -62.78 26.41
CA PRO E 208 -15.16 -61.47 26.67
C PRO E 208 -16.16 -61.51 27.82
N PRO E 209 -16.61 -60.33 28.29
CA PRO E 209 -17.52 -60.28 29.45
C PRO E 209 -18.91 -60.87 29.19
N GLU E 210 -19.37 -60.92 27.94
CA GLU E 210 -20.68 -61.48 27.63
C GLU E 210 -20.75 -62.98 27.98
N ILE E 211 -21.67 -63.32 28.87
CA ILE E 211 -21.84 -64.70 29.31
C ILE E 211 -23.29 -64.90 29.73
N TYR E 212 -23.81 -66.10 29.49
CA TYR E 212 -25.17 -66.46 29.86
C TYR E 212 -25.14 -67.60 30.86
N MET E 213 -25.61 -67.28 32.06
CA MET E 213 -25.69 -68.20 33.17
C MET E 213 -27.12 -68.34 33.64
N THR E 214 -27.61 -69.57 33.74
CA THR E 214 -28.93 -69.77 34.32
C THR E 214 -29.02 -71.14 34.99
N TRP E 215 -30.11 -71.35 35.74
CA TRP E 215 -30.39 -72.61 36.40
C TRP E 215 -31.54 -73.32 35.74
N MET E 216 -31.48 -74.63 35.72
CA MET E 216 -32.64 -75.37 35.29
C MET E 216 -33.09 -76.36 36.38
N LYS E 217 -34.38 -76.30 36.74
CA LYS E 217 -35.03 -77.35 37.51
C LYS E 217 -35.54 -78.32 36.45
N ASN E 218 -35.59 -79.61 36.75
CA ASN E 218 -35.77 -80.61 35.71
C ASN E 218 -34.74 -80.30 34.64
N GLY E 219 -35.24 -80.22 33.41
CA GLY E 219 -34.62 -79.43 32.36
C GLY E 219 -35.61 -78.35 31.97
N GLU E 220 -35.93 -77.48 32.92
CA GLU E 220 -36.83 -76.36 32.67
C GLU E 220 -36.29 -75.09 33.28
N GLU E 221 -36.17 -74.05 32.46
CA GLU E 221 -35.65 -72.80 32.97
C GLU E 221 -36.72 -72.15 33.79
N ILE E 222 -36.26 -71.19 34.56
CA ILE E 222 -37.02 -70.84 35.71
C ILE E 222 -37.20 -69.32 35.74
N VAL E 223 -36.14 -68.56 35.41
CA VAL E 223 -36.17 -67.07 35.35
C VAL E 223 -36.70 -66.30 36.61
N GLN E 224 -37.97 -66.55 36.98
CA GLN E 224 -38.68 -65.85 38.09
C GLN E 224 -38.09 -66.11 39.49
N GLU E 225 -37.73 -67.35 39.80
CA GLU E 225 -37.03 -67.65 41.04
C GLU E 225 -35.48 -67.78 40.91
N ILE E 226 -34.93 -67.43 39.75
CA ILE E 226 -33.47 -67.30 39.62
C ILE E 226 -33.02 -65.87 39.90
N ASP E 227 -32.10 -65.71 40.85
CA ASP E 227 -31.48 -64.41 41.04
C ASP E 227 -30.28 -64.32 40.10
N TYR E 228 -30.01 -63.14 39.55
CA TYR E 228 -28.91 -63.01 38.61
C TYR E 228 -27.93 -61.95 39.08
N GLY E 229 -26.70 -62.37 39.33
CA GLY E 229 -25.63 -61.44 39.62
C GLY E 229 -25.17 -60.70 38.36
N ASP E 230 -24.54 -59.54 38.56
CA ASP E 230 -23.94 -58.76 37.49
C ASP E 230 -22.64 -59.35 36.97
N ILE E 231 -22.28 -58.97 35.75
CA ILE E 231 -20.98 -59.32 35.24
C ILE E 231 -19.99 -58.25 35.71
N LEU E 232 -19.07 -58.62 36.59
CA LEU E 232 -18.17 -57.66 37.22
C LEU E 232 -16.73 -57.83 36.74
N PRO E 233 -16.04 -56.70 36.51
CA PRO E 233 -14.61 -56.69 36.18
C PRO E 233 -13.81 -57.23 37.34
N SER E 234 -12.90 -58.16 37.10
CA SER E 234 -12.08 -58.71 38.18
C SER E 234 -10.85 -57.86 38.45
N GLY E 235 -10.54 -56.96 37.51
CA GLY E 235 -9.43 -56.05 37.68
C GLY E 235 -8.21 -56.47 36.86
N ASP E 236 -8.25 -57.65 36.25
CA ASP E 236 -7.09 -58.16 35.53
C ASP E 236 -7.41 -58.36 34.06
N GLY E 237 -8.52 -57.79 33.63
CA GLY E 237 -8.89 -57.89 32.23
C GLY E 237 -9.91 -58.99 31.99
N THR E 238 -10.25 -59.71 33.06
CA THR E 238 -11.25 -60.77 32.97
C THR E 238 -12.43 -60.46 33.89
N TYR E 239 -13.46 -61.27 33.80
CA TYR E 239 -14.72 -60.95 34.46
C TYR E 239 -15.20 -62.12 35.32
N GLN E 240 -16.11 -61.81 36.23
CA GLN E 240 -16.80 -62.83 37.00
C GLN E 240 -18.29 -62.54 37.08
N ALA E 241 -19.07 -63.58 37.30
CA ALA E 241 -20.51 -63.49 37.43
C ALA E 241 -21.03 -64.69 38.22
N TRP E 242 -22.29 -64.59 38.65
CA TRP E 242 -22.95 -65.68 39.34
C TRP E 242 -24.46 -65.65 39.08
N ALA E 243 -25.16 -66.67 39.57
CA ALA E 243 -26.61 -66.74 39.41
C ALA E 243 -27.32 -66.99 40.75
N SER E 244 -27.39 -68.25 41.19
CA SER E 244 -28.08 -68.67 42.45
C SER E 244 -29.59 -68.92 42.32
N ILE E 245 -29.99 -70.00 42.97
CA ILE E 245 -31.35 -70.44 43.01
C ILE E 245 -31.63 -71.02 44.39
N GLU E 246 -32.87 -70.94 44.84
CA GLU E 246 -33.25 -71.40 46.16
C GLU E 246 -33.72 -72.83 46.20
N LEU E 247 -33.20 -73.57 47.15
CA LEU E 247 -33.52 -74.97 47.25
C LEU E 247 -34.80 -75.27 47.97
N ASP E 248 -35.65 -76.06 47.36
CA ASP E 248 -36.88 -76.49 48.00
C ASP E 248 -36.54 -77.58 49.00
N PRO E 249 -36.73 -77.28 50.26
CA PRO E 249 -36.41 -78.19 51.35
C PRO E 249 -37.35 -79.34 51.50
N GLN E 250 -38.53 -79.29 50.93
CA GLN E 250 -39.51 -80.38 51.08
C GLN E 250 -39.42 -81.45 49.99
N SER E 251 -38.76 -81.13 48.88
CA SER E 251 -38.54 -82.11 47.82
C SER E 251 -37.19 -81.96 47.12
N SER E 252 -36.61 -83.09 46.73
CA SER E 252 -35.43 -83.08 45.88
C SER E 252 -35.82 -82.62 44.48
N ASN E 253 -34.84 -82.17 43.71
CA ASN E 253 -35.07 -81.87 42.31
C ASN E 253 -33.74 -81.91 41.56
N LEU E 254 -33.80 -82.08 40.24
CA LEU E 254 -32.59 -82.13 39.43
C LEU E 254 -32.12 -80.72 39.03
N TYR E 255 -31.30 -80.09 39.86
CA TYR E 255 -30.81 -78.76 39.52
C TYR E 255 -29.46 -78.83 38.79
N SER E 256 -29.35 -78.07 37.71
CA SER E 256 -28.10 -77.95 36.95
C SER E 256 -27.88 -76.51 36.52
N CYS E 257 -26.63 -76.05 36.68
CA CYS E 257 -26.20 -74.75 36.20
C CYS E 257 -25.81 -74.84 34.73
N HIS E 258 -26.32 -73.90 33.93
CA HIS E 258 -26.00 -73.81 32.51
C HIS E 258 -25.25 -72.53 32.22
N VAL E 259 -24.15 -72.65 31.51
CA VAL E 259 -23.32 -71.49 31.19
C VAL E 259 -22.99 -71.49 29.72
N GLU E 260 -23.27 -70.37 29.06
CA GLU E 260 -22.85 -70.20 27.69
C GLU E 260 -21.89 -69.03 27.60
N HIS E 261 -20.79 -69.25 26.88
CA HIS E 261 -19.75 -68.24 26.70
C HIS E 261 -18.94 -68.50 25.44
N SER E 262 -18.99 -67.52 24.54
CA SER E 262 -18.19 -67.51 23.32
C SER E 262 -18.33 -68.77 22.46
N GLY E 263 -19.56 -69.21 22.23
CA GLY E 263 -19.78 -70.36 21.38
C GLY E 263 -19.69 -71.72 22.06
N VAL E 264 -19.55 -71.75 23.38
CA VAL E 264 -19.39 -73.02 24.10
C VAL E 264 -20.39 -73.14 25.25
N HIS E 265 -21.05 -74.28 25.34
CA HIS E 265 -22.04 -74.48 26.39
C HIS E 265 -21.54 -75.45 27.43
N MET E 266 -21.88 -75.17 28.68
CA MET E 266 -21.37 -75.93 29.80
C MET E 266 -22.53 -76.29 30.72
N VAL E 267 -22.51 -77.51 31.30
CA VAL E 267 -23.54 -77.88 32.27
C VAL E 267 -22.92 -78.46 33.55
N LEU E 268 -23.28 -77.89 34.70
CA LEU E 268 -22.83 -78.45 35.96
C LEU E 268 -24.04 -79.03 36.70
N GLN E 269 -24.21 -80.35 36.63
CA GLN E 269 -25.27 -81.06 37.36
C GLN E 269 -24.88 -81.16 38.83
N VAL E 270 -25.81 -80.84 39.72
CA VAL E 270 -25.51 -80.82 41.15
C VAL E 270 -25.77 -82.17 41.83
N ILE F 1 -34.31 -36.86 38.60
CA ILE F 1 -34.09 -38.23 39.02
C ILE F 1 -32.60 -38.46 39.31
N GLN F 2 -32.26 -38.64 40.58
CA GLN F 2 -30.90 -39.02 40.94
C GLN F 2 -30.90 -40.50 41.27
N ARG F 3 -29.89 -41.22 40.79
CA ARG F 3 -29.81 -42.65 41.03
C ARG F 3 -28.70 -42.97 42.00
N THR F 4 -29.05 -43.76 43.02
CA THR F 4 -28.10 -44.12 44.06
C THR F 4 -27.19 -45.25 43.56
N PRO F 5 -25.90 -45.22 43.97
CA PRO F 5 -24.99 -46.24 43.44
C PRO F 5 -25.25 -47.65 43.99
N LYS F 6 -25.17 -48.64 43.12
CA LYS F 6 -25.04 -50.03 43.52
C LYS F 6 -23.57 -50.28 43.87
N ILE F 7 -23.36 -51.01 44.97
CA ILE F 7 -22.02 -51.20 45.54
C ILE F 7 -21.71 -52.67 45.75
N GLN F 8 -20.74 -53.18 45.02
CA GLN F 8 -20.41 -54.61 45.12
C GLN F 8 -18.94 -54.80 45.49
N VAL F 9 -18.71 -55.69 46.47
CA VAL F 9 -17.38 -55.92 47.03
C VAL F 9 -17.01 -57.39 46.91
N TYR F 10 -15.83 -57.64 46.38
CA TYR F 10 -15.48 -58.98 45.97
C TYR F 10 -14.00 -59.03 45.71
N SER F 11 -13.46 -60.24 45.65
CA SER F 11 -12.04 -60.41 45.44
C SER F 11 -11.83 -60.77 43.99
N ARG F 12 -10.66 -60.44 43.46
CA ARG F 12 -10.35 -60.79 42.07
C ARG F 12 -10.43 -62.30 41.83
N HIS F 13 -9.71 -63.07 42.66
CA HIS F 13 -9.81 -64.53 42.62
C HIS F 13 -10.59 -65.01 43.84
N PRO F 14 -11.15 -66.25 43.76
CA PRO F 14 -11.65 -66.94 44.95
C PRO F 14 -10.58 -66.91 46.01
N ALA F 15 -10.91 -66.37 47.18
CA ALA F 15 -9.89 -66.03 48.14
C ALA F 15 -9.61 -67.19 49.09
N GLU F 16 -8.34 -67.37 49.41
CA GLU F 16 -7.88 -68.33 50.39
C GLU F 16 -6.99 -67.61 51.39
N ASN F 17 -7.13 -67.93 52.68
CA ASN F 17 -6.36 -67.23 53.67
C ASN F 17 -4.87 -67.39 53.40
N GLY F 18 -4.13 -66.30 53.59
CA GLY F 18 -2.70 -66.31 53.36
C GLY F 18 -2.27 -66.11 51.91
N LYS F 19 -3.23 -65.96 51.00
CA LYS F 19 -2.89 -65.87 49.59
C LYS F 19 -3.19 -64.49 49.01
N SER F 20 -2.16 -63.86 48.47
CA SER F 20 -2.28 -62.51 47.93
C SER F 20 -3.35 -62.44 46.83
N ASN F 21 -3.94 -61.27 46.65
CA ASN F 21 -5.16 -61.16 45.88
C ASN F 21 -5.50 -59.68 45.67
N PHE F 22 -6.56 -59.41 44.90
CA PHE F 22 -7.05 -58.04 44.77
C PHE F 22 -8.48 -57.96 45.30
N LEU F 23 -8.68 -57.02 46.21
CA LEU F 23 -10.02 -56.68 46.69
C LEU F 23 -10.73 -55.54 45.91
N ASN F 24 -11.88 -55.85 45.31
CA ASN F 24 -12.56 -54.91 44.44
C ASN F 24 -13.79 -54.31 45.10
N CYS F 25 -14.00 -53.03 44.83
CA CYS F 25 -15.28 -52.40 45.06
C CYS F 25 -15.76 -51.76 43.74
N TYR F 26 -16.82 -52.33 43.17
CA TYR F 26 -17.34 -51.88 41.90
C TYR F 26 -18.59 -51.07 42.16
N VAL F 27 -18.53 -49.79 41.80
CA VAL F 27 -19.60 -48.86 42.09
C VAL F 27 -20.29 -48.39 40.81
N SER F 28 -21.58 -48.64 40.69
CA SER F 28 -22.21 -48.52 39.38
C SER F 28 -23.66 -48.03 39.42
N GLY F 29 -24.19 -47.72 38.23
CA GLY F 29 -25.56 -47.27 38.07
C GLY F 29 -25.90 -45.94 38.75
N PHE F 30 -24.92 -45.14 39.15
CA PHE F 30 -25.28 -43.89 39.84
C PHE F 30 -25.31 -42.66 38.91
N HIS F 31 -25.97 -41.59 39.38
CA HIS F 31 -26.09 -40.33 38.65
C HIS F 31 -26.58 -39.27 39.66
N PRO F 32 -25.95 -38.08 39.69
CA PRO F 32 -24.85 -37.61 38.81
C PRO F 32 -23.50 -38.21 39.18
N SER F 33 -22.44 -37.63 38.63
CA SER F 33 -21.20 -38.38 38.49
C SER F 33 -20.24 -38.31 39.69
N ASP F 34 -20.43 -37.32 40.58
CA ASP F 34 -19.51 -37.13 41.71
C ASP F 34 -19.72 -38.21 42.76
N ILE F 35 -18.64 -38.78 43.22
CA ILE F 35 -18.78 -39.88 44.16
C ILE F 35 -17.49 -40.03 44.91
N GLU F 36 -17.59 -40.64 46.09
CA GLU F 36 -16.48 -40.78 47.00
C GLU F 36 -16.42 -42.23 47.47
N VAL F 37 -15.25 -42.84 47.34
CA VAL F 37 -15.12 -44.27 47.62
C VAL F 37 -13.87 -44.58 48.44
N ASP F 38 -14.04 -45.34 49.52
CA ASP F 38 -12.91 -45.81 50.32
C ASP F 38 -12.97 -47.33 50.51
N LEU F 39 -11.83 -47.98 50.46
CA LEU F 39 -11.73 -49.36 50.93
C LEU F 39 -11.31 -49.35 52.39
N LEU F 40 -12.03 -50.11 53.21
CA LEU F 40 -11.75 -50.16 54.64
C LEU F 40 -11.18 -51.49 55.09
N LYS F 41 -10.15 -51.43 55.93
CA LYS F 41 -9.62 -52.58 56.64
C LYS F 41 -9.90 -52.44 58.14
N ASN F 42 -10.72 -53.34 58.69
CA ASN F 42 -11.04 -53.30 60.11
C ASN F 42 -11.55 -51.93 60.53
N GLY F 43 -12.34 -51.30 59.66
CA GLY F 43 -12.91 -49.99 59.90
C GLY F 43 -11.98 -48.86 59.51
N GLU F 44 -10.84 -49.19 58.93
CA GLU F 44 -9.84 -48.17 58.63
C GLU F 44 -9.66 -47.96 57.14
N ARG F 45 -9.55 -46.71 56.71
CA ARG F 45 -9.30 -46.42 55.30
C ARG F 45 -7.91 -46.90 54.89
N ILE F 46 -7.88 -47.78 53.91
CA ILE F 46 -6.65 -48.21 53.24
C ILE F 46 -6.24 -47.09 52.27
N GLU F 47 -4.97 -46.68 52.27
CA GLU F 47 -4.66 -45.53 51.43
C GLU F 47 -4.05 -45.94 50.09
N LYS F 48 -3.30 -47.03 50.02
CA LYS F 48 -2.80 -47.50 48.75
C LYS F 48 -3.94 -48.14 47.94
N VAL F 49 -4.93 -47.33 47.58
CA VAL F 49 -6.09 -47.79 46.82
C VAL F 49 -6.10 -47.18 45.41
N GLU F 50 -6.26 -48.04 44.40
CA GLU F 50 -6.35 -47.63 43.01
C GLU F 50 -7.80 -47.51 42.52
N HIS F 51 -8.02 -46.76 41.44
CA HIS F 51 -9.32 -46.79 40.77
C HIS F 51 -9.26 -46.51 39.28
N SER F 52 -10.18 -47.10 38.52
CA SER F 52 -10.32 -46.85 37.10
C SER F 52 -10.81 -45.42 36.85
N ASP F 53 -10.72 -44.94 35.62
CA ASP F 53 -11.35 -43.65 35.28
C ASP F 53 -12.88 -43.80 35.33
N LEU F 54 -13.58 -42.73 35.71
CA LEU F 54 -15.04 -42.64 35.54
C LEU F 54 -15.47 -43.29 34.21
N SER F 55 -16.46 -44.16 34.27
CA SER F 55 -16.88 -44.84 33.07
C SER F 55 -18.34 -44.54 32.81
N PHE F 56 -18.76 -44.67 31.56
CA PHE F 56 -20.10 -44.28 31.17
C PHE F 56 -20.91 -45.49 30.74
N SER F 57 -22.15 -45.60 31.21
CA SER F 57 -23.04 -46.65 30.72
C SER F 57 -24.05 -46.13 29.72
N LYS F 58 -24.53 -47.04 28.89
CA LYS F 58 -25.52 -46.75 27.85
C LYS F 58 -26.80 -46.16 28.41
N ASP F 59 -27.13 -46.47 29.67
CA ASP F 59 -28.37 -45.93 30.28
C ASP F 59 -28.14 -44.57 30.95
N TRP F 60 -26.95 -44.02 30.70
CA TRP F 60 -26.48 -42.70 31.12
C TRP F 60 -25.92 -42.67 32.54
N SER F 61 -26.02 -43.77 33.29
CA SER F 61 -25.42 -43.81 34.63
C SER F 61 -23.92 -44.02 34.50
N PHE F 62 -23.19 -43.97 35.61
CA PHE F 62 -21.74 -44.07 35.59
C PHE F 62 -21.28 -45.23 36.42
N TYR F 63 -20.01 -45.63 36.26
CA TYR F 63 -19.49 -46.68 37.11
C TYR F 63 -17.98 -46.56 37.29
N LEU F 64 -17.49 -47.17 38.37
CA LEU F 64 -16.08 -47.10 38.77
C LEU F 64 -15.67 -48.41 39.46
N LEU F 65 -14.40 -48.79 39.29
CA LEU F 65 -13.80 -49.87 40.06
C LEU F 65 -12.70 -49.36 40.96
N TYR F 66 -12.91 -49.44 42.27
CA TYR F 66 -11.84 -49.19 43.24
C TYR F 66 -11.27 -50.53 43.70
N TYR F 67 -9.94 -50.64 43.74
CA TYR F 67 -9.32 -51.90 44.12
C TYR F 67 -8.06 -51.69 44.94
N THR F 68 -7.64 -52.74 45.63
CA THR F 68 -6.37 -52.72 46.34
C THR F 68 -5.90 -54.15 46.56
N GLU F 69 -4.59 -54.30 46.56
CA GLU F 69 -4.00 -55.59 46.81
C GLU F 69 -4.06 -55.88 48.31
N PHE F 70 -4.37 -57.13 48.66
CA PHE F 70 -4.52 -57.57 50.04
C PHE F 70 -4.11 -59.01 50.09
N THR F 71 -3.82 -59.44 51.31
CA THR F 71 -3.80 -60.84 51.63
C THR F 71 -4.90 -61.06 52.66
N PRO F 72 -5.94 -61.80 52.28
CA PRO F 72 -7.01 -62.07 53.24
C PRO F 72 -6.53 -62.97 54.40
N THR F 73 -6.89 -62.60 55.63
CA THR F 73 -6.70 -63.44 56.81
C THR F 73 -8.06 -63.72 57.44
N GLU F 74 -8.11 -64.62 58.41
CA GLU F 74 -9.38 -64.95 59.06
C GLU F 74 -9.86 -63.79 59.94
N LYS F 75 -8.91 -62.97 60.40
CA LYS F 75 -9.22 -61.92 61.36
C LYS F 75 -9.69 -60.63 60.67
N ASP F 76 -8.92 -60.16 59.69
CA ASP F 76 -9.18 -58.91 59.01
C ASP F 76 -10.56 -58.82 58.32
N GLU F 77 -11.32 -57.80 58.69
CA GLU F 77 -12.60 -57.53 58.04
C GLU F 77 -12.49 -56.38 57.03
N TYR F 78 -13.01 -56.60 55.83
CA TYR F 78 -12.89 -55.62 54.75
C TYR F 78 -14.23 -55.03 54.31
N ALA F 79 -14.23 -53.72 54.04
CA ALA F 79 -15.45 -53.02 53.62
C ALA F 79 -15.19 -51.97 52.51
N CYS F 80 -16.24 -51.59 51.80
CA CYS F 80 -16.16 -50.45 50.89
C CYS F 80 -17.12 -49.38 51.40
N ARG F 81 -16.66 -48.14 51.40
CA ARG F 81 -17.48 -47.04 51.90
C ARG F 81 -17.71 -45.99 50.82
N VAL F 82 -18.97 -45.73 50.54
CA VAL F 82 -19.32 -44.88 49.43
C VAL F 82 -20.17 -43.68 49.85
N ASN F 83 -19.75 -42.49 49.44
CA ASN F 83 -20.64 -41.35 49.61
C ASN F 83 -21.06 -40.75 48.26
N HIS F 84 -22.35 -40.41 48.19
CA HIS F 84 -22.99 -39.87 46.99
C HIS F 84 -24.11 -38.89 47.39
N VAL F 85 -24.46 -37.96 46.50
CA VAL F 85 -25.50 -36.98 46.84
C VAL F 85 -26.84 -37.67 47.15
N THR F 86 -27.07 -38.85 46.62
CA THR F 86 -28.28 -39.60 46.95
C THR F 86 -28.23 -40.26 48.33
N LEU F 87 -27.10 -40.10 49.02
CA LEU F 87 -26.91 -40.79 50.31
C LEU F 87 -26.82 -39.77 51.43
N SER F 88 -27.73 -39.91 52.40
CA SER F 88 -27.81 -38.97 53.52
C SER F 88 -26.59 -39.09 54.43
N GLN F 89 -25.93 -40.24 54.36
CA GLN F 89 -24.71 -40.48 55.12
C GLN F 89 -23.94 -41.57 54.39
N PRO F 90 -22.62 -41.66 54.63
CA PRO F 90 -21.85 -42.72 53.97
C PRO F 90 -22.51 -44.09 54.13
N LYS F 91 -22.45 -44.91 53.08
CA LYS F 91 -22.95 -46.28 53.16
C LYS F 91 -21.77 -47.24 53.15
N ILE F 92 -21.72 -48.10 54.17
CA ILE F 92 -20.64 -49.06 54.27
C ILE F 92 -21.14 -50.44 53.86
N VAL F 93 -20.35 -51.09 52.99
CA VAL F 93 -20.68 -52.43 52.52
C VAL F 93 -19.50 -53.35 52.76
N LYS F 94 -19.74 -54.43 53.53
CA LYS F 94 -18.67 -55.34 53.93
C LYS F 94 -18.42 -56.46 52.92
N TRP F 95 -17.14 -56.84 52.78
CA TRP F 95 -16.75 -58.01 51.99
C TRP F 95 -17.13 -59.30 52.73
N ASP F 96 -17.41 -60.36 51.99
CA ASP F 96 -17.69 -61.66 52.59
C ASP F 96 -16.56 -62.67 52.37
N GLY G 1 -7.65 -37.29 3.66
CA GLY G 1 -7.68 -38.04 2.42
C GLY G 1 -6.40 -37.78 1.64
N GLN G 2 -6.38 -38.16 0.36
CA GLN G 2 -5.16 -38.04 -0.42
C GLN G 2 -5.37 -37.30 -1.75
N ASN G 3 -6.47 -37.55 -2.45
CA ASN G 3 -6.53 -37.01 -3.81
C ASN G 3 -7.93 -36.60 -4.33
N ILE G 4 -8.00 -35.39 -4.89
CA ILE G 4 -9.22 -34.92 -5.54
C ILE G 4 -8.94 -34.46 -6.96
N ASP G 5 -9.81 -34.83 -7.90
CA ASP G 5 -9.57 -34.53 -9.30
C ASP G 5 -10.80 -33.97 -10.02
N GLN G 6 -10.56 -32.89 -10.76
CA GLN G 6 -11.60 -32.28 -11.58
C GLN G 6 -10.90 -31.63 -12.78
N PRO G 7 -11.58 -31.55 -13.91
CA PRO G 7 -10.96 -30.99 -15.12
C PRO G 7 -10.51 -29.53 -14.91
N THR G 8 -9.41 -29.16 -15.56
CA THR G 8 -8.88 -27.80 -15.41
C THR G 8 -9.88 -26.77 -15.93
N GLU G 9 -10.50 -27.08 -17.06
CA GLU G 9 -11.36 -26.11 -17.72
C GLU G 9 -12.44 -26.77 -18.56
N MET G 10 -13.61 -26.14 -18.62
CA MET G 10 -14.66 -26.55 -19.54
C MET G 10 -15.27 -25.35 -20.26
N THR G 11 -15.68 -25.54 -21.52
CA THR G 11 -16.31 -24.51 -22.31
C THR G 11 -17.63 -25.03 -22.88
N ALA G 12 -18.71 -24.26 -22.72
CA ALA G 12 -20.03 -24.66 -23.21
C ALA G 12 -20.79 -23.44 -23.76
N THR G 13 -21.93 -23.69 -24.35
CA THR G 13 -22.62 -22.60 -25.03
C THR G 13 -23.75 -22.09 -24.16
N GLU G 14 -23.98 -20.78 -24.24
CA GLU G 14 -25.08 -20.15 -23.54
C GLU G 14 -26.39 -20.90 -23.83
N GLY G 15 -27.16 -21.22 -22.78
CA GLY G 15 -28.44 -21.88 -22.95
C GLY G 15 -28.34 -23.40 -22.86
N ALA G 16 -27.12 -23.92 -22.84
CA ALA G 16 -26.96 -25.36 -22.87
C ALA G 16 -26.76 -25.93 -21.45
N ILE G 17 -26.31 -27.18 -21.38
CA ILE G 17 -26.13 -27.87 -20.11
C ILE G 17 -24.69 -28.32 -19.97
N VAL G 18 -24.06 -28.10 -18.81
CA VAL G 18 -22.70 -28.58 -18.60
C VAL G 18 -22.63 -29.45 -17.34
N GLN G 19 -21.85 -30.53 -17.39
CA GLN G 19 -21.70 -31.40 -16.23
C GLN G 19 -20.24 -31.37 -15.76
N ILE G 20 -20.01 -30.92 -14.54
CA ILE G 20 -18.64 -30.74 -14.08
C ILE G 20 -18.33 -31.88 -13.11
N ASN G 21 -17.32 -32.67 -13.42
CA ASN G 21 -17.05 -33.91 -12.65
C ASN G 21 -16.03 -33.71 -11.55
N CYS G 22 -16.17 -34.47 -10.49
CA CYS G 22 -15.19 -34.46 -9.42
C CYS G 22 -15.04 -35.87 -8.87
N THR G 23 -13.85 -36.43 -8.91
CA THR G 23 -13.59 -37.75 -8.32
C THR G 23 -12.61 -37.59 -7.17
N TYR G 24 -12.76 -38.42 -6.14
CA TYR G 24 -11.92 -38.27 -4.96
C TYR G 24 -11.44 -39.63 -4.44
N GLN G 25 -10.22 -39.67 -3.89
CA GLN G 25 -9.72 -40.84 -3.16
C GLN G 25 -9.42 -40.30 -1.79
N THR G 26 -10.17 -40.70 -0.76
CA THR G 26 -9.91 -40.06 0.53
C THR G 26 -9.86 -41.09 1.65
N SER G 27 -9.33 -40.68 2.80
CA SER G 27 -9.35 -41.57 3.98
C SER G 27 -10.66 -41.31 4.67
N GLY G 28 -11.71 -42.05 4.27
CA GLY G 28 -13.04 -41.88 4.82
C GLY G 28 -13.74 -40.71 4.14
N PHE G 29 -15.02 -40.54 4.47
CA PHE G 29 -15.83 -39.60 3.74
C PHE G 29 -16.92 -39.04 4.62
N ASN G 30 -16.93 -37.70 4.71
CA ASN G 30 -17.94 -37.01 5.50
C ASN G 30 -18.65 -35.92 4.72
N GLY G 31 -18.75 -36.09 3.40
CA GLY G 31 -19.47 -35.10 2.62
C GLY G 31 -18.62 -34.38 1.59
N LEU G 32 -19.28 -34.02 0.50
CA LEU G 32 -18.65 -33.41 -0.66
C LEU G 32 -19.31 -32.07 -0.94
N PHE G 33 -18.51 -31.02 -1.04
CA PHE G 33 -19.02 -29.66 -1.19
C PHE G 33 -18.73 -29.13 -2.60
N TRP G 34 -19.64 -28.37 -3.19
CA TRP G 34 -19.26 -27.56 -4.35
C TRP G 34 -19.31 -26.09 -3.97
N TYR G 35 -18.30 -25.33 -4.42
CA TYR G 35 -18.20 -23.89 -4.24
C TYR G 35 -18.07 -23.19 -5.58
N GLN G 36 -18.69 -22.01 -5.73
CA GLN G 36 -18.52 -21.18 -6.94
C GLN G 36 -17.55 -20.05 -6.63
N GLN G 37 -16.61 -19.80 -7.54
CA GLN G 37 -15.71 -18.70 -7.35
C GLN G 37 -15.54 -17.87 -8.62
N HIS G 38 -16.20 -16.72 -8.66
CA HIS G 38 -15.91 -15.76 -9.75
C HIS G 38 -14.49 -15.22 -9.68
N ALA G 39 -13.90 -14.95 -10.84
CA ALA G 39 -12.51 -14.46 -10.90
C ALA G 39 -12.33 -13.21 -10.02
N GLY G 40 -11.24 -13.18 -9.26
CA GLY G 40 -11.01 -12.12 -8.29
C GLY G 40 -11.97 -12.07 -7.10
N GLU G 41 -12.85 -13.06 -6.95
CA GLU G 41 -13.81 -12.99 -5.85
C GLU G 41 -13.61 -14.15 -4.88
N ALA G 42 -14.47 -14.20 -3.86
CA ALA G 42 -14.45 -15.24 -2.82
C ALA G 42 -15.21 -16.45 -3.29
N PRO G 43 -14.73 -17.65 -2.96
CA PRO G 43 -15.59 -18.83 -3.16
C PRO G 43 -16.85 -18.68 -2.33
N THR G 44 -17.99 -19.04 -2.90
CA THR G 44 -19.23 -19.14 -2.10
C THR G 44 -19.83 -20.56 -2.22
N PHE G 45 -20.43 -21.04 -1.13
CA PHE G 45 -21.02 -22.37 -1.06
C PHE G 45 -22.15 -22.52 -2.10
N LEU G 46 -22.10 -23.61 -2.86
CA LEU G 46 -23.14 -23.97 -3.82
C LEU G 46 -23.98 -25.17 -3.35
N SER G 47 -23.34 -26.29 -3.00
CA SER G 47 -24.09 -27.52 -2.68
C SER G 47 -23.32 -28.50 -1.76
N TYR G 48 -24.07 -29.43 -1.19
CA TYR G 48 -23.52 -30.44 -0.29
C TYR G 48 -24.21 -31.76 -0.59
N ASN G 49 -23.43 -32.81 -0.75
CA ASN G 49 -23.96 -34.17 -0.81
C ASN G 49 -23.22 -35.08 0.16
N VAL G 50 -23.92 -36.05 0.77
CA VAL G 50 -23.23 -36.97 1.65
C VAL G 50 -23.82 -38.38 1.57
N LEU G 51 -25.09 -38.49 1.19
CA LEU G 51 -25.64 -39.78 0.72
C LEU G 51 -25.74 -39.79 -0.79
N ASP G 52 -26.01 -40.97 -1.33
CA ASP G 52 -26.04 -41.18 -2.76
C ASP G 52 -27.25 -40.56 -3.41
N GLY G 53 -27.07 -40.00 -4.61
CA GLY G 53 -28.21 -39.47 -5.35
C GLY G 53 -28.05 -38.05 -5.90
N LEU G 54 -29.17 -37.48 -6.30
CA LEU G 54 -29.24 -36.19 -6.96
C LEU G 54 -30.05 -35.21 -6.15
N GLU G 55 -29.49 -34.05 -5.87
CA GLU G 55 -30.21 -32.95 -5.23
C GLU G 55 -30.32 -31.75 -6.17
N GLU G 56 -31.52 -31.20 -6.28
CA GLU G 56 -31.76 -30.08 -7.17
C GLU G 56 -31.93 -28.81 -6.38
N LYS G 57 -31.53 -27.71 -7.01
CA LYS G 57 -31.46 -26.43 -6.34
C LYS G 57 -31.43 -25.33 -7.41
N GLY G 58 -32.60 -25.02 -7.97
CA GLY G 58 -32.68 -24.08 -9.07
C GLY G 58 -32.14 -24.67 -10.36
N ARG G 59 -31.29 -23.93 -11.04
CA ARG G 59 -30.72 -24.40 -12.31
C ARG G 59 -29.62 -25.42 -12.06
N PHE G 60 -29.14 -25.52 -10.82
CA PHE G 60 -28.00 -26.37 -10.47
C PHE G 60 -28.48 -27.61 -9.75
N SER G 61 -27.82 -28.71 -10.07
CA SER G 61 -28.02 -30.02 -9.47
C SER G 61 -26.68 -30.57 -9.07
N SER G 62 -26.62 -31.29 -7.97
CA SER G 62 -25.37 -31.93 -7.62
C SER G 62 -25.62 -33.38 -7.26
N PHE G 63 -24.76 -34.24 -7.78
CA PHE G 63 -24.91 -35.70 -7.70
C PHE G 63 -23.74 -36.31 -6.93
N LEU G 64 -24.02 -37.37 -6.18
CA LEU G 64 -22.95 -38.10 -5.49
C LEU G 64 -23.14 -39.63 -5.59
N SER G 65 -22.05 -40.32 -5.88
CA SER G 65 -21.96 -41.77 -5.68
C SER G 65 -20.76 -42.04 -4.77
N ARG G 66 -21.02 -42.44 -3.54
CA ARG G 66 -19.95 -42.74 -2.59
C ARG G 66 -19.12 -43.97 -2.98
N SER G 67 -19.76 -45.00 -3.55
CA SER G 67 -19.02 -46.23 -3.86
C SER G 67 -18.06 -45.96 -5.02
N LYS G 68 -18.41 -45.00 -5.87
CA LYS G 68 -17.52 -44.65 -6.96
C LYS G 68 -16.57 -43.50 -6.61
N GLY G 69 -16.80 -42.84 -5.48
CA GLY G 69 -15.99 -41.69 -5.12
C GLY G 69 -16.12 -40.67 -6.24
N TYR G 70 -17.35 -40.29 -6.54
CA TYR G 70 -17.64 -39.47 -7.69
C TYR G 70 -18.82 -38.54 -7.42
N SER G 71 -18.70 -37.29 -7.90
CA SER G 71 -19.78 -36.32 -7.90
C SER G 71 -19.81 -35.49 -9.19
N TYR G 72 -20.94 -34.92 -9.55
CA TYR G 72 -20.91 -33.90 -10.56
C TYR G 72 -21.84 -32.77 -10.19
N LEU G 73 -21.44 -31.59 -10.63
CA LEU G 73 -22.26 -30.41 -10.53
C LEU G 73 -22.85 -30.16 -11.91
N LEU G 74 -24.17 -30.13 -12.00
CA LEU G 74 -24.86 -30.01 -13.27
C LEU G 74 -25.51 -28.63 -13.40
N LEU G 75 -25.03 -27.83 -14.34
CA LEU G 75 -25.63 -26.49 -14.60
C LEU G 75 -26.47 -26.54 -15.86
N LYS G 76 -27.76 -26.23 -15.72
CA LYS G 76 -28.67 -26.16 -16.86
C LYS G 76 -28.87 -24.70 -17.32
N GLU G 77 -29.34 -24.55 -18.55
CA GLU G 77 -29.74 -23.23 -19.08
C GLU G 77 -28.64 -22.19 -18.84
N LEU G 78 -27.45 -22.46 -19.34
CA LEU G 78 -26.29 -21.69 -18.98
C LEU G 78 -26.47 -20.22 -19.33
N GLN G 79 -25.97 -19.36 -18.46
CA GLN G 79 -25.98 -17.91 -18.69
C GLN G 79 -24.54 -17.45 -18.53
N MET G 80 -24.22 -16.25 -19.03
CA MET G 80 -22.87 -15.72 -18.95
C MET G 80 -22.40 -15.59 -17.52
N LYS G 81 -23.31 -15.26 -16.61
CA LYS G 81 -22.92 -15.04 -15.23
C LYS G 81 -22.49 -16.35 -14.55
N ASP G 82 -22.70 -17.48 -15.24
CA ASP G 82 -22.24 -18.77 -14.72
C ASP G 82 -20.74 -18.92 -14.94
N SER G 83 -20.15 -18.00 -15.71
CA SER G 83 -18.71 -18.08 -15.99
C SER G 83 -17.98 -17.88 -14.70
N ALA G 84 -17.18 -18.85 -14.30
CA ALA G 84 -16.61 -18.88 -12.95
C ALA G 84 -15.80 -20.14 -12.78
N SER G 85 -14.99 -20.21 -11.72
CA SER G 85 -14.40 -21.50 -11.35
C SER G 85 -15.32 -22.23 -10.39
N TYR G 86 -15.31 -23.56 -10.46
CA TYR G 86 -16.15 -24.36 -9.59
C TYR G 86 -15.23 -25.30 -8.82
N LEU G 87 -15.23 -25.17 -7.50
CA LEU G 87 -14.29 -25.91 -6.66
C LEU G 87 -15.01 -27.06 -5.97
N CYS G 88 -14.40 -28.24 -6.07
CA CYS G 88 -14.89 -29.45 -5.43
C CYS G 88 -14.12 -29.67 -4.13
N ALA G 89 -14.81 -29.98 -3.05
CA ALA G 89 -14.08 -30.24 -1.81
C ALA G 89 -14.72 -31.36 -0.98
N VAL G 90 -13.87 -32.17 -0.35
CA VAL G 90 -14.35 -33.37 0.37
C VAL G 90 -13.85 -33.40 1.82
N LYS G 91 -14.74 -33.66 2.78
CA LYS G 91 -14.35 -33.87 4.16
C LYS G 91 -13.87 -35.30 4.37
N ASP G 92 -12.63 -35.50 4.83
CA ASP G 92 -12.14 -36.84 5.09
C ASP G 92 -12.59 -37.32 6.48
N SER G 93 -12.09 -38.47 6.91
CA SER G 93 -12.50 -39.05 8.20
C SER G 93 -12.21 -38.21 9.42
N ASN G 94 -11.28 -37.26 9.31
CA ASN G 94 -10.96 -36.41 10.45
C ASN G 94 -11.52 -35.00 10.24
N TYR G 95 -12.56 -34.91 9.41
CA TYR G 95 -13.32 -33.67 9.18
C TYR G 95 -12.42 -32.57 8.59
N GLN G 96 -11.39 -32.99 7.85
CA GLN G 96 -10.48 -32.10 7.15
C GLN G 96 -10.87 -32.03 5.68
N LEU G 97 -10.94 -30.82 5.16
CA LEU G 97 -11.30 -30.56 3.76
C LEU G 97 -10.16 -30.84 2.81
N ILE G 98 -10.44 -31.63 1.79
CA ILE G 98 -9.52 -31.79 0.67
C ILE G 98 -10.13 -31.03 -0.50
N TRP G 99 -9.41 -30.03 -1.02
CA TRP G 99 -9.89 -29.19 -2.12
C TRP G 99 -9.39 -29.62 -3.48
N GLY G 100 -10.29 -29.74 -4.45
CA GLY G 100 -9.84 -29.90 -5.81
C GLY G 100 -9.26 -28.58 -6.34
N ALA G 101 -8.51 -28.67 -7.44
CA ALA G 101 -7.83 -27.51 -8.02
C ALA G 101 -8.77 -26.56 -8.75
N GLY G 102 -10.00 -26.98 -9.00
CA GLY G 102 -10.97 -26.11 -9.61
C GLY G 102 -11.17 -26.33 -11.10
N THR G 103 -12.41 -26.19 -11.54
CA THR G 103 -12.73 -26.18 -12.95
C THR G 103 -13.18 -24.79 -13.37
N LYS G 104 -12.43 -24.19 -14.28
CA LYS G 104 -12.84 -22.94 -14.89
C LYS G 104 -13.88 -23.18 -15.99
N LEU G 105 -15.08 -22.64 -15.81
CA LEU G 105 -16.16 -22.82 -16.79
C LEU G 105 -16.30 -21.58 -17.68
N ILE G 106 -16.07 -21.74 -18.97
CA ILE G 106 -16.15 -20.63 -19.91
C ILE G 106 -17.47 -20.77 -20.70
N ILE G 107 -18.19 -19.67 -20.85
CA ILE G 107 -19.46 -19.64 -21.56
C ILE G 107 -19.39 -18.85 -22.87
N LYS G 108 -19.73 -19.52 -23.97
CA LYS G 108 -19.79 -18.85 -25.25
C LYS G 108 -21.16 -18.21 -25.47
N PRO G 109 -21.20 -16.87 -25.62
CA PRO G 109 -22.48 -16.20 -25.82
C PRO G 109 -23.08 -16.64 -27.14
N ASP G 110 -24.40 -16.70 -27.19
CA ASP G 110 -25.06 -16.99 -28.44
C ASP G 110 -25.25 -15.68 -29.22
N ILE G 111 -24.38 -15.42 -30.19
CA ILE G 111 -24.47 -14.23 -31.03
C ILE G 111 -25.54 -14.40 -32.12
N GLN G 112 -26.65 -13.68 -32.01
CA GLN G 112 -27.74 -13.82 -32.98
C GLN G 112 -27.38 -13.25 -34.37
N ASN G 113 -26.70 -12.10 -34.36
CA ASN G 113 -26.37 -11.45 -35.64
C ASN G 113 -24.91 -11.07 -35.77
N PRO G 114 -24.06 -12.07 -36.10
CA PRO G 114 -22.62 -11.86 -36.19
C PRO G 114 -22.30 -10.81 -37.25
N ASP G 115 -21.48 -9.84 -36.93
CA ASP G 115 -21.10 -8.80 -37.88
C ASP G 115 -19.60 -8.58 -37.75
N PRO G 116 -18.80 -9.62 -37.97
CA PRO G 116 -17.36 -9.46 -37.71
C PRO G 116 -16.72 -8.29 -38.46
N ALA G 117 -15.82 -7.60 -37.76
CA ALA G 117 -15.09 -6.48 -38.32
C ALA G 117 -13.90 -6.15 -37.42
N VAL G 118 -12.94 -5.49 -38.05
CA VAL G 118 -11.77 -4.93 -37.40
C VAL G 118 -11.83 -3.42 -37.61
N TYR G 119 -11.86 -2.66 -36.52
CA TYR G 119 -11.92 -1.22 -36.64
C TYR G 119 -10.67 -0.60 -36.08
N GLN G 120 -10.31 0.56 -36.61
CA GLN G 120 -9.22 1.31 -36.04
C GLN G 120 -9.80 2.36 -35.11
N LEU G 121 -9.40 2.35 -33.84
CA LEU G 121 -9.92 3.38 -32.95
C LEU G 121 -9.13 4.67 -33.22
N ARG G 122 -9.57 5.81 -32.68
CA ARG G 122 -8.82 7.04 -32.89
C ARG G 122 -7.60 7.02 -31.99
N ASP G 123 -6.48 7.46 -32.55
CA ASP G 123 -5.27 7.75 -31.79
C ASP G 123 -5.58 8.69 -30.61
N SER G 124 -4.87 8.50 -29.50
CA SER G 124 -4.86 9.45 -28.40
C SER G 124 -3.66 10.40 -28.52
N LYS G 125 -3.85 11.68 -28.25
CA LYS G 125 -2.73 12.63 -28.35
C LYS G 125 -1.70 12.34 -27.27
N SER G 126 -2.09 11.54 -26.26
CA SER G 126 -1.18 11.18 -25.18
C SER G 126 -0.56 9.80 -25.29
N SER G 127 -0.78 9.11 -26.41
CA SER G 127 -0.15 7.79 -26.56
C SER G 127 0.47 7.55 -27.95
N ASP G 128 1.63 6.92 -28.01
CA ASP G 128 2.21 6.53 -29.31
C ASP G 128 1.57 5.26 -29.91
N LYS G 129 0.62 4.67 -29.20
CA LYS G 129 0.01 3.42 -29.67
C LYS G 129 -1.04 3.60 -30.75
N SER G 130 -1.05 2.68 -31.69
CA SER G 130 -2.18 2.53 -32.58
C SER G 130 -3.03 1.32 -32.13
N VAL G 131 -4.37 1.42 -32.19
CA VAL G 131 -5.25 0.48 -31.51
C VAL G 131 -6.34 -0.07 -32.45
N CYS G 132 -6.47 -1.39 -32.46
CA CYS G 132 -7.40 -2.05 -33.36
C CYS G 132 -8.36 -2.93 -32.57
N LEU G 133 -9.64 -2.85 -32.90
CA LEU G 133 -10.67 -3.65 -32.26
C LEU G 133 -11.27 -4.65 -33.22
N PHE G 134 -11.15 -5.94 -32.89
CA PHE G 134 -11.81 -7.03 -33.61
C PHE G 134 -13.08 -7.33 -32.84
N THR G 135 -14.25 -7.24 -33.47
CA THR G 135 -15.49 -7.22 -32.74
C THR G 135 -16.67 -7.77 -33.53
N ASP G 136 -17.67 -8.25 -32.78
CA ASP G 136 -18.98 -8.66 -33.27
C ASP G 136 -18.93 -10.00 -34.04
N PHE G 137 -17.83 -10.74 -33.85
CA PHE G 137 -17.73 -12.10 -34.42
C PHE G 137 -18.50 -13.11 -33.60
N ASP G 138 -18.85 -14.21 -34.26
CA ASP G 138 -19.47 -15.36 -33.64
C ASP G 138 -18.54 -16.02 -32.58
N SER G 139 -19.12 -16.66 -31.59
CA SER G 139 -18.35 -17.27 -30.49
C SER G 139 -17.44 -18.42 -30.90
N GLN G 140 -17.62 -18.93 -32.11
CA GLN G 140 -16.79 -20.03 -32.55
C GLN G 140 -15.41 -19.53 -32.91
N THR G 141 -15.28 -18.24 -33.21
CA THR G 141 -13.98 -17.64 -33.54
C THR G 141 -13.07 -17.62 -32.31
N ASN G 142 -11.81 -17.99 -32.50
CA ASN G 142 -10.81 -17.91 -31.42
C ASN G 142 -9.77 -16.84 -31.75
N VAL G 143 -9.26 -16.17 -30.73
CA VAL G 143 -8.27 -15.14 -30.94
C VAL G 143 -6.88 -15.62 -30.52
N SER G 144 -5.91 -15.53 -31.42
CA SER G 144 -4.56 -15.99 -31.15
C SER G 144 -3.70 -14.84 -30.69
N GLN G 145 -2.69 -15.16 -29.87
CA GLN G 145 -1.66 -14.19 -29.48
C GLN G 145 -0.87 -13.70 -30.67
N SER G 146 -0.20 -12.56 -30.52
CA SER G 146 0.61 -12.02 -31.60
C SER G 146 1.84 -12.89 -31.87
N LYS G 147 2.31 -12.87 -33.12
CA LYS G 147 3.54 -13.53 -33.48
C LYS G 147 4.69 -12.51 -33.45
N ASP G 148 4.34 -11.24 -33.32
CA ASP G 148 5.31 -10.14 -33.26
C ASP G 148 5.41 -9.66 -31.80
N SER G 149 6.64 -9.62 -31.29
CA SER G 149 6.88 -9.23 -29.91
C SER G 149 6.55 -7.75 -29.61
N ASP G 150 6.36 -6.92 -30.63
CA ASP G 150 5.98 -5.54 -30.35
C ASP G 150 4.51 -5.24 -30.70
N VAL G 151 3.73 -6.31 -30.79
CA VAL G 151 2.28 -6.25 -30.98
C VAL G 151 1.59 -6.99 -29.82
N TYR G 152 0.63 -6.33 -29.16
CA TYR G 152 -0.05 -6.95 -28.04
C TYR G 152 -1.49 -7.15 -28.44
N ILE G 153 -1.98 -8.36 -28.18
CA ILE G 153 -3.31 -8.79 -28.57
C ILE G 153 -4.00 -9.44 -27.38
N THR G 154 -5.15 -8.92 -26.98
CA THR G 154 -5.80 -9.49 -25.80
C THR G 154 -6.83 -10.53 -26.25
N ASP G 155 -7.20 -11.42 -25.33
CA ASP G 155 -8.14 -12.47 -25.70
C ASP G 155 -9.55 -11.90 -25.82
N LYS G 156 -10.38 -12.67 -26.51
CA LYS G 156 -11.83 -12.56 -26.49
C LYS G 156 -12.40 -12.08 -25.14
N CYS G 157 -13.25 -11.06 -25.14
CA CYS G 157 -13.97 -10.61 -23.95
C CYS G 157 -15.45 -10.34 -24.38
N VAL G 158 -16.41 -10.73 -23.54
CA VAL G 158 -17.83 -10.63 -23.85
C VAL G 158 -18.51 -9.47 -23.12
N LEU G 159 -18.94 -8.45 -23.86
CA LEU G 159 -19.64 -7.37 -23.20
C LEU G 159 -21.15 -7.42 -23.47
N ASP G 160 -21.89 -6.81 -22.56
CA ASP G 160 -23.34 -6.91 -22.50
C ASP G 160 -23.92 -5.51 -22.35
N MET G 161 -24.56 -5.01 -23.40
CA MET G 161 -25.26 -3.73 -23.30
C MET G 161 -26.68 -4.08 -22.89
N ARG G 162 -26.98 -4.18 -21.60
CA ARG G 162 -28.23 -4.86 -21.25
C ARG G 162 -29.41 -3.94 -21.50
N SER G 163 -29.13 -2.66 -21.59
CA SER G 163 -30.09 -1.68 -22.08
C SER G 163 -30.64 -2.04 -23.45
N MET G 164 -29.82 -2.64 -24.30
CA MET G 164 -30.26 -3.09 -25.62
C MET G 164 -30.36 -4.61 -25.70
N ASP G 165 -30.11 -5.26 -24.56
CA ASP G 165 -30.17 -6.72 -24.47
C ASP G 165 -29.29 -7.35 -25.58
N PHE G 166 -28.07 -6.86 -25.63
CA PHE G 166 -27.20 -7.08 -26.77
C PHE G 166 -25.83 -7.49 -26.28
N LYS G 167 -25.29 -8.57 -26.83
CA LYS G 167 -23.98 -9.07 -26.39
C LYS G 167 -23.03 -9.11 -27.58
N SER G 168 -21.75 -8.88 -27.34
CA SER G 168 -20.77 -9.02 -28.40
C SER G 168 -19.40 -9.39 -27.88
N ASN G 169 -18.71 -10.24 -28.64
CA ASN G 169 -17.30 -10.54 -28.42
C ASN G 169 -16.43 -9.43 -28.97
N SER G 170 -15.28 -9.20 -28.36
CA SER G 170 -14.23 -8.43 -29.03
C SER G 170 -12.83 -8.70 -28.46
N ALA G 171 -11.81 -8.31 -29.21
CA ALA G 171 -10.44 -8.45 -28.76
C ALA G 171 -9.72 -7.23 -29.26
N VAL G 172 -8.73 -6.79 -28.49
CA VAL G 172 -8.00 -5.57 -28.79
C VAL G 172 -6.55 -5.88 -29.20
N ALA G 173 -6.04 -5.14 -30.18
CA ALA G 173 -4.63 -5.26 -30.52
C ALA G 173 -4.03 -3.87 -30.63
N TRP G 174 -2.79 -3.73 -30.15
CA TRP G 174 -2.16 -2.44 -30.28
C TRP G 174 -0.66 -2.59 -30.45
N SER G 175 -0.05 -1.54 -30.98
CA SER G 175 1.38 -1.54 -31.17
C SER G 175 1.93 -0.13 -31.31
N ASN G 176 3.21 -0.04 -30.98
CA ASN G 176 4.10 1.09 -31.21
C ASN G 176 4.61 1.21 -32.64
N LYS G 177 4.72 0.07 -33.32
CA LYS G 177 5.55 -0.08 -34.50
C LYS G 177 5.07 0.74 -35.69
N SER G 178 6.02 1.29 -36.43
CA SER G 178 5.75 2.21 -37.53
C SER G 178 4.88 1.61 -38.64
N ASP G 179 4.97 0.30 -38.82
CA ASP G 179 4.23 -0.33 -39.91
C ASP G 179 3.04 -1.14 -39.42
N PHE G 180 2.57 -0.88 -38.20
CA PHE G 180 1.40 -1.56 -37.63
C PHE G 180 0.15 -1.11 -38.34
N ALA G 181 -0.71 -2.06 -38.70
CA ALA G 181 -1.94 -1.75 -39.42
C ALA G 181 -3.03 -2.71 -39.02
N CYS G 182 -4.22 -2.18 -38.74
CA CYS G 182 -5.36 -3.00 -38.34
C CYS G 182 -5.65 -4.09 -39.37
N ALA G 183 -5.42 -3.77 -40.65
CA ALA G 183 -5.62 -4.74 -41.73
C ALA G 183 -4.84 -6.04 -41.51
N ASN G 184 -3.74 -5.95 -40.76
CA ASN G 184 -2.84 -7.08 -40.54
C ASN G 184 -2.73 -7.52 -39.07
N ALA G 185 -3.27 -6.70 -38.18
CA ALA G 185 -3.22 -6.90 -36.73
C ALA G 185 -3.58 -8.32 -36.28
N PHE G 186 -4.65 -8.87 -36.82
CA PHE G 186 -5.11 -10.18 -36.36
C PHE G 186 -4.79 -11.29 -37.37
N ASN G 187 -3.72 -11.13 -38.14
CA ASN G 187 -3.29 -12.11 -39.15
C ASN G 187 -2.95 -13.48 -38.58
N ASN G 188 -2.37 -13.51 -37.38
CA ASN G 188 -2.06 -14.77 -36.72
C ASN G 188 -3.32 -15.53 -36.30
N SER G 189 -4.49 -14.92 -36.45
CA SER G 189 -5.73 -15.59 -36.05
C SER G 189 -6.51 -16.06 -37.26
N ILE G 190 -7.39 -17.02 -37.03
CA ILE G 190 -8.33 -17.47 -38.05
C ILE G 190 -9.66 -16.74 -37.85
N ILE G 191 -9.89 -15.74 -38.70
CA ILE G 191 -11.05 -14.89 -38.57
C ILE G 191 -12.07 -15.19 -39.68
N PRO G 192 -13.35 -14.89 -39.44
CA PRO G 192 -14.33 -15.17 -40.49
C PRO G 192 -14.00 -14.50 -41.83
N GLU G 193 -14.37 -15.19 -42.91
CA GLU G 193 -14.07 -14.76 -44.27
C GLU G 193 -14.76 -13.45 -44.58
N ASP G 194 -15.90 -13.23 -43.96
CA ASP G 194 -16.69 -12.03 -44.22
C ASP G 194 -16.30 -10.83 -43.31
N THR G 195 -15.12 -10.90 -42.70
CA THR G 195 -14.77 -9.88 -41.73
C THR G 195 -14.63 -8.54 -42.45
N PHE G 196 -15.41 -7.57 -42.01
CA PHE G 196 -15.42 -6.21 -42.53
C PHE G 196 -14.17 -5.45 -42.10
N PHE G 197 -13.45 -4.92 -43.08
CA PHE G 197 -12.25 -4.12 -42.90
C PHE G 197 -12.44 -2.73 -43.57
N PRO G 198 -13.02 -1.76 -42.83
CA PRO G 198 -13.27 -0.44 -43.44
C PRO G 198 -11.99 0.23 -43.91
N SER G 199 -12.06 1.01 -44.99
CA SER G 199 -10.85 1.60 -45.57
C SER G 199 -10.09 2.53 -44.63
N PRO G 200 -8.75 2.45 -44.72
CA PRO G 200 -7.76 3.32 -44.04
C PRO G 200 -8.17 4.79 -44.03
N GLY H 3 -20.39 -10.47 7.13
CA GLY H 3 -19.69 -11.75 6.98
C GLY H 3 -18.22 -11.68 7.37
N VAL H 4 -17.35 -11.97 6.41
CA VAL H 4 -15.93 -12.09 6.70
C VAL H 4 -15.18 -10.92 6.06
N THR H 5 -14.43 -10.17 6.87
CA THR H 5 -13.75 -8.95 6.44
C THR H 5 -12.26 -9.12 6.63
N GLN H 6 -11.51 -9.21 5.54
CA GLN H 6 -10.07 -9.35 5.69
C GLN H 6 -9.37 -8.20 4.98
N THR H 7 -8.20 -7.81 5.49
CA THR H 7 -7.41 -6.73 4.90
C THR H 7 -5.94 -7.06 4.97
N PRO H 8 -5.13 -6.48 4.04
CA PRO H 8 -5.49 -5.61 2.92
C PRO H 8 -5.91 -6.38 1.69
N LYS H 9 -6.49 -5.72 0.67
CA LYS H 9 -6.82 -6.41 -0.57
C LYS H 9 -5.55 -6.71 -1.39
N PHE H 10 -4.58 -5.81 -1.33
CA PHE H 10 -3.33 -5.96 -2.07
C PHE H 10 -2.15 -5.56 -1.21
N GLN H 11 -1.00 -6.17 -1.45
CA GLN H 11 0.19 -5.74 -0.75
C GLN H 11 1.44 -6.24 -1.47
N VAL H 12 2.36 -5.33 -1.79
CA VAL H 12 3.72 -5.70 -2.21
C VAL H 12 4.63 -5.69 -1.01
N LEU H 13 5.60 -6.59 -1.05
CA LEU H 13 6.53 -6.81 0.05
C LEU H 13 7.89 -7.16 -0.52
N LYS H 14 8.90 -6.68 0.17
CA LYS H 14 10.27 -7.04 -0.14
C LYS H 14 10.57 -8.32 0.64
N THR H 15 11.31 -9.25 0.04
CA THR H 15 11.87 -10.40 0.74
C THR H 15 12.43 -10.00 2.11
N GLY H 16 12.06 -10.75 3.15
CA GLY H 16 12.49 -10.48 4.51
C GLY H 16 11.59 -9.53 5.28
N GLN H 17 10.62 -8.92 4.61
CA GLN H 17 9.76 -7.94 5.29
C GLN H 17 8.60 -8.64 6.03
N SER H 18 8.09 -8.06 7.10
CA SER H 18 7.05 -8.75 7.84
C SER H 18 5.68 -8.13 7.55
N MET H 19 4.65 -8.95 7.60
CA MET H 19 3.31 -8.54 7.22
C MET H 19 2.30 -9.25 8.11
N THR H 20 1.25 -8.53 8.50
CA THR H 20 0.10 -9.12 9.18
C THR H 20 -1.18 -8.92 8.36
N LEU H 21 -1.89 -10.00 8.06
CA LEU H 21 -3.22 -9.87 7.44
C LEU H 21 -4.31 -10.02 8.49
N GLN H 22 -5.32 -9.15 8.44
CA GLN H 22 -6.38 -9.14 9.45
C GLN H 22 -7.58 -9.90 8.97
N CYS H 23 -8.36 -10.44 9.88
CA CYS H 23 -9.63 -11.01 9.51
C CYS H 23 -10.58 -10.93 10.68
N ALA H 24 -11.81 -10.55 10.40
CA ALA H 24 -12.87 -10.48 11.39
C ALA H 24 -14.10 -11.09 10.78
N GLN H 25 -14.91 -11.79 11.58
CA GLN H 25 -16.23 -12.21 11.15
C GLN H 25 -17.25 -11.74 12.17
N ASP H 26 -18.40 -11.31 11.70
CA ASP H 26 -19.46 -10.79 12.57
C ASP H 26 -20.63 -11.75 12.56
N MET H 27 -20.36 -13.02 12.31
CA MET H 27 -21.45 -13.97 12.19
C MET H 27 -21.57 -14.83 13.45
N ASN H 28 -20.71 -14.54 14.43
CA ASN H 28 -20.64 -15.26 15.70
C ASN H 28 -20.25 -16.72 15.48
N HIS H 29 -19.39 -16.95 14.48
CA HIS H 29 -18.83 -18.27 14.24
C HIS H 29 -17.76 -18.61 15.27
N ASN H 30 -17.51 -19.90 15.47
CA ASN H 30 -16.46 -20.33 16.39
C ASN H 30 -15.19 -20.73 15.66
N SER H 31 -15.29 -21.18 14.41
CA SER H 31 -14.12 -21.72 13.72
C SER H 31 -13.60 -20.74 12.65
N MET H 32 -12.29 -20.48 12.63
CA MET H 32 -11.73 -19.62 11.57
C MET H 32 -10.52 -20.27 10.91
N TYR H 33 -10.23 -19.86 9.68
CA TYR H 33 -9.24 -20.55 8.85
C TYR H 33 -8.47 -19.55 7.98
N TRP H 34 -7.22 -19.87 7.68
CA TRP H 34 -6.47 -19.11 6.71
C TRP H 34 -5.98 -20.07 5.61
N TYR H 35 -6.34 -19.75 4.36
CA TYR H 35 -5.94 -20.53 3.18
C TYR H 35 -5.01 -19.77 2.25
N ARG H 36 -4.20 -20.49 1.51
CA ARG H 36 -3.62 -19.86 0.33
C ARG H 36 -4.08 -20.55 -0.93
N GLN H 37 -4.27 -19.72 -1.94
CA GLN H 37 -4.70 -20.18 -3.23
C GLN H 37 -3.66 -19.83 -4.29
N ASP H 38 -3.14 -20.87 -4.93
CA ASP H 38 -2.16 -20.75 -5.98
C ASP H 38 -2.64 -21.45 -7.25
N PRO H 39 -2.16 -20.98 -8.42
CA PRO H 39 -2.53 -21.56 -9.71
C PRO H 39 -2.22 -23.04 -9.77
N GLY H 40 -3.12 -23.83 -10.34
CA GLY H 40 -2.85 -25.25 -10.56
C GLY H 40 -3.08 -26.18 -9.39
N MET H 41 -3.54 -25.63 -8.27
CA MET H 41 -3.75 -26.51 -7.13
C MET H 41 -4.95 -26.10 -6.29
N GLY H 42 -5.40 -27.01 -5.43
CA GLY H 42 -6.50 -26.69 -4.54
C GLY H 42 -6.07 -25.77 -3.40
N LEU H 43 -7.04 -25.08 -2.81
CA LEU H 43 -6.80 -24.34 -1.59
C LEU H 43 -5.97 -25.16 -0.62
N ARG H 44 -4.94 -24.54 -0.03
CA ARG H 44 -4.18 -25.21 1.03
C ARG H 44 -4.35 -24.48 2.36
N LEU H 45 -4.70 -25.22 3.40
CA LEU H 45 -4.91 -24.64 4.71
C LEU H 45 -3.56 -24.30 5.34
N ILE H 46 -3.45 -23.08 5.90
CA ILE H 46 -2.21 -22.63 6.52
C ILE H 46 -2.22 -22.85 8.04
N TYR H 47 -3.22 -22.25 8.71
CA TYR H 47 -3.47 -22.49 10.14
C TYR H 47 -4.95 -22.43 10.34
N TYR H 48 -5.45 -23.01 11.43
CA TYR H 48 -6.87 -22.81 11.73
C TYR H 48 -7.10 -22.66 13.22
N SER H 49 -8.34 -22.38 13.58
CA SER H 49 -8.71 -22.09 14.95
C SER H 49 -10.10 -22.71 15.11
N ALA H 50 -10.16 -23.91 15.67
CA ALA H 50 -11.42 -24.66 15.82
C ALA H 50 -12.43 -23.93 16.68
N SER H 51 -11.94 -23.23 17.68
CA SER H 51 -12.80 -22.35 18.47
C SER H 51 -11.94 -21.34 19.17
N GLU H 52 -12.56 -20.37 19.85
CA GLU H 52 -11.80 -19.32 20.53
C GLU H 52 -10.87 -19.98 21.51
N GLY H 53 -9.65 -19.49 21.65
CA GLY H 53 -8.77 -20.13 22.63
C GLY H 53 -7.89 -21.27 22.12
N THR H 54 -8.08 -21.73 20.89
CA THR H 54 -7.13 -22.73 20.37
C THR H 54 -6.82 -22.52 18.89
N THR H 55 -5.61 -22.87 18.50
CA THR H 55 -5.18 -22.78 17.10
C THR H 55 -4.25 -23.93 16.82
N ASP H 56 -4.04 -24.23 15.53
CA ASP H 56 -3.12 -25.30 15.18
C ASP H 56 -2.72 -25.21 13.71
N LYS H 57 -1.57 -25.77 13.38
CA LYS H 57 -1.12 -25.80 12.01
C LYS H 57 -2.09 -26.48 11.04
N GLY H 58 -2.08 -26.04 9.79
CA GLY H 58 -2.81 -26.75 8.75
C GLY H 58 -1.82 -27.57 7.98
N GLU H 59 -1.99 -27.63 6.67
CA GLU H 59 -1.03 -28.28 5.76
C GLU H 59 0.26 -27.50 5.49
N VAL H 60 0.21 -26.16 5.43
CA VAL H 60 1.44 -25.42 5.11
C VAL H 60 1.80 -24.28 6.09
N PRO H 61 2.11 -24.63 7.35
CA PRO H 61 2.33 -23.63 8.41
C PRO H 61 3.67 -22.89 8.32
N ASN H 62 4.68 -23.44 7.63
CA ASN H 62 6.02 -22.86 7.70
C ASN H 62 6.10 -21.52 6.96
N GLY H 63 6.53 -20.51 7.68
CA GLY H 63 6.71 -19.16 7.17
C GLY H 63 5.59 -18.30 7.70
N TYR H 64 4.67 -18.91 8.45
CA TYR H 64 3.50 -18.20 8.94
C TYR H 64 3.23 -18.41 10.42
N ASN H 65 2.46 -17.49 10.97
CA ASN H 65 1.97 -17.62 12.34
C ASN H 65 0.57 -17.04 12.45
N VAL H 66 -0.22 -17.48 13.41
CA VAL H 66 -1.53 -16.88 13.61
C VAL H 66 -1.81 -16.49 15.05
N SER H 67 -2.72 -15.56 15.25
CA SER H 67 -3.28 -15.47 16.57
C SER H 67 -4.79 -15.31 16.50
N ARG H 68 -5.51 -16.14 17.25
CA ARG H 68 -6.94 -15.96 17.44
C ARG H 68 -7.12 -15.00 18.61
N LEU H 69 -7.24 -13.72 18.27
CA LEU H 69 -7.20 -12.63 19.24
C LEU H 69 -8.45 -12.68 20.12
N ASN H 70 -9.56 -13.07 19.54
CA ASN H 70 -10.84 -13.17 20.24
C ASN H 70 -11.77 -14.03 19.38
N LYS H 71 -13.06 -14.08 19.67
CA LYS H 71 -13.89 -14.97 18.88
C LYS H 71 -14.14 -14.43 17.46
N ARG H 72 -14.09 -13.12 17.30
CA ARG H 72 -14.29 -12.47 16.00
C ARG H 72 -13.03 -12.47 15.11
N GLU H 73 -11.85 -12.39 15.71
CA GLU H 73 -10.67 -12.04 14.91
C GLU H 73 -9.56 -13.07 14.86
N PHE H 74 -9.02 -13.23 13.66
CA PHE H 74 -8.05 -14.26 13.38
C PHE H 74 -7.01 -13.67 12.46
N SER H 75 -5.86 -13.40 13.04
CA SER H 75 -4.76 -12.71 12.41
C SER H 75 -3.73 -13.70 11.81
N LEU H 76 -3.20 -13.36 10.63
CA LEU H 76 -2.16 -14.18 9.98
C LEU H 76 -0.87 -13.39 9.82
N ARG H 77 0.22 -13.95 10.30
CA ARG H 77 1.48 -13.24 10.38
C ARG H 77 2.50 -13.89 9.46
N LEU H 78 3.08 -13.07 8.57
CA LEU H 78 4.28 -13.45 7.83
C LEU H 78 5.46 -12.69 8.46
N GLU H 79 6.39 -13.37 9.11
CA GLU H 79 7.45 -12.65 9.83
C GLU H 79 8.60 -12.25 8.91
N SER H 80 9.02 -13.18 8.05
CA SER H 80 10.09 -12.92 7.10
C SER H 80 9.65 -13.28 5.67
N ALA H 81 9.10 -12.32 4.93
CA ALA H 81 8.40 -12.69 3.69
C ALA H 81 9.33 -13.35 2.69
N ALA H 82 8.79 -14.35 1.96
CA ALA H 82 9.51 -15.04 0.88
C ALA H 82 8.73 -14.99 -0.41
N PRO H 83 9.44 -14.92 -1.55
CA PRO H 83 8.87 -15.03 -2.90
C PRO H 83 7.82 -16.14 -3.03
N SER H 84 8.09 -17.30 -2.42
CA SER H 84 7.15 -18.42 -2.49
C SER H 84 5.85 -18.12 -1.73
N GLN H 85 5.84 -17.10 -0.88
CA GLN H 85 4.60 -16.70 -0.23
C GLN H 85 3.77 -15.70 -1.08
N THR H 86 4.22 -15.46 -2.31
CA THR H 86 3.39 -14.73 -3.27
C THR H 86 2.17 -15.58 -3.55
N SER H 87 0.99 -15.05 -3.23
CA SER H 87 -0.21 -15.85 -3.27
C SER H 87 -1.43 -15.00 -3.07
N VAL H 88 -2.60 -15.61 -3.17
CA VAL H 88 -3.82 -14.96 -2.73
C VAL H 88 -4.28 -15.67 -1.48
N TYR H 89 -4.44 -14.91 -0.40
CA TYR H 89 -4.84 -15.47 0.88
C TYR H 89 -6.30 -15.21 1.20
N PHE H 90 -6.96 -16.28 1.61
CA PHE H 90 -8.36 -16.19 2.00
C PHE H 90 -8.54 -16.59 3.46
N CYS H 91 -9.27 -15.74 4.16
CA CYS H 91 -9.71 -16.05 5.49
C CYS H 91 -11.12 -16.60 5.37
N ALA H 92 -11.43 -17.62 6.17
CA ALA H 92 -12.75 -18.21 6.14
C ALA H 92 -13.23 -18.52 7.56
N SER H 93 -14.52 -18.74 7.72
CA SER H 93 -15.04 -19.08 9.03
C SER H 93 -16.22 -20.03 8.85
N SER H 94 -16.50 -20.83 9.88
CA SER H 94 -17.67 -21.71 9.88
C SER H 94 -18.23 -21.73 11.31
N VAL H 95 -19.47 -22.15 11.50
CA VAL H 95 -20.04 -21.99 12.83
C VAL H 95 -19.33 -22.93 13.82
N TRP H 96 -19.01 -24.14 13.36
CA TRP H 96 -18.18 -25.08 14.15
C TRP H 96 -17.21 -25.82 13.23
N THR H 97 -16.42 -26.70 13.84
CA THR H 97 -15.49 -27.55 13.12
C THR H 97 -15.84 -29.03 13.35
N GLY H 98 -16.03 -29.77 12.27
CA GLY H 98 -16.21 -31.21 12.37
C GLY H 98 -17.56 -31.57 12.97
N GLU H 99 -18.46 -30.60 13.01
CA GLU H 99 -19.84 -30.85 13.38
C GLU H 99 -20.69 -30.71 12.12
N GLY H 100 -21.26 -31.83 11.69
CA GLY H 100 -22.24 -31.85 10.62
C GLY H 100 -21.73 -31.40 9.26
N SER H 101 -22.65 -30.84 8.48
CA SER H 101 -22.45 -30.41 7.11
C SER H 101 -22.18 -28.91 6.91
N GLY H 102 -21.67 -28.21 7.92
CA GLY H 102 -21.57 -26.76 7.85
C GLY H 102 -20.59 -26.25 6.80
N GLU H 103 -21.00 -25.27 5.99
CA GLU H 103 -20.11 -24.74 4.95
C GLU H 103 -19.14 -23.70 5.49
N LEU H 104 -18.20 -23.31 4.65
CA LEU H 104 -17.28 -22.22 4.97
C LEU H 104 -17.81 -20.92 4.37
N PHE H 105 -17.53 -19.81 5.03
CA PHE H 105 -17.86 -18.50 4.50
C PHE H 105 -16.50 -17.80 4.30
N PHE H 106 -16.23 -17.32 3.09
CA PHE H 106 -14.90 -16.80 2.79
C PHE H 106 -14.81 -15.25 2.79
N GLY H 107 -13.65 -14.72 3.16
CA GLY H 107 -13.37 -13.30 3.02
C GLY H 107 -13.02 -12.98 1.58
N GLU H 108 -12.77 -11.71 1.29
CA GLU H 108 -12.60 -11.27 -0.08
C GLU H 108 -11.26 -11.66 -0.68
N GLY H 109 -10.30 -12.06 0.15
CA GLY H 109 -9.00 -12.43 -0.39
C GLY H 109 -8.01 -11.28 -0.31
N SER H 110 -6.74 -11.62 -0.14
CA SER H 110 -5.65 -10.67 -0.03
C SER H 110 -4.56 -11.10 -0.99
N ARG H 111 -4.22 -10.25 -1.93
CA ARG H 111 -3.21 -10.61 -2.92
C ARG H 111 -1.86 -10.10 -2.49
N LEU H 112 -0.94 -11.01 -2.28
CA LEU H 112 0.39 -10.65 -1.82
C LEU H 112 1.40 -10.95 -2.90
N THR H 113 2.21 -9.96 -3.23
CA THR H 113 3.35 -10.23 -4.07
C THR H 113 4.63 -9.92 -3.28
N VAL H 114 5.54 -10.89 -3.24
CA VAL H 114 6.80 -10.74 -2.51
C VAL H 114 7.92 -10.73 -3.52
N LEU H 115 8.75 -9.71 -3.44
CA LEU H 115 9.79 -9.48 -4.45
C LEU H 115 11.18 -9.33 -3.83
N GLU H 116 12.19 -9.82 -4.51
CA GLU H 116 13.57 -9.67 -4.01
C GLU H 116 13.97 -8.19 -3.89
N ASP H 117 13.52 -7.35 -4.82
CA ASP H 117 13.56 -5.91 -4.60
C ASP H 117 12.50 -5.15 -5.44
N LEU H 118 12.19 -3.94 -5.02
CA LEU H 118 11.06 -3.24 -5.62
C LEU H 118 11.41 -2.55 -6.93
N LYS H 119 12.62 -2.81 -7.45
CA LYS H 119 13.10 -2.15 -8.67
C LYS H 119 12.20 -2.42 -9.87
N ASN H 120 11.44 -3.51 -9.84
CA ASN H 120 10.59 -3.80 -10.98
C ASN H 120 9.13 -3.46 -10.72
N VAL H 121 8.82 -2.75 -9.63
CA VAL H 121 7.46 -2.26 -9.42
C VAL H 121 7.16 -1.02 -10.32
N PHE H 122 6.05 -1.04 -11.06
CA PHE H 122 5.67 0.05 -11.96
C PHE H 122 4.19 0.36 -11.90
N PRO H 123 3.82 1.64 -11.87
CA PRO H 123 2.40 1.92 -12.02
C PRO H 123 2.00 1.74 -13.50
N PRO H 124 0.69 1.69 -13.80
CA PRO H 124 0.32 1.58 -15.22
C PRO H 124 0.30 2.92 -15.89
N GLU H 125 0.51 2.87 -17.19
CA GLU H 125 0.24 3.98 -18.07
C GLU H 125 -1.20 3.79 -18.55
N VAL H 126 -2.02 4.83 -18.55
CA VAL H 126 -3.41 4.65 -18.91
C VAL H 126 -3.72 5.59 -20.06
N ALA H 127 -4.32 5.04 -21.12
CA ALA H 127 -4.73 5.82 -22.28
C ALA H 127 -6.10 5.39 -22.74
N VAL H 128 -6.84 6.34 -23.32
CA VAL H 128 -8.18 6.06 -23.81
C VAL H 128 -8.25 6.36 -25.28
N PHE H 129 -8.88 5.46 -26.02
CA PHE H 129 -8.99 5.58 -27.45
C PHE H 129 -10.48 5.68 -27.87
N GLU H 130 -10.78 6.73 -28.63
CA GLU H 130 -12.13 7.01 -29.08
C GLU H 130 -12.61 6.08 -30.20
N PRO H 131 -13.94 5.88 -30.29
CA PRO H 131 -14.50 4.91 -31.24
C PRO H 131 -14.22 5.20 -32.69
N SER H 132 -14.12 4.13 -33.45
CA SER H 132 -14.03 4.18 -34.90
C SER H 132 -15.30 4.77 -35.48
N GLU H 133 -15.16 5.78 -36.35
CA GLU H 133 -16.32 6.33 -37.03
C GLU H 133 -16.90 5.30 -37.99
N ALA H 134 -16.05 4.43 -38.52
CA ALA H 134 -16.55 3.31 -39.34
C ALA H 134 -17.46 2.39 -38.51
N GLU H 135 -17.06 2.10 -37.28
CA GLU H 135 -17.94 1.30 -36.39
C GLU H 135 -19.26 2.03 -36.19
N ILE H 136 -19.19 3.33 -35.92
CA ILE H 136 -20.40 4.07 -35.63
C ILE H 136 -21.38 4.01 -36.80
N SER H 137 -20.91 4.20 -38.02
CA SER H 137 -21.88 4.15 -39.12
C SER H 137 -22.23 2.73 -39.51
N HIS H 138 -21.36 1.76 -39.22
CA HIS H 138 -21.71 0.40 -39.59
C HIS H 138 -22.70 -0.20 -38.61
N THR H 139 -22.59 0.20 -37.34
CA THR H 139 -23.34 -0.53 -36.30
C THR H 139 -24.24 0.31 -35.43
N GLN H 140 -24.10 1.63 -35.54
CA GLN H 140 -24.81 2.58 -34.67
C GLN H 140 -24.45 2.33 -33.20
N LYS H 141 -23.25 1.79 -32.98
CA LYS H 141 -22.72 1.58 -31.65
C LYS H 141 -21.32 2.14 -31.67
N ALA H 142 -20.76 2.37 -30.50
CA ALA H 142 -19.46 3.02 -30.42
C ALA H 142 -18.66 2.46 -29.26
N THR H 143 -17.48 1.92 -29.55
CA THR H 143 -16.69 1.25 -28.53
C THR H 143 -15.46 2.05 -28.22
N LEU H 144 -15.38 2.56 -27.00
CA LEU H 144 -14.14 3.16 -26.51
C LEU H 144 -13.26 2.08 -25.97
N VAL H 145 -11.95 2.23 -26.12
CA VAL H 145 -11.04 1.30 -25.46
C VAL H 145 -10.14 2.02 -24.47
N CYS H 146 -9.91 1.37 -23.33
CA CYS H 146 -8.91 1.79 -22.36
C CYS H 146 -7.80 0.75 -22.27
N LEU H 147 -6.55 1.23 -22.33
CA LEU H 147 -5.37 0.39 -22.18
C LEU H 147 -4.55 0.84 -20.95
N ALA H 148 -4.27 -0.11 -20.07
CA ALA H 148 -3.40 0.09 -18.90
C ALA H 148 -2.16 -0.75 -19.11
N THR H 149 -1.01 -0.11 -19.30
CA THR H 149 0.16 -0.84 -19.77
C THR H 149 1.40 -0.63 -18.90
N GLY H 150 2.30 -1.62 -18.98
CA GLY H 150 3.59 -1.52 -18.34
C GLY H 150 3.57 -1.59 -16.83
N PHE H 151 2.51 -2.14 -16.23
CA PHE H 151 2.43 -2.18 -14.77
C PHE H 151 2.93 -3.51 -14.15
N TYR H 152 3.43 -3.41 -12.91
CA TYR H 152 3.91 -4.57 -12.18
C TYR H 152 3.94 -4.25 -10.70
N PRO H 153 3.48 -5.16 -9.84
CA PRO H 153 2.86 -6.47 -10.08
C PRO H 153 1.42 -6.28 -10.53
N ASP H 154 0.65 -7.36 -10.67
CA ASP H 154 -0.73 -7.28 -11.14
C ASP H 154 -1.68 -6.91 -10.01
N HIS H 155 -1.58 -5.68 -9.54
CA HIS H 155 -2.44 -5.16 -8.49
C HIS H 155 -3.21 -3.93 -8.99
N VAL H 156 -4.16 -4.12 -9.88
CA VAL H 156 -4.89 -2.98 -10.42
C VAL H 156 -6.39 -3.19 -10.38
N GLU H 157 -7.14 -2.09 -10.33
CA GLU H 157 -8.57 -2.08 -10.47
C GLU H 157 -8.94 -0.97 -11.44
N LEU H 158 -9.54 -1.37 -12.55
CA LEU H 158 -9.90 -0.45 -13.58
C LEU H 158 -11.41 -0.21 -13.58
N SER H 159 -11.81 1.03 -13.77
CA SER H 159 -13.22 1.35 -13.80
C SER H 159 -13.47 2.44 -14.82
N TRP H 160 -14.68 2.42 -15.36
CA TRP H 160 -15.15 3.42 -16.29
C TRP H 160 -16.09 4.36 -15.56
N TRP H 161 -16.02 5.64 -15.88
CA TRP H 161 -16.85 6.63 -15.25
C TRP H 161 -17.51 7.41 -16.35
N VAL H 162 -18.83 7.35 -16.40
CA VAL H 162 -19.57 8.19 -17.33
C VAL H 162 -20.28 9.31 -16.59
N ASN H 163 -19.94 10.54 -16.96
CA ASN H 163 -20.54 11.73 -16.36
C ASN H 163 -20.40 11.73 -14.84
N GLY H 164 -19.27 11.23 -14.36
CA GLY H 164 -18.93 11.34 -12.96
C GLY H 164 -19.39 10.16 -12.13
N LYS H 165 -20.05 9.23 -12.78
CA LYS H 165 -20.57 8.06 -12.09
C LYS H 165 -20.02 6.77 -12.73
N GLU H 166 -19.56 5.86 -11.88
CA GLU H 166 -19.06 4.57 -12.33
C GLU H 166 -20.14 3.79 -13.08
N VAL H 167 -19.74 3.11 -14.16
CA VAL H 167 -20.66 2.30 -14.95
C VAL H 167 -20.12 0.87 -15.05
N HIS H 168 -20.99 -0.09 -15.39
CA HIS H 168 -20.63 -1.50 -15.57
C HIS H 168 -21.31 -2.09 -16.79
N SER H 169 -22.51 -1.62 -17.08
CA SER H 169 -23.22 -2.09 -18.26
C SER H 169 -22.46 -1.61 -19.50
N GLY H 170 -22.19 -2.53 -20.43
CA GLY H 170 -21.53 -2.14 -21.66
C GLY H 170 -20.01 -2.19 -21.56
N VAL H 171 -19.54 -2.75 -20.44
CA VAL H 171 -18.12 -2.80 -20.13
C VAL H 171 -17.59 -4.21 -20.21
N CYS H 172 -16.45 -4.41 -20.84
CA CYS H 172 -15.78 -5.70 -20.68
C CYS H 172 -14.30 -5.46 -20.46
N THR H 173 -13.80 -5.89 -19.31
CA THR H 173 -12.39 -5.75 -18.96
C THR H 173 -11.76 -7.12 -18.97
N ASP H 174 -10.60 -7.29 -19.62
CA ASP H 174 -9.93 -8.60 -19.64
C ASP H 174 -9.91 -9.24 -18.26
N PRO H 175 -10.33 -10.51 -18.15
CA PRO H 175 -10.35 -11.11 -16.81
C PRO H 175 -8.97 -11.35 -16.25
N GLN H 176 -7.97 -11.45 -17.11
CA GLN H 176 -6.59 -11.61 -16.68
C GLN H 176 -5.65 -10.70 -17.47
N PRO H 177 -4.52 -10.28 -16.88
CA PRO H 177 -3.62 -9.36 -17.60
C PRO H 177 -2.83 -10.06 -18.66
N LEU H 178 -2.28 -9.29 -19.56
CA LEU H 178 -1.37 -9.76 -20.60
C LEU H 178 0.07 -9.51 -20.15
N LYS H 179 0.91 -10.54 -20.19
CA LYS H 179 2.35 -10.34 -20.00
C LYS H 179 2.90 -9.72 -21.26
N GLU H 180 3.45 -8.52 -21.13
CA GLU H 180 4.03 -7.85 -22.28
C GLU H 180 5.22 -8.62 -22.82
N GLN H 181 5.94 -9.29 -21.93
CA GLN H 181 7.04 -10.16 -22.34
C GLN H 181 6.86 -11.53 -21.73
N PRO H 182 6.03 -12.36 -22.37
CA PRO H 182 5.54 -13.65 -21.86
C PRO H 182 6.65 -14.55 -21.28
N ALA H 183 7.83 -14.52 -21.89
CA ALA H 183 8.93 -15.41 -21.49
C ALA H 183 9.63 -15.00 -20.20
N LEU H 184 9.62 -13.70 -19.90
CA LEU H 184 10.31 -13.21 -18.72
C LEU H 184 9.52 -13.43 -17.45
N ASN H 185 10.21 -13.86 -16.40
CA ASN H 185 9.58 -14.24 -15.15
C ASN H 185 8.85 -13.07 -14.48
N ASP H 186 9.47 -11.89 -14.56
CA ASP H 186 8.98 -10.70 -13.91
C ASP H 186 8.41 -9.69 -14.92
N SER H 187 7.83 -10.19 -16.01
CA SER H 187 7.29 -9.35 -17.08
C SER H 187 6.29 -8.30 -16.58
N ARG H 188 6.34 -7.09 -17.11
CA ARG H 188 5.29 -6.14 -16.76
C ARG H 188 3.99 -6.54 -17.48
N TYR H 189 2.87 -5.97 -17.03
CA TYR H 189 1.55 -6.37 -17.52
C TYR H 189 0.84 -5.31 -18.37
N ALA H 190 -0.11 -5.80 -19.18
CA ALA H 190 -1.06 -4.96 -19.91
C ALA H 190 -2.47 -5.45 -19.62
N LEU H 191 -3.42 -4.53 -19.62
CA LEU H 191 -4.84 -4.83 -19.38
C LEU H 191 -5.65 -3.97 -20.33
N SER H 192 -6.63 -4.56 -20.98
CA SER H 192 -7.50 -3.78 -21.84
C SER H 192 -8.92 -3.84 -21.33
N SER H 193 -9.68 -2.78 -21.62
CA SER H 193 -11.07 -2.74 -21.31
C SER H 193 -11.77 -1.99 -22.41
N ARG H 194 -13.03 -2.27 -22.58
CA ARG H 194 -13.81 -1.52 -23.54
C ARG H 194 -15.12 -1.08 -22.97
N LEU H 195 -15.59 0.07 -23.43
CA LEU H 195 -16.88 0.53 -23.03
C LEU H 195 -17.67 0.77 -24.31
N ARG H 196 -18.82 0.12 -24.45
CA ARG H 196 -19.58 0.27 -25.70
C ARG H 196 -20.90 0.96 -25.44
N VAL H 197 -21.13 2.05 -26.14
CA VAL H 197 -22.38 2.75 -25.97
C VAL H 197 -23.07 2.91 -27.32
N SER H 198 -24.35 3.27 -27.30
CA SER H 198 -25.03 3.63 -28.53
C SER H 198 -24.35 4.83 -29.22
N ALA H 199 -24.47 4.90 -30.53
CA ALA H 199 -23.91 5.98 -31.29
C ALA H 199 -24.51 7.32 -30.86
N THR H 200 -25.81 7.33 -30.55
CA THR H 200 -26.48 8.57 -30.15
C THR H 200 -25.89 9.09 -28.83
N PHE H 201 -25.53 8.16 -27.93
CA PHE H 201 -24.90 8.53 -26.68
C PHE H 201 -23.47 9.04 -26.90
N TRP H 202 -22.74 8.44 -27.84
CA TRP H 202 -21.38 8.88 -28.09
C TRP H 202 -21.41 10.29 -28.67
N GLN H 203 -22.44 10.58 -29.45
CA GLN H 203 -22.47 11.80 -30.26
C GLN H 203 -23.06 13.02 -29.53
N ASN H 204 -23.48 12.84 -28.28
CA ASN H 204 -23.82 13.96 -27.39
C ASN H 204 -22.53 14.57 -26.88
N PRO H 205 -22.28 15.83 -27.23
CA PRO H 205 -21.00 16.47 -26.90
C PRO H 205 -20.76 16.73 -25.39
N ARG H 206 -21.78 16.62 -24.55
CA ARG H 206 -21.54 16.82 -23.11
C ARG H 206 -21.48 15.54 -22.29
N ASN H 207 -21.40 14.39 -22.95
CA ASN H 207 -21.07 13.16 -22.24
C ASN H 207 -19.57 13.02 -22.05
N HIS H 208 -19.14 12.67 -20.83
CA HIS H 208 -17.72 12.63 -20.51
C HIS H 208 -17.37 11.22 -20.04
N PHE H 209 -16.28 10.65 -20.56
CA PHE H 209 -15.89 9.26 -20.27
C PHE H 209 -14.52 9.25 -19.63
N ARG H 210 -14.34 8.47 -18.59
CA ARG H 210 -13.04 8.40 -17.95
C ARG H 210 -12.75 6.96 -17.61
N CYS H 211 -11.54 6.54 -17.91
CA CYS H 211 -11.08 5.23 -17.55
C CYS H 211 -10.13 5.48 -16.39
N GLN H 212 -10.33 4.79 -15.27
CA GLN H 212 -9.53 5.00 -14.09
C GLN H 212 -8.91 3.70 -13.59
N VAL H 213 -7.62 3.70 -13.35
CA VAL H 213 -7.02 2.51 -12.81
C VAL H 213 -6.41 2.79 -11.46
N GLN H 214 -6.87 2.05 -10.45
CA GLN H 214 -6.30 2.14 -9.13
C GLN H 214 -5.15 1.16 -9.09
N PHE H 215 -3.96 1.64 -8.75
CA PHE H 215 -2.80 0.76 -8.63
C PHE H 215 -2.39 0.64 -7.18
N TYR H 216 -2.07 -0.58 -6.73
CA TYR H 216 -1.61 -0.81 -5.36
C TYR H 216 -0.12 -1.09 -5.41
N GLY H 217 0.66 -0.17 -4.83
CA GLY H 217 2.09 -0.19 -5.02
C GLY H 217 2.83 0.03 -3.71
N LEU H 218 3.83 0.91 -3.71
CA LEU H 218 4.64 1.07 -2.52
C LEU H 218 3.98 2.02 -1.54
N SER H 219 4.56 2.07 -0.35
CA SER H 219 4.08 2.93 0.72
C SER H 219 5.21 3.84 1.25
N GLU H 220 4.88 4.77 2.13
CA GLU H 220 5.85 5.73 2.70
C GLU H 220 7.07 5.04 3.26
N ASN H 221 6.84 3.95 4.01
CA ASN H 221 7.92 3.22 4.67
C ASN H 221 8.79 2.43 3.71
N ASP H 222 8.28 2.04 2.55
CA ASP H 222 9.10 1.31 1.57
C ASP H 222 10.29 2.14 1.12
N GLU H 223 11.47 1.57 1.18
CA GLU H 223 12.64 2.30 0.72
C GLU H 223 12.66 2.36 -0.78
N TRP H 224 13.05 3.50 -1.32
CA TRP H 224 13.20 3.63 -2.76
C TRP H 224 14.56 4.27 -3.13
N THR H 225 15.22 3.70 -4.13
CA THR H 225 16.58 4.11 -4.50
C THR H 225 16.78 4.26 -6.00
N GLN H 226 15.76 3.96 -6.81
CA GLN H 226 15.83 4.15 -8.26
C GLN H 226 15.73 5.63 -8.68
N ASP H 227 16.20 5.94 -9.89
CA ASP H 227 16.14 7.29 -10.49
C ASP H 227 14.75 7.71 -10.90
N ARG H 228 13.93 6.76 -11.31
CA ARG H 228 12.57 7.07 -11.72
C ARG H 228 11.73 7.36 -10.46
N ALA H 229 10.47 7.74 -10.66
CA ALA H 229 9.57 8.07 -9.54
C ALA H 229 9.20 6.84 -8.70
N LYS H 230 9.14 7.02 -7.39
CA LYS H 230 8.69 5.98 -6.50
C LYS H 230 7.28 5.51 -6.89
N PRO H 231 7.11 4.19 -7.15
CA PRO H 231 5.83 3.67 -7.64
C PRO H 231 4.84 3.40 -6.50
N VAL H 232 4.39 4.48 -5.89
CA VAL H 232 3.47 4.40 -4.77
C VAL H 232 2.05 4.04 -5.23
N THR H 233 1.24 3.57 -4.28
CA THR H 233 -0.18 3.37 -4.50
C THR H 233 -0.77 4.65 -5.06
N GLN H 234 -1.55 4.53 -6.13
CA GLN H 234 -2.04 5.71 -6.84
C GLN H 234 -3.09 5.39 -7.88
N ILE H 235 -3.77 6.44 -8.32
CA ILE H 235 -4.77 6.35 -9.37
C ILE H 235 -4.27 7.04 -10.65
N VAL H 236 -4.33 6.32 -11.76
CA VAL H 236 -3.91 6.84 -13.06
C VAL H 236 -5.14 6.80 -13.95
N SER H 237 -5.45 7.88 -14.66
CA SER H 237 -6.66 7.86 -15.45
C SER H 237 -6.50 8.59 -16.77
N ALA H 238 -7.43 8.36 -17.69
CA ALA H 238 -7.47 9.10 -18.93
C ALA H 238 -8.94 9.23 -19.29
N GLU H 239 -9.25 10.20 -20.15
CA GLU H 239 -10.63 10.58 -20.41
C GLU H 239 -10.87 10.90 -21.87
N ALA H 240 -12.14 10.99 -22.23
CA ALA H 240 -12.59 11.43 -23.54
C ALA H 240 -13.95 12.13 -23.40
N TRP H 241 -14.26 13.05 -24.30
CA TRP H 241 -15.61 13.62 -24.36
C TRP H 241 -16.31 13.12 -25.61
N GLY H 242 -17.64 13.05 -25.55
CA GLY H 242 -18.44 12.76 -26.74
C GLY H 242 -18.16 13.75 -27.85
N ARG H 243 -18.56 13.37 -29.07
CA ARG H 243 -18.12 14.09 -30.24
C ARG H 243 -19.26 14.15 -31.24
N ALA H 244 -19.64 15.37 -31.63
CA ALA H 244 -20.62 15.55 -32.71
C ALA H 244 -19.92 15.58 -34.06
#